data_7H47
# 
_entry.id   7H47 
# 
_audit_conform.dict_name       mmcif_pdbx.dic 
_audit_conform.dict_version    5.397 
_audit_conform.dict_location   http://mmcif.pdb.org/dictionaries/ascii/mmcif_pdbx.dic 
# 
loop_
_database_2.database_id 
_database_2.database_code 
_database_2.pdbx_database_accession 
_database_2.pdbx_DOI 
PDB   7H47         pdb_00007h47 10.2210/pdb7h47/pdb 
WWPDB D_1001407002 ?            ?                   
# 
loop_
_pdbx_audit_revision_history.ordinal 
_pdbx_audit_revision_history.data_content_type 
_pdbx_audit_revision_history.major_revision 
_pdbx_audit_revision_history.minor_revision 
_pdbx_audit_revision_history.revision_date 
1 'Structure model' 1 0 2024-04-24 
2 'Structure model' 1 1 2024-10-16 
# 
_pdbx_audit_revision_details.ordinal             1 
_pdbx_audit_revision_details.revision_ordinal    1 
_pdbx_audit_revision_details.data_content_type   'Structure model' 
_pdbx_audit_revision_details.provider            repository 
_pdbx_audit_revision_details.type                'Initial release' 
_pdbx_audit_revision_details.description         ? 
_pdbx_audit_revision_details.details             ? 
# 
loop_
_pdbx_audit_revision_group.ordinal 
_pdbx_audit_revision_group.revision_ordinal 
_pdbx_audit_revision_group.data_content_type 
_pdbx_audit_revision_group.group 
1 2 'Structure model' 'Database references' 
2 2 'Structure model' 'Structure summary'   
# 
loop_
_pdbx_audit_revision_category.ordinal 
_pdbx_audit_revision_category.revision_ordinal 
_pdbx_audit_revision_category.data_content_type 
_pdbx_audit_revision_category.category 
1 2 'Structure model' citation           
2 2 'Structure model' citation_author    
3 2 'Structure model' pdbx_entry_details 
# 
loop_
_pdbx_audit_revision_item.ordinal 
_pdbx_audit_revision_item.revision_ordinal 
_pdbx_audit_revision_item.data_content_type 
_pdbx_audit_revision_item.item 
1 2 'Structure model' '_citation.country'                 
2 2 'Structure model' '_citation.journal_abbrev'          
3 2 'Structure model' '_citation.journal_id_CSD'          
4 2 'Structure model' '_citation.journal_id_ISSN'         
5 2 'Structure model' '_citation.pdbx_database_id_DOI'    
6 2 'Structure model' '_citation.pdbx_database_id_PubMed' 
7 2 'Structure model' '_citation.title'                   
8 2 'Structure model' '_citation.year'                    
# 
_pdbx_database_status.entry_id                        7H47 
_pdbx_database_status.status_code                     REL 
_pdbx_database_status.status_code_sf                  REL 
_pdbx_database_status.status_code_mr                  ? 
_pdbx_database_status.status_code_cs                  ? 
_pdbx_database_status.recvd_initial_deposition_date   2024-04-04 
_pdbx_database_status.status_code_nmr_data            ? 
_pdbx_database_status.deposit_site                    RCSB 
_pdbx_database_status.process_site                    RCSB 
_pdbx_database_status.SG_entry                        ? 
_pdbx_database_status.pdb_format_compatible           Y 
_pdbx_database_status.methods_development_category    ? 
# 
_pdbx_contact_author.id                 1 
_pdbx_contact_author.email              frank.von-delft@diamond.ac.uk 
_pdbx_contact_author.name_first         Frank 
_pdbx_contact_author.name_last          'von Delft' 
_pdbx_contact_author.role               'principal investigator/group leader' 
_pdbx_contact_author.identifier_ORCID   0000-0003-0378-0017 
_pdbx_contact_author.name_mi            ? 
# 
loop_
_audit_author.name 
_audit_author.pdbx_ordinal 
'Lithgo, R.M.'        1  
'Fairhead, M.'        2  
'Koekemoer, L.'       3  
'Balcomb, B.H.'       4  
'Capkin, E.'          5  
'Chandran, A.V.'      6  
'Golding, M.'         7  
'Godoy, A.S.'         8  
'Aschenbrenner, J.C.' 9  
'Marples, P.G.'       10 
'Ni, X.'              11 
'Thompson, W.'        12 
'Tomlinson, C.W.E.'   13 
'Wild, C.'            14 
'Winokan, M.'         15 
'Xavier, M.-A.E.'     16 
'Fearon, D.'          17 
'von Delft, F.'       18 
# 
_citation.id                        primary 
_citation.title                     
;Crystallographic Fragment Screen of Coxsackievirus A16 2A Protease identifies new opportunities for the development of broad-spectrum anti-enterovirals.
;
_citation.journal_abbrev            Biorxiv 
_citation.journal_volume            ? 
_citation.page_first                ? 
_citation.page_last                 ? 
_citation.year                      2024 
_citation.journal_id_ASTM           ? 
_citation.country                   US 
_citation.journal_id_ISSN           2692-8205 
_citation.journal_id_CSD            ? 
_citation.book_publisher            ? 
_citation.pdbx_database_id_PubMed   38746446 
_citation.pdbx_database_id_DOI      10.1101/2024.04.29.591684 
# 
loop_
_citation_author.citation_id 
_citation_author.name 
_citation_author.identifier_ORCID 
_citation_author.ordinal 
primary 'Lithgo, R.M.'        0000-0002-4706-9916 1  
primary 'Tomlinson, C.W.E.'   0000-0002-1845-6028 2  
primary 'Fairhead, M.'        0000-0001-5361-3933 3  
primary 'Winokan, M.'         ?                   4  
primary 'Thompson, W.'        0000-0003-1474-7810 5  
primary 'Wild, C.'            0000-0003-0654-8141 6  
primary 'Aschenbrenner, J.C.' 0000-0002-4318-0481 7  
primary 'Balcomb, B.H.'       0000-0001-7599-8467 8  
primary 'Marples, P.G.'       0000-0002-8787-7969 9  
primary 'Chandran, A.V.'      0000-0001-9942-2614 10 
primary 'Golding, M.'         0009-0004-7472-8333 11 
primary 'Koekemoer, L.'       0000-0001-9226-9127 12 
primary 'Williams, E.P.'      0000-0002-1331-9518 13 
primary 'Wang, S.'            ?                   14 
primary 'Ni, X.'              0000-0002-7769-8297 15 
primary 'MacLean, E.'         0000-0003-1680-4292 16 
primary 'Giroud, C.'          0000-0002-1629-1581 17 
primary 'Godoy, A.S.'         0000-0002-0613-9164 18 
primary 'Xavier, M.A.'        0000-0002-1709-9479 19 
primary 'Walsh, M.'           0000-0001-5683-1151 20 
primary 'Fearon, D.'          0000-0003-3529-7863 21 
primary 'von Delft, F.'       0000-0003-0378-0017 22 
# 
loop_
_entity.id 
_entity.type 
_entity.src_method 
_entity.pdbx_description 
_entity.formula_weight 
_entity.pdbx_number_of_molecules 
_entity.pdbx_ec 
_entity.pdbx_mutation 
_entity.pdbx_fragment 
_entity.details 
1 polymer     man 'Protease 2A'                                 16493.311 1   3.4.22.29 ? ? ? 
2 non-polymer man '5-(methoxymethyl)-1,2-oxazole-3-carboxamide' 156.139   1   ?         ? ? ? 
3 non-polymer syn 'ZINC ION'                                    65.409    1   ?         ? ? ? 
4 non-polymer syn 'DIMETHYL SULFOXIDE'                          78.133    6   ?         ? ? ? 
5 non-polymer syn 'SULFATE ION'                                 96.063    1   ?         ? ? ? 
6 water       nat water                                         18.015    311 ?         ? ? ? 
# 
_entity_name_com.entity_id   1 
_entity_name_com.name        'P2A,Picornain 2A,Protein 2A' 
# 
_entity_poly.entity_id                      1 
_entity_poly.type                           'polypeptide(L)' 
_entity_poly.nstd_linkage                   no 
_entity_poly.nstd_monomer                   no 
_entity_poly.pdbx_seq_one_letter_code       
;QEQTGGSGAIYVGNYRVVNRHLATHNDWANLVWEDSSRDLLVSSTTAQGCDTIARCDCQTGVYYCSSRRKHYPVSFSKPS
LIFVEASEYYPARYQSHLMLAVGHSEPGDCGGILRCQHGVVGIVSTGGNGLVGFADVRDLLWLDEEAMEQ
;
_entity_poly.pdbx_seq_one_letter_code_can   
;QEQTGGSGAIYVGNYRVVNRHLATHNDWANLVWEDSSRDLLVSSTTAQGCDTIARCDCQTGVYYCSSRRKHYPVSFSKPS
LIFVEASEYYPARYQSHLMLAVGHSEPGDCGGILRCQHGVVGIVSTGGNGLVGFADVRDLLWLDEEAMEQ
;
_entity_poly.pdbx_strand_id                 A 
_entity_poly.pdbx_target_identifier         ? 
# 
loop_
_pdbx_entity_nonpoly.entity_id 
_pdbx_entity_nonpoly.name 
_pdbx_entity_nonpoly.comp_id 
2 '5-(methoxymethyl)-1,2-oxazole-3-carboxamide' Z5C 
3 'ZINC ION'                                    ZN  
4 'DIMETHYL SULFOXIDE'                          DMS 
5 'SULFATE ION'                                 SO4 
6 water                                         HOH 
# 
loop_
_entity_poly_seq.entity_id 
_entity_poly_seq.num 
_entity_poly_seq.mon_id 
_entity_poly_seq.hetero 
1 1   GLN n 
1 2   GLU n 
1 3   GLN n 
1 4   THR n 
1 5   GLY n 
1 6   GLY n 
1 7   SER n 
1 8   GLY n 
1 9   ALA n 
1 10  ILE n 
1 11  TYR n 
1 12  VAL n 
1 13  GLY n 
1 14  ASN n 
1 15  TYR n 
1 16  ARG n 
1 17  VAL n 
1 18  VAL n 
1 19  ASN n 
1 20  ARG n 
1 21  HIS n 
1 22  LEU n 
1 23  ALA n 
1 24  THR n 
1 25  HIS n 
1 26  ASN n 
1 27  ASP n 
1 28  TRP n 
1 29  ALA n 
1 30  ASN n 
1 31  LEU n 
1 32  VAL n 
1 33  TRP n 
1 34  GLU n 
1 35  ASP n 
1 36  SER n 
1 37  SER n 
1 38  ARG n 
1 39  ASP n 
1 40  LEU n 
1 41  LEU n 
1 42  VAL n 
1 43  SER n 
1 44  SER n 
1 45  THR n 
1 46  THR n 
1 47  ALA n 
1 48  GLN n 
1 49  GLY n 
1 50  CYS n 
1 51  ASP n 
1 52  THR n 
1 53  ILE n 
1 54  ALA n 
1 55  ARG n 
1 56  CYS n 
1 57  ASP n 
1 58  CYS n 
1 59  GLN n 
1 60  THR n 
1 61  GLY n 
1 62  VAL n 
1 63  TYR n 
1 64  TYR n 
1 65  CYS n 
1 66  SER n 
1 67  SER n 
1 68  ARG n 
1 69  ARG n 
1 70  LYS n 
1 71  HIS n 
1 72  TYR n 
1 73  PRO n 
1 74  VAL n 
1 75  SER n 
1 76  PHE n 
1 77  SER n 
1 78  LYS n 
1 79  PRO n 
1 80  SER n 
1 81  LEU n 
1 82  ILE n 
1 83  PHE n 
1 84  VAL n 
1 85  GLU n 
1 86  ALA n 
1 87  SER n 
1 88  GLU n 
1 89  TYR n 
1 90  TYR n 
1 91  PRO n 
1 92  ALA n 
1 93  ARG n 
1 94  TYR n 
1 95  GLN n 
1 96  SER n 
1 97  HIS n 
1 98  LEU n 
1 99  MET n 
1 100 LEU n 
1 101 ALA n 
1 102 VAL n 
1 103 GLY n 
1 104 HIS n 
1 105 SER n 
1 106 GLU n 
1 107 PRO n 
1 108 GLY n 
1 109 ASP n 
1 110 CYS n 
1 111 GLY n 
1 112 GLY n 
1 113 ILE n 
1 114 LEU n 
1 115 ARG n 
1 116 CYS n 
1 117 GLN n 
1 118 HIS n 
1 119 GLY n 
1 120 VAL n 
1 121 VAL n 
1 122 GLY n 
1 123 ILE n 
1 124 VAL n 
1 125 SER n 
1 126 THR n 
1 127 GLY n 
1 128 GLY n 
1 129 ASN n 
1 130 GLY n 
1 131 LEU n 
1 132 VAL n 
1 133 GLY n 
1 134 PHE n 
1 135 ALA n 
1 136 ASP n 
1 137 VAL n 
1 138 ARG n 
1 139 ASP n 
1 140 LEU n 
1 141 LEU n 
1 142 TRP n 
1 143 LEU n 
1 144 ASP n 
1 145 GLU n 
1 146 GLU n 
1 147 ALA n 
1 148 MET n 
1 149 GLU n 
1 150 GLN n 
# 
loop_
_entity_src_gen.entity_id 
_entity_src_gen.pdbx_src_id 
_entity_src_gen.pdbx_alt_source_flag 
_entity_src_gen.pdbx_seq_type 
_entity_src_gen.pdbx_beg_seq_num 
_entity_src_gen.pdbx_end_seq_num 
_entity_src_gen.gene_src_common_name 
_entity_src_gen.gene_src_genus 
_entity_src_gen.pdbx_gene_src_gene 
_entity_src_gen.gene_src_species 
_entity_src_gen.gene_src_strain 
_entity_src_gen.gene_src_tissue 
_entity_src_gen.gene_src_tissue_fraction 
_entity_src_gen.gene_src_details 
_entity_src_gen.pdbx_gene_src_fragment 
_entity_src_gen.pdbx_gene_src_scientific_name 
_entity_src_gen.pdbx_gene_src_ncbi_taxonomy_id 
_entity_src_gen.pdbx_gene_src_variant 
_entity_src_gen.pdbx_gene_src_cell_line 
_entity_src_gen.pdbx_gene_src_atcc 
_entity_src_gen.pdbx_gene_src_organ 
_entity_src_gen.pdbx_gene_src_organelle 
_entity_src_gen.pdbx_gene_src_cell 
_entity_src_gen.pdbx_gene_src_cellular_location 
_entity_src_gen.host_org_common_name 
_entity_src_gen.pdbx_host_org_scientific_name 
_entity_src_gen.pdbx_host_org_ncbi_taxonomy_id 
_entity_src_gen.host_org_genus 
_entity_src_gen.pdbx_host_org_gene 
_entity_src_gen.pdbx_host_org_organ 
_entity_src_gen.host_org_species 
_entity_src_gen.pdbx_host_org_tissue 
_entity_src_gen.pdbx_host_org_tissue_fraction 
_entity_src_gen.pdbx_host_org_strain 
_entity_src_gen.pdbx_host_org_variant 
_entity_src_gen.pdbx_host_org_cell_line 
_entity_src_gen.pdbx_host_org_atcc 
_entity_src_gen.pdbx_host_org_culture_collection 
_entity_src_gen.pdbx_host_org_cell 
_entity_src_gen.pdbx_host_org_organelle 
_entity_src_gen.pdbx_host_org_cellular_location 
_entity_src_gen.pdbx_host_org_vector_type 
_entity_src_gen.pdbx_host_org_vector 
_entity_src_gen.host_org_details 
_entity_src_gen.expression_system_id 
_entity_src_gen.plasmid_name 
_entity_src_gen.plasmid_details 
_entity_src_gen.pdbx_description 
1 1 sample 'Biological sequence' 1 150 ? ? ? ? ? ? ? ? ? 'Coxsackievirus A16' 31704 ? ? ? ? ? ? ? ? 'Escherichia coli' 562 ? ? ? ? 
? ? ? ? ? ? ? ? ? ? ? ? ? ? ? ? ? 
2 1 sample ?                     ? ?   ? ? ? ? ? ? ? ? ? 'Coxsackievirus A16' 31704 ? ? ? ? ? ? ? ? 'Escherichia coli' 562 ? ? ? ? 
? ? ? ? ? ? ? ? ? ? ? ? ? ? ? ? ? 
# 
loop_
_chem_comp.id 
_chem_comp.type 
_chem_comp.mon_nstd_flag 
_chem_comp.name 
_chem_comp.pdbx_synonyms 
_chem_comp.formula 
_chem_comp.formula_weight 
ALA 'L-peptide linking' y ALANINE                                       ? 'C3 H7 N O2'     89.093  
ARG 'L-peptide linking' y ARGININE                                      ? 'C6 H15 N4 O2 1' 175.209 
ASN 'L-peptide linking' y ASPARAGINE                                    ? 'C4 H8 N2 O3'    132.118 
ASP 'L-peptide linking' y 'ASPARTIC ACID'                               ? 'C4 H7 N O4'     133.103 
CYS 'L-peptide linking' y CYSTEINE                                      ? 'C3 H7 N O2 S'   121.158 
DMS non-polymer         . 'DIMETHYL SULFOXIDE'                          ? 'C2 H6 O S'      78.133  
GLN 'L-peptide linking' y GLUTAMINE                                     ? 'C5 H10 N2 O3'   146.144 
GLU 'L-peptide linking' y 'GLUTAMIC ACID'                               ? 'C5 H9 N O4'     147.129 
GLY 'peptide linking'   y GLYCINE                                       ? 'C2 H5 N O2'     75.067  
HIS 'L-peptide linking' y HISTIDINE                                     ? 'C6 H10 N3 O2 1' 156.162 
HOH non-polymer         . WATER                                         ? 'H2 O'           18.015  
ILE 'L-peptide linking' y ISOLEUCINE                                    ? 'C6 H13 N O2'    131.173 
LEU 'L-peptide linking' y LEUCINE                                       ? 'C6 H13 N O2'    131.173 
LYS 'L-peptide linking' y LYSINE                                        ? 'C6 H15 N2 O2 1' 147.195 
MET 'L-peptide linking' y METHIONINE                                    ? 'C5 H11 N O2 S'  149.211 
PHE 'L-peptide linking' y PHENYLALANINE                                 ? 'C9 H11 N O2'    165.189 
PRO 'L-peptide linking' y PROLINE                                       ? 'C5 H9 N O2'     115.130 
SER 'L-peptide linking' y SERINE                                        ? 'C3 H7 N O3'     105.093 
SO4 non-polymer         . 'SULFATE ION'                                 ? 'O4 S -2'        96.063  
THR 'L-peptide linking' y THREONINE                                     ? 'C4 H9 N O3'     119.119 
TRP 'L-peptide linking' y TRYPTOPHAN                                    ? 'C11 H12 N2 O2'  204.225 
TYR 'L-peptide linking' y TYROSINE                                      ? 'C9 H11 N O3'    181.189 
VAL 'L-peptide linking' y VALINE                                        ? 'C5 H11 N O2'    117.146 
Z5C non-polymer         . '5-(methoxymethyl)-1,2-oxazole-3-carboxamide' ? 'C6 H8 N2 O3'    156.139 
ZN  non-polymer         . 'ZINC ION'                                    ? 'Zn 2'           65.409  
# 
loop_
_pdbx_poly_seq_scheme.asym_id 
_pdbx_poly_seq_scheme.entity_id 
_pdbx_poly_seq_scheme.seq_id 
_pdbx_poly_seq_scheme.mon_id 
_pdbx_poly_seq_scheme.ndb_seq_num 
_pdbx_poly_seq_scheme.pdb_seq_num 
_pdbx_poly_seq_scheme.auth_seq_num 
_pdbx_poly_seq_scheme.pdb_mon_id 
_pdbx_poly_seq_scheme.auth_mon_id 
_pdbx_poly_seq_scheme.pdb_strand_id 
_pdbx_poly_seq_scheme.pdb_ins_code 
_pdbx_poly_seq_scheme.hetero 
A 1 1   GLN 1   1   ?   ?   ?   A . n 
A 1 2   GLU 2   2   ?   ?   ?   A . n 
A 1 3   GLN 3   3   ?   ?   ?   A . n 
A 1 4   THR 4   4   ?   ?   ?   A . n 
A 1 5   GLY 5   5   ?   ?   ?   A . n 
A 1 6   GLY 6   6   ?   ?   ?   A . n 
A 1 7   SER 7   7   7   SER SER A . n 
A 1 8   GLY 8   8   8   GLY GLY A . n 
A 1 9   ALA 9   9   9   ALA ALA A . n 
A 1 10  ILE 10  10  10  ILE ILE A . n 
A 1 11  TYR 11  11  11  TYR TYR A . n 
A 1 12  VAL 12  12  12  VAL VAL A . n 
A 1 13  GLY 13  13  13  GLY GLY A . n 
A 1 14  ASN 14  14  14  ASN ASN A . n 
A 1 15  TYR 15  15  15  TYR TYR A . n 
A 1 16  ARG 16  16  16  ARG ARG A . n 
A 1 17  VAL 17  17  17  VAL VAL A . n 
A 1 18  VAL 18  18  18  VAL VAL A . n 
A 1 19  ASN 19  19  19  ASN ASN A . n 
A 1 20  ARG 20  20  20  ARG ARG A . n 
A 1 21  HIS 21  21  21  HIS HIS A . n 
A 1 22  LEU 22  22  22  LEU LEU A . n 
A 1 23  ALA 23  23  23  ALA ALA A . n 
A 1 24  THR 24  24  24  THR THR A . n 
A 1 25  HIS 25  25  25  HIS HIS A . n 
A 1 26  ASN 26  26  26  ASN ASN A . n 
A 1 27  ASP 27  27  27  ASP ASP A . n 
A 1 28  TRP 28  28  28  TRP TRP A . n 
A 1 29  ALA 29  29  29  ALA ALA A . n 
A 1 30  ASN 30  30  30  ASN ASN A . n 
A 1 31  LEU 31  31  31  LEU LEU A . n 
A 1 32  VAL 32  32  32  VAL VAL A . n 
A 1 33  TRP 33  33  33  TRP TRP A . n 
A 1 34  GLU 34  34  34  GLU GLU A . n 
A 1 35  ASP 35  35  35  ASP ASP A . n 
A 1 36  SER 36  36  36  SER SER A . n 
A 1 37  SER 37  37  37  SER SER A . n 
A 1 38  ARG 38  38  38  ARG ARG A . n 
A 1 39  ASP 39  39  39  ASP ASP A . n 
A 1 40  LEU 40  40  40  LEU LEU A . n 
A 1 41  LEU 41  41  41  LEU LEU A . n 
A 1 42  VAL 42  42  42  VAL VAL A . n 
A 1 43  SER 43  43  43  SER SER A . n 
A 1 44  SER 44  44  44  SER SER A . n 
A 1 45  THR 45  45  45  THR THR A . n 
A 1 46  THR 46  46  46  THR THR A . n 
A 1 47  ALA 47  47  47  ALA ALA A . n 
A 1 48  GLN 48  48  48  GLN GLN A . n 
A 1 49  GLY 49  49  49  GLY GLY A . n 
A 1 50  CYS 50  50  50  CYS CYS A . n 
A 1 51  ASP 51  51  51  ASP ASP A . n 
A 1 52  THR 52  52  52  THR THR A . n 
A 1 53  ILE 53  53  53  ILE ILE A . n 
A 1 54  ALA 54  54  54  ALA ALA A . n 
A 1 55  ARG 55  55  55  ARG ARG A . n 
A 1 56  CYS 56  56  56  CYS CYS A . n 
A 1 57  ASP 57  57  57  ASP ASP A . n 
A 1 58  CYS 58  58  58  CYS CYS A . n 
A 1 59  GLN 59  59  59  GLN GLN A . n 
A 1 60  THR 60  60  60  THR THR A . n 
A 1 61  GLY 61  61  61  GLY GLY A . n 
A 1 62  VAL 62  62  62  VAL VAL A . n 
A 1 63  TYR 63  63  63  TYR TYR A . n 
A 1 64  TYR 64  64  64  TYR TYR A . n 
A 1 65  CYS 65  65  65  CYS CYS A . n 
A 1 66  SER 66  66  66  SER SER A . n 
A 1 67  SER 67  67  67  SER SER A . n 
A 1 68  ARG 68  68  68  ARG ARG A . n 
A 1 69  ARG 69  69  69  ARG ARG A . n 
A 1 70  LYS 70  70  70  LYS LYS A . n 
A 1 71  HIS 71  71  71  HIS HIS A . n 
A 1 72  TYR 72  72  72  TYR TYR A . n 
A 1 73  PRO 73  73  73  PRO PRO A . n 
A 1 74  VAL 74  74  74  VAL VAL A . n 
A 1 75  SER 75  75  75  SER SER A . n 
A 1 76  PHE 76  76  76  PHE PHE A . n 
A 1 77  SER 77  77  77  SER SER A . n 
A 1 78  LYS 78  78  78  LYS LYS A . n 
A 1 79  PRO 79  79  79  PRO PRO A . n 
A 1 80  SER 80  80  80  SER SER A . n 
A 1 81  LEU 81  81  81  LEU LEU A . n 
A 1 82  ILE 82  82  82  ILE ILE A . n 
A 1 83  PHE 83  83  83  PHE PHE A . n 
A 1 84  VAL 84  84  84  VAL VAL A . n 
A 1 85  GLU 85  85  85  GLU GLU A . n 
A 1 86  ALA 86  86  86  ALA ALA A . n 
A 1 87  SER 87  87  87  SER SER A . n 
A 1 88  GLU 88  88  88  GLU GLU A . n 
A 1 89  TYR 89  89  89  TYR TYR A . n 
A 1 90  TYR 90  90  90  TYR TYR A . n 
A 1 91  PRO 91  91  91  PRO PRO A . n 
A 1 92  ALA 92  92  92  ALA ALA A . n 
A 1 93  ARG 93  93  93  ARG ARG A . n 
A 1 94  TYR 94  94  94  TYR TYR A . n 
A 1 95  GLN 95  95  95  GLN GLN A . n 
A 1 96  SER 96  96  96  SER SER A . n 
A 1 97  HIS 97  97  97  HIS HIS A . n 
A 1 98  LEU 98  98  98  LEU LEU A . n 
A 1 99  MET 99  99  99  MET MET A . n 
A 1 100 LEU 100 100 100 LEU LEU A . n 
A 1 101 ALA 101 101 101 ALA ALA A . n 
A 1 102 VAL 102 102 102 VAL VAL A . n 
A 1 103 GLY 103 103 103 GLY GLY A . n 
A 1 104 HIS 104 104 104 HIS HIS A . n 
A 1 105 SER 105 105 105 SER SER A . n 
A 1 106 GLU 106 106 106 GLU GLU A . n 
A 1 107 PRO 107 107 107 PRO PRO A . n 
A 1 108 GLY 108 108 108 GLY GLY A . n 
A 1 109 ASP 109 109 109 ASP ASP A . n 
A 1 110 CYS 110 110 110 CYS CYS A . n 
A 1 111 GLY 111 111 111 GLY GLY A . n 
A 1 112 GLY 112 112 112 GLY GLY A . n 
A 1 113 ILE 113 113 113 ILE ILE A . n 
A 1 114 LEU 114 114 114 LEU LEU A . n 
A 1 115 ARG 115 115 115 ARG ARG A . n 
A 1 116 CYS 116 116 116 CYS CYS A . n 
A 1 117 GLN 117 117 117 GLN GLN A . n 
A 1 118 HIS 118 118 118 HIS HIS A . n 
A 1 119 GLY 119 119 119 GLY GLY A . n 
A 1 120 VAL 120 120 120 VAL VAL A . n 
A 1 121 VAL 121 121 121 VAL VAL A . n 
A 1 122 GLY 122 122 122 GLY GLY A . n 
A 1 123 ILE 123 123 123 ILE ILE A . n 
A 1 124 VAL 124 124 124 VAL VAL A . n 
A 1 125 SER 125 125 125 SER SER A . n 
A 1 126 THR 126 126 126 THR THR A . n 
A 1 127 GLY 127 127 127 GLY GLY A . n 
A 1 128 GLY 128 128 128 GLY GLY A . n 
A 1 129 ASN 129 129 129 ASN ASN A . n 
A 1 130 GLY 130 130 130 GLY GLY A . n 
A 1 131 LEU 131 131 131 LEU LEU A . n 
A 1 132 VAL 132 132 132 VAL VAL A . n 
A 1 133 GLY 133 133 133 GLY GLY A . n 
A 1 134 PHE 134 134 134 PHE PHE A . n 
A 1 135 ALA 135 135 135 ALA ALA A . n 
A 1 136 ASP 136 136 136 ASP ASP A . n 
A 1 137 VAL 137 137 137 VAL VAL A . n 
A 1 138 ARG 138 138 138 ARG ARG A . n 
A 1 139 ASP 139 139 139 ASP ASP A . n 
A 1 140 LEU 140 140 140 LEU LEU A . n 
A 1 141 LEU 141 141 141 LEU LEU A . n 
A 1 142 TRP 142 142 142 TRP TRP A . n 
A 1 143 LEU 143 143 143 LEU LEU A . n 
A 1 144 ASP 144 144 144 ASP ASP A . n 
A 1 145 GLU 145 145 145 GLU GLU A . n 
A 1 146 GLU 146 146 146 GLU GLU A . n 
A 1 147 ALA 147 147 ?   ?   ?   A . n 
A 1 148 MET 148 148 ?   ?   ?   A . n 
A 1 149 GLU 149 149 ?   ?   ?   A . n 
A 1 150 GLN 150 150 ?   ?   ?   A . n 
# 
loop_
_pdbx_nonpoly_scheme.asym_id 
_pdbx_nonpoly_scheme.entity_id 
_pdbx_nonpoly_scheme.mon_id 
_pdbx_nonpoly_scheme.ndb_seq_num 
_pdbx_nonpoly_scheme.pdb_seq_num 
_pdbx_nonpoly_scheme.auth_seq_num 
_pdbx_nonpoly_scheme.pdb_mon_id 
_pdbx_nonpoly_scheme.auth_mon_id 
_pdbx_nonpoly_scheme.pdb_strand_id 
_pdbx_nonpoly_scheme.pdb_ins_code 
B 2 Z5C 1   201 147 Z5C LIG A . 
C 3 ZN  1   202 1   ZN  ZN  A . 
D 4 DMS 1   203 -1  DMS DMS A . 
E 4 DMS 1   204 0   DMS DMS A . 
F 4 DMS 1   205 1   DMS DMS A . 
G 4 DMS 1   206 3   DMS DMS A . 
H 4 DMS 1   207 6   DMS DMS A . 
I 4 DMS 1   208 7   DMS DMS A . 
J 5 SO4 1   209 1   SO4 SO4 A . 
K 6 HOH 1   301 227 HOH HOH A . 
K 6 HOH 2   302 137 HOH HOH A . 
K 6 HOH 3   303 150 HOH HOH A . 
K 6 HOH 4   304 79  HOH HOH A . 
K 6 HOH 5   305 3   HOH HOH A . 
K 6 HOH 6   306 318 HOH HOH A . 
K 6 HOH 7   307 327 HOH HOH A . 
K 6 HOH 8   308 248 HOH HOH A . 
K 6 HOH 9   309 238 HOH HOH A . 
K 6 HOH 10  310 282 HOH HOH A . 
K 6 HOH 11  311 34  HOH HOH A . 
K 6 HOH 12  312 234 HOH HOH A . 
K 6 HOH 13  313 254 HOH HOH A . 
K 6 HOH 14  314 313 HOH HOH A . 
K 6 HOH 15  315 245 HOH HOH A . 
K 6 HOH 16  316 186 HOH HOH A . 
K 6 HOH 17  317 133 HOH HOH A . 
K 6 HOH 18  318 191 HOH HOH A . 
K 6 HOH 19  319 253 HOH HOH A . 
K 6 HOH 20  320 108 HOH HOH A . 
K 6 HOH 21  321 215 HOH HOH A . 
K 6 HOH 22  322 181 HOH HOH A . 
K 6 HOH 23  323 77  HOH HOH A . 
K 6 HOH 24  324 72  HOH HOH A . 
K 6 HOH 25  325 107 HOH HOH A . 
K 6 HOH 26  326 264 HOH HOH A . 
K 6 HOH 27  327 4   HOH HOH A . 
K 6 HOH 28  328 183 HOH HOH A . 
K 6 HOH 29  329 68  HOH HOH A . 
K 6 HOH 30  330 152 HOH HOH A . 
K 6 HOH 31  331 47  HOH HOH A . 
K 6 HOH 32  332 249 HOH HOH A . 
K 6 HOH 33  333 173 HOH HOH A . 
K 6 HOH 34  334 57  HOH HOH A . 
K 6 HOH 35  335 116 HOH HOH A . 
K 6 HOH 36  336 119 HOH HOH A . 
K 6 HOH 37  337 59  HOH HOH A . 
K 6 HOH 38  338 251 HOH HOH A . 
K 6 HOH 39  339 104 HOH HOH A . 
K 6 HOH 40  340 131 HOH HOH A . 
K 6 HOH 41  341 247 HOH HOH A . 
K 6 HOH 42  342 211 HOH HOH A . 
K 6 HOH 43  343 193 HOH HOH A . 
K 6 HOH 44  344 21  HOH HOH A . 
K 6 HOH 45  345 60  HOH HOH A . 
K 6 HOH 46  346 30  HOH HOH A . 
K 6 HOH 47  347 103 HOH HOH A . 
K 6 HOH 48  348 109 HOH HOH A . 
K 6 HOH 49  349 303 HOH HOH A . 
K 6 HOH 50  350 124 HOH HOH A . 
K 6 HOH 51  351 310 HOH HOH A . 
K 6 HOH 52  352 16  HOH HOH A . 
K 6 HOH 53  353 216 HOH HOH A . 
K 6 HOH 54  354 148 HOH HOH A . 
K 6 HOH 55  355 88  HOH HOH A . 
K 6 HOH 56  356 110 HOH HOH A . 
K 6 HOH 57  357 46  HOH HOH A . 
K 6 HOH 58  358 13  HOH HOH A . 
K 6 HOH 59  359 257 HOH HOH A . 
K 6 HOH 60  360 205 HOH HOH A . 
K 6 HOH 61  361 37  HOH HOH A . 
K 6 HOH 62  362 24  HOH HOH A . 
K 6 HOH 63  363 212 HOH HOH A . 
K 6 HOH 64  364 29  HOH HOH A . 
K 6 HOH 65  365 97  HOH HOH A . 
K 6 HOH 66  366 126 HOH HOH A . 
K 6 HOH 67  367 168 HOH HOH A . 
K 6 HOH 68  368 81  HOH HOH A . 
K 6 HOH 69  369 7   HOH HOH A . 
K 6 HOH 70  370 49  HOH HOH A . 
K 6 HOH 71  371 113 HOH HOH A . 
K 6 HOH 72  372 182 HOH HOH A . 
K 6 HOH 73  373 178 HOH HOH A . 
K 6 HOH 74  374 84  HOH HOH A . 
K 6 HOH 75  375 161 HOH HOH A . 
K 6 HOH 76  376 28  HOH HOH A . 
K 6 HOH 77  377 36  HOH HOH A . 
K 6 HOH 78  378 33  HOH HOH A . 
K 6 HOH 79  379 25  HOH HOH A . 
K 6 HOH 80  380 2   HOH HOH A . 
K 6 HOH 81  381 8   HOH HOH A . 
K 6 HOH 82  382 39  HOH HOH A . 
K 6 HOH 83  383 219 HOH HOH A . 
K 6 HOH 84  384 70  HOH HOH A . 
K 6 HOH 85  385 26  HOH HOH A . 
K 6 HOH 86  386 258 HOH HOH A . 
K 6 HOH 87  387 121 HOH HOH A . 
K 6 HOH 88  388 144 HOH HOH A . 
K 6 HOH 89  389 43  HOH HOH A . 
K 6 HOH 90  390 180 HOH HOH A . 
K 6 HOH 91  391 53  HOH HOH A . 
K 6 HOH 92  392 67  HOH HOH A . 
K 6 HOH 93  393 94  HOH HOH A . 
K 6 HOH 94  394 27  HOH HOH A . 
K 6 HOH 95  395 82  HOH HOH A . 
K 6 HOH 96  396 19  HOH HOH A . 
K 6 HOH 97  397 167 HOH HOH A . 
K 6 HOH 98  398 120 HOH HOH A . 
K 6 HOH 99  399 12  HOH HOH A . 
K 6 HOH 100 400 63  HOH HOH A . 
K 6 HOH 101 401 71  HOH HOH A . 
K 6 HOH 102 402 292 HOH HOH A . 
K 6 HOH 103 403 90  HOH HOH A . 
K 6 HOH 104 404 50  HOH HOH A . 
K 6 HOH 105 405 35  HOH HOH A . 
K 6 HOH 106 406 9   HOH HOH A . 
K 6 HOH 107 407 250 HOH HOH A . 
K 6 HOH 108 408 322 HOH HOH A . 
K 6 HOH 109 409 277 HOH HOH A . 
K 6 HOH 110 410 45  HOH HOH A . 
K 6 HOH 111 411 20  HOH HOH A . 
K 6 HOH 112 412 111 HOH HOH A . 
K 6 HOH 113 413 170 HOH HOH A . 
K 6 HOH 114 414 42  HOH HOH A . 
K 6 HOH 115 415 269 HOH HOH A . 
K 6 HOH 116 416 179 HOH HOH A . 
K 6 HOH 117 417 169 HOH HOH A . 
K 6 HOH 118 418 217 HOH HOH A . 
K 6 HOH 119 419 155 HOH HOH A . 
K 6 HOH 120 420 184 HOH HOH A . 
K 6 HOH 121 421 174 HOH HOH A . 
K 6 HOH 122 422 15  HOH HOH A . 
K 6 HOH 123 423 55  HOH HOH A . 
K 6 HOH 124 424 52  HOH HOH A . 
K 6 HOH 125 425 62  HOH HOH A . 
K 6 HOH 126 426 48  HOH HOH A . 
K 6 HOH 127 427 14  HOH HOH A . 
K 6 HOH 128 428 66  HOH HOH A . 
K 6 HOH 129 429 204 HOH HOH A . 
K 6 HOH 130 430 18  HOH HOH A . 
K 6 HOH 131 431 78  HOH HOH A . 
K 6 HOH 132 432 112 HOH HOH A . 
K 6 HOH 133 433 288 HOH HOH A . 
K 6 HOH 134 434 177 HOH HOH A . 
K 6 HOH 135 435 106 HOH HOH A . 
K 6 HOH 136 436 54  HOH HOH A . 
K 6 HOH 137 437 273 HOH HOH A . 
K 6 HOH 138 438 91  HOH HOH A . 
K 6 HOH 139 439 324 HOH HOH A . 
K 6 HOH 140 440 41  HOH HOH A . 
K 6 HOH 141 441 17  HOH HOH A . 
K 6 HOH 142 442 304 HOH HOH A . 
K 6 HOH 143 443 102 HOH HOH A . 
K 6 HOH 144 444 114 HOH HOH A . 
K 6 HOH 145 445 141 HOH HOH A . 
K 6 HOH 146 446 69  HOH HOH A . 
K 6 HOH 147 447 138 HOH HOH A . 
K 6 HOH 148 448 40  HOH HOH A . 
K 6 HOH 149 449 291 HOH HOH A . 
K 6 HOH 150 450 147 HOH HOH A . 
K 6 HOH 151 451 64  HOH HOH A . 
K 6 HOH 152 452 100 HOH HOH A . 
K 6 HOH 153 453 105 HOH HOH A . 
K 6 HOH 154 454 220 HOH HOH A . 
K 6 HOH 155 455 95  HOH HOH A . 
K 6 HOH 156 456 31  HOH HOH A . 
K 6 HOH 157 457 197 HOH HOH A . 
K 6 HOH 158 458 203 HOH HOH A . 
K 6 HOH 159 459 237 HOH HOH A . 
K 6 HOH 160 460 38  HOH HOH A . 
K 6 HOH 161 461 11  HOH HOH A . 
K 6 HOH 162 462 255 HOH HOH A . 
K 6 HOH 163 463 58  HOH HOH A . 
K 6 HOH 164 464 5   HOH HOH A . 
K 6 HOH 165 465 51  HOH HOH A . 
K 6 HOH 166 466 214 HOH HOH A . 
K 6 HOH 167 467 146 HOH HOH A . 
K 6 HOH 168 468 80  HOH HOH A . 
K 6 HOH 169 469 176 HOH HOH A . 
K 6 HOH 170 470 93  HOH HOH A . 
K 6 HOH 171 471 96  HOH HOH A . 
K 6 HOH 172 472 195 HOH HOH A . 
K 6 HOH 173 473 156 HOH HOH A . 
K 6 HOH 174 474 198 HOH HOH A . 
K 6 HOH 175 475 132 HOH HOH A . 
K 6 HOH 176 476 118 HOH HOH A . 
K 6 HOH 177 477 295 HOH HOH A . 
K 6 HOH 178 478 10  HOH HOH A . 
K 6 HOH 179 479 89  HOH HOH A . 
K 6 HOH 180 480 192 HOH HOH A . 
K 6 HOH 181 481 135 HOH HOH A . 
K 6 HOH 182 482 23  HOH HOH A . 
K 6 HOH 183 483 76  HOH HOH A . 
K 6 HOH 184 484 6   HOH HOH A . 
K 6 HOH 185 485 123 HOH HOH A . 
K 6 HOH 186 486 171 HOH HOH A . 
K 6 HOH 187 487 271 HOH HOH A . 
K 6 HOH 188 488 61  HOH HOH A . 
K 6 HOH 189 489 289 HOH HOH A . 
K 6 HOH 190 490 266 HOH HOH A . 
K 6 HOH 191 491 224 HOH HOH A . 
K 6 HOH 192 492 159 HOH HOH A . 
K 6 HOH 193 493 252 HOH HOH A . 
K 6 HOH 194 494 256 HOH HOH A . 
K 6 HOH 195 495 213 HOH HOH A . 
K 6 HOH 196 496 286 HOH HOH A . 
K 6 HOH 197 497 136 HOH HOH A . 
K 6 HOH 198 498 230 HOH HOH A . 
K 6 HOH 199 499 128 HOH HOH A . 
K 6 HOH 200 500 246 HOH HOH A . 
K 6 HOH 201 501 241 HOH HOH A . 
K 6 HOH 202 502 218 HOH HOH A . 
K 6 HOH 203 503 22  HOH HOH A . 
K 6 HOH 204 504 74  HOH HOH A . 
K 6 HOH 205 505 280 HOH HOH A . 
K 6 HOH 206 506 263 HOH HOH A . 
K 6 HOH 207 507 98  HOH HOH A . 
K 6 HOH 208 508 210 HOH HOH A . 
K 6 HOH 209 509 302 HOH HOH A . 
K 6 HOH 210 510 316 HOH HOH A . 
K 6 HOH 211 511 226 HOH HOH A . 
K 6 HOH 212 512 117 HOH HOH A . 
K 6 HOH 213 513 200 HOH HOH A . 
K 6 HOH 214 514 326 HOH HOH A . 
K 6 HOH 215 515 231 HOH HOH A . 
K 6 HOH 216 516 154 HOH HOH A . 
K 6 HOH 217 517 87  HOH HOH A . 
K 6 HOH 218 518 158 HOH HOH A . 
K 6 HOH 219 519 65  HOH HOH A . 
K 6 HOH 220 520 233 HOH HOH A . 
K 6 HOH 221 521 314 HOH HOH A . 
K 6 HOH 222 522 175 HOH HOH A . 
K 6 HOH 223 523 328 HOH HOH A . 
K 6 HOH 224 524 265 HOH HOH A . 
K 6 HOH 225 525 274 HOH HOH A . 
K 6 HOH 226 526 151 HOH HOH A . 
K 6 HOH 227 527 270 HOH HOH A . 
K 6 HOH 228 528 323 HOH HOH A . 
K 6 HOH 229 529 228 HOH HOH A . 
K 6 HOH 230 530 325 HOH HOH A . 
K 6 HOH 231 531 99  HOH HOH A . 
K 6 HOH 232 532 284 HOH HOH A . 
K 6 HOH 233 533 201 HOH HOH A . 
K 6 HOH 234 534 134 HOH HOH A . 
K 6 HOH 235 535 232 HOH HOH A . 
K 6 HOH 236 536 207 HOH HOH A . 
K 6 HOH 237 537 259 HOH HOH A . 
K 6 HOH 238 538 157 HOH HOH A . 
K 6 HOH 239 539 294 HOH HOH A . 
K 6 HOH 240 540 83  HOH HOH A . 
K 6 HOH 241 541 225 HOH HOH A . 
K 6 HOH 242 542 162 HOH HOH A . 
K 6 HOH 243 543 268 HOH HOH A . 
K 6 HOH 244 544 276 HOH HOH A . 
K 6 HOH 245 545 272 HOH HOH A . 
K 6 HOH 246 546 140 HOH HOH A . 
K 6 HOH 247 547 287 HOH HOH A . 
K 6 HOH 248 548 127 HOH HOH A . 
K 6 HOH 249 549 290 HOH HOH A . 
K 6 HOH 250 550 306 HOH HOH A . 
K 6 HOH 251 551 190 HOH HOH A . 
K 6 HOH 252 552 189 HOH HOH A . 
K 6 HOH 253 553 261 HOH HOH A . 
K 6 HOH 254 554 279 HOH HOH A . 
K 6 HOH 255 555 240 HOH HOH A . 
K 6 HOH 256 556 293 HOH HOH A . 
K 6 HOH 257 557 86  HOH HOH A . 
K 6 HOH 258 558 223 HOH HOH A . 
K 6 HOH 259 559 315 HOH HOH A . 
K 6 HOH 260 560 297 HOH HOH A . 
K 6 HOH 261 561 73  HOH HOH A . 
K 6 HOH 262 562 309 HOH HOH A . 
K 6 HOH 263 563 163 HOH HOH A . 
K 6 HOH 264 564 122 HOH HOH A . 
K 6 HOH 265 565 185 HOH HOH A . 
K 6 HOH 266 566 85  HOH HOH A . 
K 6 HOH 267 567 312 HOH HOH A . 
K 6 HOH 268 568 32  HOH HOH A . 
K 6 HOH 269 569 260 HOH HOH A . 
K 6 HOH 270 570 275 HOH HOH A . 
K 6 HOH 271 571 278 HOH HOH A . 
K 6 HOH 272 572 172 HOH HOH A . 
K 6 HOH 273 573 202 HOH HOH A . 
K 6 HOH 274 574 221 HOH HOH A . 
K 6 HOH 275 575 299 HOH HOH A . 
K 6 HOH 276 576 209 HOH HOH A . 
K 6 HOH 277 577 321 HOH HOH A . 
K 6 HOH 278 578 236 HOH HOH A . 
K 6 HOH 279 579 75  HOH HOH A . 
K 6 HOH 280 580 208 HOH HOH A . 
K 6 HOH 281 581 283 HOH HOH A . 
K 6 HOH 282 582 285 HOH HOH A . 
K 6 HOH 283 583 320 HOH HOH A . 
K 6 HOH 284 584 56  HOH HOH A . 
K 6 HOH 285 585 317 HOH HOH A . 
K 6 HOH 286 586 187 HOH HOH A . 
K 6 HOH 287 587 129 HOH HOH A . 
K 6 HOH 288 588 199 HOH HOH A . 
K 6 HOH 289 589 308 HOH HOH A . 
K 6 HOH 290 590 296 HOH HOH A . 
K 6 HOH 291 591 165 HOH HOH A . 
K 6 HOH 292 592 235 HOH HOH A . 
K 6 HOH 293 593 142 HOH HOH A . 
K 6 HOH 294 594 222 HOH HOH A . 
K 6 HOH 295 595 300 HOH HOH A . 
K 6 HOH 296 596 301 HOH HOH A . 
K 6 HOH 297 597 153 HOH HOH A . 
K 6 HOH 298 598 206 HOH HOH A . 
K 6 HOH 299 599 307 HOH HOH A . 
K 6 HOH 300 600 319 HOH HOH A . 
K 6 HOH 301 601 311 HOH HOH A . 
K 6 HOH 302 602 243 HOH HOH A . 
K 6 HOH 303 603 92  HOH HOH A . 
K 6 HOH 304 604 125 HOH HOH A . 
K 6 HOH 305 605 242 HOH HOH A . 
K 6 HOH 306 606 281 HOH HOH A . 
K 6 HOH 307 607 267 HOH HOH A . 
K 6 HOH 308 608 164 HOH HOH A . 
K 6 HOH 309 609 305 HOH HOH A . 
K 6 HOH 310 610 298 HOH HOH A . 
K 6 HOH 311 611 244 HOH HOH A . 
# 
loop_
_software.classification 
_software.name 
_software.version 
_software.citation_id 
_software.pdbx_ordinal 
refinement       REFMAC  5.8.0267 ? 1 
refinement       REFMAC5 .        ? 2 
'data scaling'   Aimless .        ? 3 
phasing          PHASER  .        ? 4 
'data reduction' XDS     .        ? 5 
# 
_cell.entry_id           7H47 
_cell.length_a           86.530 
_cell.length_b           56.319 
_cell.length_c           32.444 
_cell.angle_alpha        90.00 
_cell.angle_beta         95.40 
_cell.angle_gamma        90.00 
_cell.Z_PDB              4 
_cell.pdbx_unique_axis   ? 
# 
_symmetry.entry_id                         7H47 
_symmetry.space_group_name_H-M             'C 1 2 1' 
_symmetry.pdbx_full_space_group_name_H-M   ? 
_symmetry.cell_setting                     ? 
_symmetry.Int_Tables_number                5 
# 
_exptl.entry_id          7H47 
_exptl.method            'X-RAY DIFFRACTION' 
_exptl.crystals_number   1 
# 
_exptl_crystal.id                    1 
_exptl_crystal.density_meas          ? 
_exptl_crystal.density_Matthews      2.39 
_exptl_crystal.density_percent_sol   48.45 
_exptl_crystal.description           ? 
# 
_exptl_crystal_grow.crystal_id      1 
_exptl_crystal_grow.method          'VAPOR DIFFUSION, SITTING DROP' 
_exptl_crystal_grow.pH              6.05 
_exptl_crystal_grow.temp            293.15 
_exptl_crystal_grow.pdbx_details    '0.1 M MES, pH 6.05, 16 % PEG 20,000' 
_exptl_crystal_grow.temp_details    ? 
_exptl_crystal_grow.pdbx_pH_range   ? 
# 
_diffrn.id                     1 
_diffrn.ambient_temp           100 
_diffrn.crystal_id             1 
_diffrn.ambient_temp_details   ? 
# 
_diffrn_detector.detector               PIXEL 
_diffrn_detector.type                   'DECTRIS EIGER2 XE 16M' 
_diffrn_detector.pdbx_collection_date   2023-10-11 
_diffrn_detector.diffrn_id              1 
_diffrn_detector.details                ? 
# 
_diffrn_radiation.diffrn_id                        1 
_diffrn_radiation.wavelength_id                    1 
_diffrn_radiation.pdbx_diffrn_protocol             'SINGLE WAVELENGTH' 
_diffrn_radiation.pdbx_monochromatic_or_laue_m_l   ? 
_diffrn_radiation.monochromator                    ? 
_diffrn_radiation.pdbx_scattering_type             x-ray 
# 
_diffrn_radiation_wavelength.id           1 
_diffrn_radiation_wavelength.wavelength   0.94054 
_diffrn_radiation_wavelength.wt           1.0 
# 
_diffrn_source.diffrn_id                   1 
_diffrn_source.source                      SYNCHROTRON 
_diffrn_source.type                        'DIAMOND BEAMLINE I03' 
_diffrn_source.pdbx_wavelength_list        0.94054 
_diffrn_source.pdbx_synchrotron_site       Diamond 
_diffrn_source.pdbx_synchrotron_beamline   I03 
_diffrn_source.pdbx_wavelength             ? 
# 
_reflns.entry_id                     7H47 
_reflns.pdbx_diffrn_id               1 
_reflns.pdbx_ordinal                 1 
_reflns.d_resolution_low             47.13 
_reflns.d_resolution_high            1.00 
_reflns.number_obs                   60225 
_reflns.percent_possible_obs         71.2 
_reflns.pdbx_Rmerge_I_obs            0.068 
_reflns.pdbx_netI_over_sigmaI        15.6 
_reflns.pdbx_redundancy              6.9 
_reflns.pdbx_Rrim_I_all              0.073 
_reflns.pdbx_Rpim_I_all              0.028 
_reflns.pdbx_CC_half                 0.999 
_reflns.pdbx_number_measured_all     417567 
_reflns.pdbx_chi_squared             0.65 
_reflns.observed_criterion_sigma_I   ? 
_reflns.observed_criterion_sigma_F   ? 
_reflns.number_all                   ? 
_reflns.pdbx_Rsym_value              ? 
_reflns.B_iso_Wilson_estimate        ? 
# 
_reflns_shell.pdbx_diffrn_id              1 
_reflns_shell.pdbx_ordinal                1 
_reflns_shell.d_res_high                  1.00 
_reflns_shell.d_res_low                   1.01 
_reflns_shell.number_measured_all         541 
_reflns_shell.number_unique_obs           251 
_reflns_shell.Rmerge_I_obs                3.874 
_reflns_shell.pdbx_chi_squared            0.26 
_reflns_shell.pdbx_redundancy             2.2 
_reflns_shell.percent_possible_obs        6.0 
_reflns_shell.pdbx_netI_over_sigmaI_obs   0.2 
_reflns_shell.pdbx_Rrim_I_all             4.763 
_reflns_shell.pdbx_Rpim_I_all             2.726 
_reflns_shell.pdbx_CC_half                0.099 
_reflns_shell.percent_possible_all        ? 
_reflns_shell.pdbx_Rsym_value             ? 
_reflns_shell.meanI_over_sigI_obs         ? 
# 
_refine.pdbx_refine_id                           'X-RAY DIFFRACTION' 
_refine.entry_id                                 7H47 
_refine.pdbx_diffrn_id                           1 
_refine.pdbx_TLS_residual_ADP_flag               ? 
_refine.ls_number_reflns_obs                     56695 
_refine.ls_number_reflns_all                     ? 
_refine.pdbx_ls_sigma_I                          ? 
_refine.pdbx_ls_sigma_F                          ? 
_refine.pdbx_data_cutoff_high_absF               ? 
_refine.pdbx_data_cutoff_low_absF                ? 
_refine.pdbx_data_cutoff_high_rms_absF           ? 
_refine.ls_d_res_low                             47.14 
_refine.ls_d_res_high                            1.01 
_refine.ls_percent_reflns_obs                    72.77 
_refine.ls_R_factor_obs                          0.16815 
_refine.ls_R_factor_all                          ? 
_refine.ls_R_factor_R_work                       0.16724 
_refine.ls_R_factor_R_free                       0.18498 
_refine.ls_R_factor_R_free_error                 ? 
_refine.ls_R_factor_R_free_error_details         ? 
_refine.ls_percent_reflns_R_free                 4.9 
_refine.ls_number_reflns_R_free                  2944 
_refine.ls_number_parameters                     ? 
_refine.ls_number_restraints                     ? 
_refine.occupancy_min                            ? 
_refine.occupancy_max                            ? 
_refine.correlation_coeff_Fo_to_Fc               0.977 
_refine.correlation_coeff_Fo_to_Fc_free          0.971 
_refine.B_iso_mean                               15.786 
_refine.aniso_B[1][1]                            -0.27 
_refine.aniso_B[2][2]                            0.49 
_refine.aniso_B[3][3]                            -0.19 
_refine.aniso_B[1][2]                            -0.00 
_refine.aniso_B[1][3]                            -0.12 
_refine.aniso_B[2][3]                            0.00 
_refine.solvent_model_details                    MASK 
_refine.solvent_model_param_ksol                 ? 
_refine.solvent_model_param_bsol                 ? 
_refine.pdbx_solvent_vdw_probe_radii             1.20 
_refine.pdbx_solvent_ion_probe_radii             0.80 
_refine.pdbx_solvent_shrinkage_radii             0.80 
_refine.pdbx_ls_cross_valid_method               THROUGHOUT 
_refine.details                                  'HYDROGENS HAVE BEEN ADDED IN THE RIDING POSITIONS' 
_refine.pdbx_starting_model                      ? 
_refine.pdbx_method_to_determine_struct          'MOLECULAR REPLACEMENT' 
_refine.pdbx_isotropic_thermal_model             ? 
_refine.pdbx_stereochemistry_target_values       'MAXIMUM LIKELIHOOD' 
_refine.pdbx_stereochem_target_val_spec_case     ? 
_refine.pdbx_R_Free_selection_details            RANDOM 
_refine.pdbx_overall_ESU_R                       0.034 
_refine.pdbx_overall_ESU_R_Free                  0.036 
_refine.overall_SU_ML                            0.030 
_refine.pdbx_overall_phase_error                 ? 
_refine.overall_SU_B                             0.631 
_refine.overall_SU_R_Cruickshank_DPI             ? 
_refine.pdbx_overall_SU_R_free_Cruickshank_DPI   ? 
_refine.pdbx_overall_SU_R_Blow_DPI               ? 
_refine.pdbx_overall_SU_R_free_Blow_DPI          ? 
# 
_refine_hist.pdbx_refine_id                   'X-RAY DIFFRACTION' 
_refine_hist.cycle_id                         1 
_refine_hist.pdbx_number_atoms_protein        1083 
_refine_hist.pdbx_number_atoms_nucleic_acid   0 
_refine_hist.pdbx_number_atoms_ligand         41 
_refine_hist.number_atoms_solvent             311 
_refine_hist.number_atoms_total               1435 
_refine_hist.d_res_high                       1.01 
_refine_hist.d_res_low                        47.14 
# 
loop_
_refine_ls_restr.type 
_refine_ls_restr.dev_ideal 
_refine_ls_restr.dev_ideal_target 
_refine_ls_restr.weight 
_refine_ls_restr.number 
_refine_ls_restr.pdbx_refine_id 
_refine_ls_restr.pdbx_restraint_function 
r_bond_refined_d             0.013  0.014  ? 1416 'X-RAY DIFFRACTION' ? 
r_bond_other_d               0.001  0.014  ? 1091 'X-RAY DIFFRACTION' ? 
r_angle_refined_deg          1.755  1.622  ? 1704 'X-RAY DIFFRACTION' ? 
r_angle_other_deg            1.539  1.594  ? 2510 'X-RAY DIFFRACTION' ? 
r_dihedral_angle_1_deg       6.782  5.000  ? 163  'X-RAY DIFFRACTION' ? 
r_dihedral_angle_2_deg       33.640 21.385 ? 65   'X-RAY DIFFRACTION' ? 
r_dihedral_angle_3_deg       11.680 15.000 ? 178  'X-RAY DIFFRACTION' ? 
r_dihedral_angle_4_deg       23.087 15.000 ? 9    'X-RAY DIFFRACTION' ? 
r_chiral_restr               0.090  0.200  ? 149  'X-RAY DIFFRACTION' ? 
r_gen_planes_refined         0.010  0.020  ? 1537 'X-RAY DIFFRACTION' ? 
r_gen_planes_other           0.002  0.020  ? 301  'X-RAY DIFFRACTION' ? 
r_nbd_refined                ?      ?      ? ?    'X-RAY DIFFRACTION' ? 
r_nbd_other                  ?      ?      ? ?    'X-RAY DIFFRACTION' ? 
r_nbtor_refined              ?      ?      ? ?    'X-RAY DIFFRACTION' ? 
r_nbtor_other                ?      ?      ? ?    'X-RAY DIFFRACTION' ? 
r_xyhbond_nbd_refined        ?      ?      ? ?    'X-RAY DIFFRACTION' ? 
r_xyhbond_nbd_other          ?      ?      ? ?    'X-RAY DIFFRACTION' ? 
r_metal_ion_refined          ?      ?      ? ?    'X-RAY DIFFRACTION' ? 
r_metal_ion_other            ?      ?      ? ?    'X-RAY DIFFRACTION' ? 
r_symmetry_vdw_refined       ?      ?      ? ?    'X-RAY DIFFRACTION' ? 
r_symmetry_vdw_other         ?      ?      ? ?    'X-RAY DIFFRACTION' ? 
r_symmetry_hbond_refined     ?      ?      ? ?    'X-RAY DIFFRACTION' ? 
r_symmetry_hbond_other       ?      ?      ? ?    'X-RAY DIFFRACTION' ? 
r_symmetry_metal_ion_refined ?      ?      ? ?    'X-RAY DIFFRACTION' ? 
r_symmetry_metal_ion_other   ?      ?      ? ?    'X-RAY DIFFRACTION' ? 
r_mcbond_it                  1.012  1.578  ? 762  'X-RAY DIFFRACTION' ? 
r_mcbond_other               1.094  1.226  ? 653  'X-RAY DIFFRACTION' ? 
r_mcangle_it                 1.657  1.775  ? 793  'X-RAY DIFFRACTION' ? 
r_mcangle_other              1.655  1.783  ? 794  'X-RAY DIFFRACTION' ? 
r_scbond_it                  1.847  1.629  ? 652  'X-RAY DIFFRACTION' ? 
r_scbond_other               1.849  1.596  ? 651  'X-RAY DIFFRACTION' ? 
r_scangle_it                 ?      ?      ? ?    'X-RAY DIFFRACTION' ? 
r_scangle_other              2.761  2.231  ? 906  'X-RAY DIFFRACTION' ? 
r_long_range_B_refined       5.774  18.482 ? 1564 'X-RAY DIFFRACTION' ? 
r_long_range_B_other         5.773  18.490 ? 1565 'X-RAY DIFFRACTION' ? 
r_rigid_bond_restr           ?      ?      ? ?    'X-RAY DIFFRACTION' ? 
r_sphericity_free            ?      ?      ? ?    'X-RAY DIFFRACTION' ? 
r_sphericity_bonded          ?      ?      ? ?    'X-RAY DIFFRACTION' ? 
# 
_refine_ls_shell.pdbx_refine_id                   'X-RAY DIFFRACTION' 
_refine_ls_shell.pdbx_total_number_of_bins_used   20 
_refine_ls_shell.d_res_high                       1.006 
_refine_ls_shell.d_res_low                        1.033 
_refine_ls_shell.number_reflns_R_work             451 
_refine_ls_shell.R_factor_R_work                  0.379 
_refine_ls_shell.percent_reflns_obs               7.89 
_refine_ls_shell.R_factor_R_free                  0.420 
_refine_ls_shell.R_factor_R_free_error            ? 
_refine_ls_shell.percent_reflns_R_free            ? 
_refine_ls_shell.number_reflns_R_free             26 
_refine_ls_shell.number_reflns_all                ? 
_refine_ls_shell.R_factor_all                     ? 
# 
_struct.entry_id                  7H47 
_struct.title                     
;Group deposition for crystallographic fragment screening of Coxsackievirus A16 (G-10) 2A protease -- Crystal structure of Coxsackievirus A16 (G-10) 2A protease in complex with Z1270393711 (A71EV2A-x0571)
;
_struct.pdbx_model_details        ? 
_struct.pdbx_CASP_flag            ? 
_struct.pdbx_model_type_details   ? 
# 
_struct_keywords.entry_id        7H47 
_struct_keywords.pdbx_keywords   HYDROLASE 
_struct_keywords.text            
;Diamond Light Source, I03, ASAP, Coxsackievirus A16, crystallographic fragment screening, PanDDA, Pandda2, XChemExplorer, viral protein, HYDROLASE
;
# 
loop_
_struct_asym.id 
_struct_asym.pdbx_blank_PDB_chainid_flag 
_struct_asym.pdbx_modified 
_struct_asym.entity_id 
_struct_asym.details 
A N N 1 ? 
B N N 2 ? 
C N N 3 ? 
D N N 4 ? 
E N N 4 ? 
F N N 4 ? 
G N N 4 ? 
H N N 4 ? 
I N N 4 ? 
J N N 5 ? 
K N N 6 ? 
# 
_struct_ref.id                         1 
_struct_ref.db_name                    UNP 
_struct_ref.db_code                    POLG_CX16G 
_struct_ref.pdbx_db_accession          Q65900 
_struct_ref.pdbx_db_isoform            ? 
_struct_ref.entity_id                  1 
_struct_ref.pdbx_seq_one_letter_code   
;SGAIYVGNYRVVNRHLATHNDWANLVWEDSSRDLLVSSTTAQGCDTIARCDCQTGVYYCSSRRKHYPVSFSKPSLIFVEA
SEYYPARYQSHLMLAVGHSEPGDCGGILRCQHGVVGIVSTGGNGLVGFADVRDLLWLDEEAMEQ
;
_struct_ref.pdbx_align_begin           869 
# 
_struct_ref_seq.align_id                      1 
_struct_ref_seq.ref_id                        1 
_struct_ref_seq.pdbx_PDB_id_code              7H47 
_struct_ref_seq.pdbx_strand_id                A 
_struct_ref_seq.seq_align_beg                 7 
_struct_ref_seq.pdbx_seq_align_beg_ins_code   ? 
_struct_ref_seq.seq_align_end                 150 
_struct_ref_seq.pdbx_seq_align_end_ins_code   ? 
_struct_ref_seq.pdbx_db_accession             Q65900 
_struct_ref_seq.db_align_beg                  869 
_struct_ref_seq.pdbx_db_align_beg_ins_code    ? 
_struct_ref_seq.db_align_end                  1012 
_struct_ref_seq.pdbx_db_align_end_ins_code    ? 
_struct_ref_seq.pdbx_auth_seq_align_beg       7 
_struct_ref_seq.pdbx_auth_seq_align_end       150 
# 
loop_
_struct_ref_seq_dif.align_id 
_struct_ref_seq_dif.pdbx_pdb_id_code 
_struct_ref_seq_dif.mon_id 
_struct_ref_seq_dif.pdbx_pdb_strand_id 
_struct_ref_seq_dif.seq_num 
_struct_ref_seq_dif.pdbx_pdb_ins_code 
_struct_ref_seq_dif.pdbx_seq_db_name 
_struct_ref_seq_dif.pdbx_seq_db_accession_code 
_struct_ref_seq_dif.db_mon_id 
_struct_ref_seq_dif.pdbx_seq_db_seq_num 
_struct_ref_seq_dif.details 
_struct_ref_seq_dif.pdbx_auth_seq_num 
_struct_ref_seq_dif.pdbx_ordinal 
1 7H47 GLN A 1 ? UNP Q65900 ? ? 'expression tag' 1 1 
1 7H47 GLU A 2 ? UNP Q65900 ? ? 'expression tag' 2 2 
1 7H47 GLN A 3 ? UNP Q65900 ? ? 'expression tag' 3 3 
1 7H47 THR A 4 ? UNP Q65900 ? ? 'expression tag' 4 4 
1 7H47 GLY A 5 ? UNP Q65900 ? ? 'expression tag' 5 5 
1 7H47 GLY A 6 ? UNP Q65900 ? ? 'expression tag' 6 6 
# 
_pdbx_struct_assembly.id                   1 
_pdbx_struct_assembly.details              author_and_software_defined_assembly 
_pdbx_struct_assembly.method_details       PISA 
_pdbx_struct_assembly.oligomeric_details   monomeric 
_pdbx_struct_assembly.oligomeric_count     1 
# 
loop_
_pdbx_struct_assembly_prop.biol_id 
_pdbx_struct_assembly_prop.type 
_pdbx_struct_assembly_prop.value 
_pdbx_struct_assembly_prop.details 
1 'ABSA (A^2)' 1010 ? 
1 MORE         -4   ? 
1 'SSA (A^2)'  7490 ? 
# 
_pdbx_struct_assembly_gen.assembly_id       1 
_pdbx_struct_assembly_gen.oper_expression   1 
_pdbx_struct_assembly_gen.asym_id_list      A,B,C,D,E,F,G,H,I,J,K 
# 
_pdbx_struct_oper_list.id                   1 
_pdbx_struct_oper_list.type                 'identity operation' 
_pdbx_struct_oper_list.name                 1_555 
_pdbx_struct_oper_list.symmetry_operation   x,y,z 
_pdbx_struct_oper_list.matrix[1][1]         1.0000000000 
_pdbx_struct_oper_list.matrix[1][2]         0.0000000000 
_pdbx_struct_oper_list.matrix[1][3]         0.0000000000 
_pdbx_struct_oper_list.vector[1]            0.0000000000 
_pdbx_struct_oper_list.matrix[2][1]         0.0000000000 
_pdbx_struct_oper_list.matrix[2][2]         1.0000000000 
_pdbx_struct_oper_list.matrix[2][3]         0.0000000000 
_pdbx_struct_oper_list.vector[2]            0.0000000000 
_pdbx_struct_oper_list.matrix[3][1]         0.0000000000 
_pdbx_struct_oper_list.matrix[3][2]         0.0000000000 
_pdbx_struct_oper_list.matrix[3][3]         1.0000000000 
_pdbx_struct_oper_list.vector[3]            0.0000000000 
# 
loop_
_struct_conf.conf_type_id 
_struct_conf.id 
_struct_conf.pdbx_PDB_helix_id 
_struct_conf.beg_label_comp_id 
_struct_conf.beg_label_asym_id 
_struct_conf.beg_label_seq_id 
_struct_conf.pdbx_beg_PDB_ins_code 
_struct_conf.end_label_comp_id 
_struct_conf.end_label_asym_id 
_struct_conf.end_label_seq_id 
_struct_conf.pdbx_end_PDB_ins_code 
_struct_conf.beg_auth_comp_id 
_struct_conf.beg_auth_asym_id 
_struct_conf.beg_auth_seq_id 
_struct_conf.end_auth_comp_id 
_struct_conf.end_auth_asym_id 
_struct_conf.end_auth_seq_id 
_struct_conf.pdbx_PDB_helix_class 
_struct_conf.details 
_struct_conf.pdbx_PDB_helix_length 
HELX_P HELX_P1 AA1 HIS A 21  ? ALA A 23  ? HIS A 21  ALA A 23  5 ? 3 
HELX_P HELX_P2 AA2 THR A 24  ? ASN A 30  ? THR A 24  ASN A 30  1 ? 7 
HELX_P HELX_P3 AA3 SER A 66  ? ARG A 69  ? SER A 66  ARG A 69  5 ? 4 
HELX_P HELX_P4 AA4 GLU A 106 ? CYS A 110 ? GLU A 106 CYS A 110 5 ? 5 
HELX_P HELX_P5 AA5 LEU A 140 ? GLU A 145 ? LEU A 140 GLU A 145 5 ? 6 
# 
_struct_conf_type.id          HELX_P 
_struct_conf_type.criteria    ? 
_struct_conf_type.reference   ? 
# 
loop_
_struct_conn.id 
_struct_conn.conn_type_id 
_struct_conn.pdbx_leaving_atom_flag 
_struct_conn.pdbx_PDB_id 
_struct_conn.ptnr1_label_asym_id 
_struct_conn.ptnr1_label_comp_id 
_struct_conn.ptnr1_label_seq_id 
_struct_conn.ptnr1_label_atom_id 
_struct_conn.pdbx_ptnr1_label_alt_id 
_struct_conn.pdbx_ptnr1_PDB_ins_code 
_struct_conn.pdbx_ptnr1_standard_comp_id 
_struct_conn.ptnr1_symmetry 
_struct_conn.ptnr2_label_asym_id 
_struct_conn.ptnr2_label_comp_id 
_struct_conn.ptnr2_label_seq_id 
_struct_conn.ptnr2_label_atom_id 
_struct_conn.pdbx_ptnr2_label_alt_id 
_struct_conn.pdbx_ptnr2_PDB_ins_code 
_struct_conn.ptnr1_auth_asym_id 
_struct_conn.ptnr1_auth_comp_id 
_struct_conn.ptnr1_auth_seq_id 
_struct_conn.ptnr2_auth_asym_id 
_struct_conn.ptnr2_auth_comp_id 
_struct_conn.ptnr2_auth_seq_id 
_struct_conn.ptnr2_symmetry 
_struct_conn.pdbx_ptnr3_label_atom_id 
_struct_conn.pdbx_ptnr3_label_seq_id 
_struct_conn.pdbx_ptnr3_label_comp_id 
_struct_conn.pdbx_ptnr3_label_asym_id 
_struct_conn.pdbx_ptnr3_label_alt_id 
_struct_conn.pdbx_ptnr3_PDB_ins_code 
_struct_conn.details 
_struct_conn.pdbx_dist_value 
_struct_conn.pdbx_value_order 
_struct_conn.pdbx_role 
metalc1 metalc ? ? A CYS 56  SG  ? ? ? 1_555 C ZN . ZN ? ? A CYS 56  A ZN 202 1_555 ? ? ? ? ? ? ? 2.329 ? ? 
metalc2 metalc ? ? A CYS 58  SG  ? ? ? 1_555 C ZN . ZN ? ? A CYS 58  A ZN 202 1_555 ? ? ? ? ? ? ? 2.320 ? ? 
metalc3 metalc ? ? A CYS 116 SG  ? ? ? 1_555 C ZN . ZN ? ? A CYS 116 A ZN 202 1_555 ? ? ? ? ? ? ? 2.320 ? ? 
metalc4 metalc ? ? A HIS 118 ND1 ? ? ? 1_555 C ZN . ZN ? ? A HIS 118 A ZN 202 1_555 ? ? ? ? ? ? ? 2.042 ? ? 
# 
_struct_conn_type.id          metalc 
_struct_conn_type.criteria    ? 
_struct_conn_type.reference   ? 
# 
loop_
_pdbx_struct_conn_angle.id 
_pdbx_struct_conn_angle.ptnr1_label_atom_id 
_pdbx_struct_conn_angle.ptnr1_label_alt_id 
_pdbx_struct_conn_angle.ptnr1_label_asym_id 
_pdbx_struct_conn_angle.ptnr1_label_comp_id 
_pdbx_struct_conn_angle.ptnr1_label_seq_id 
_pdbx_struct_conn_angle.ptnr1_auth_atom_id 
_pdbx_struct_conn_angle.ptnr1_auth_asym_id 
_pdbx_struct_conn_angle.ptnr1_auth_comp_id 
_pdbx_struct_conn_angle.ptnr1_auth_seq_id 
_pdbx_struct_conn_angle.ptnr1_PDB_ins_code 
_pdbx_struct_conn_angle.ptnr1_symmetry 
_pdbx_struct_conn_angle.ptnr2_label_atom_id 
_pdbx_struct_conn_angle.ptnr2_label_alt_id 
_pdbx_struct_conn_angle.ptnr2_label_asym_id 
_pdbx_struct_conn_angle.ptnr2_label_comp_id 
_pdbx_struct_conn_angle.ptnr2_label_seq_id 
_pdbx_struct_conn_angle.ptnr2_auth_atom_id 
_pdbx_struct_conn_angle.ptnr2_auth_asym_id 
_pdbx_struct_conn_angle.ptnr2_auth_comp_id 
_pdbx_struct_conn_angle.ptnr2_auth_seq_id 
_pdbx_struct_conn_angle.ptnr2_PDB_ins_code 
_pdbx_struct_conn_angle.ptnr2_symmetry 
_pdbx_struct_conn_angle.ptnr3_label_atom_id 
_pdbx_struct_conn_angle.ptnr3_label_alt_id 
_pdbx_struct_conn_angle.ptnr3_label_asym_id 
_pdbx_struct_conn_angle.ptnr3_label_comp_id 
_pdbx_struct_conn_angle.ptnr3_label_seq_id 
_pdbx_struct_conn_angle.ptnr3_auth_atom_id 
_pdbx_struct_conn_angle.ptnr3_auth_asym_id 
_pdbx_struct_conn_angle.ptnr3_auth_comp_id 
_pdbx_struct_conn_angle.ptnr3_auth_seq_id 
_pdbx_struct_conn_angle.ptnr3_PDB_ins_code 
_pdbx_struct_conn_angle.ptnr3_symmetry 
_pdbx_struct_conn_angle.value 
_pdbx_struct_conn_angle.value_esd 
1 SG ? A CYS 56  ? A CYS 56  ? 1_555 ZN ? C ZN . ? A ZN 202 ? 1_555 SG  ? A CYS 58  ? A CYS 58  ? 1_555 109.9 ? 
2 SG ? A CYS 56  ? A CYS 56  ? 1_555 ZN ? C ZN . ? A ZN 202 ? 1_555 SG  ? A CYS 116 ? A CYS 116 ? 1_555 106.7 ? 
3 SG ? A CYS 58  ? A CYS 58  ? 1_555 ZN ? C ZN . ? A ZN 202 ? 1_555 SG  ? A CYS 116 ? A CYS 116 ? 1_555 116.3 ? 
4 SG ? A CYS 56  ? A CYS 56  ? 1_555 ZN ? C ZN . ? A ZN 202 ? 1_555 ND1 ? A HIS 118 ? A HIS 118 ? 1_555 106.4 ? 
5 SG ? A CYS 58  ? A CYS 58  ? 1_555 ZN ? C ZN . ? A ZN 202 ? 1_555 ND1 ? A HIS 118 ? A HIS 118 ? 1_555 102.4 ? 
6 SG ? A CYS 116 ? A CYS 116 ? 1_555 ZN ? C ZN . ? A ZN 202 ? 1_555 ND1 ? A HIS 118 ? A HIS 118 ? 1_555 114.8 ? 
# 
loop_
_struct_sheet.id 
_struct_sheet.type 
_struct_sheet.number_strands 
_struct_sheet.details 
AA1 ? 4 ? 
AA2 ? 7 ? 
# 
loop_
_struct_sheet_order.sheet_id 
_struct_sheet_order.range_id_1 
_struct_sheet_order.range_id_2 
_struct_sheet_order.offset 
_struct_sheet_order.sense 
AA1 1 2 ? anti-parallel 
AA1 2 3 ? anti-parallel 
AA1 3 4 ? anti-parallel 
AA2 1 2 ? anti-parallel 
AA2 2 3 ? anti-parallel 
AA2 3 4 ? anti-parallel 
AA2 4 5 ? anti-parallel 
AA2 5 6 ? anti-parallel 
AA2 6 7 ? anti-parallel 
# 
loop_
_struct_sheet_range.sheet_id 
_struct_sheet_range.id 
_struct_sheet_range.beg_label_comp_id 
_struct_sheet_range.beg_label_asym_id 
_struct_sheet_range.beg_label_seq_id 
_struct_sheet_range.pdbx_beg_PDB_ins_code 
_struct_sheet_range.end_label_comp_id 
_struct_sheet_range.end_label_asym_id 
_struct_sheet_range.end_label_seq_id 
_struct_sheet_range.pdbx_end_PDB_ins_code 
_struct_sheet_range.beg_auth_comp_id 
_struct_sheet_range.beg_auth_asym_id 
_struct_sheet_range.beg_auth_seq_id 
_struct_sheet_range.end_auth_comp_id 
_struct_sheet_range.end_auth_asym_id 
_struct_sheet_range.end_auth_seq_id 
AA1 1 ILE A 10  ? VAL A 12  ? ILE A 10  VAL A 12  
AA1 2 TYR A 15  ? ASN A 19  ? TYR A 15  ASN A 19  
AA1 3 LEU A 40  ? SER A 44  ? LEU A 40  SER A 44  
AA1 4 LEU A 31  ? ASP A 35  ? LEU A 31  ASP A 35  
AA2 1 LYS A 70  ? SER A 75  ? LYS A 70  SER A 75  
AA2 2 THR A 60  ? CYS A 65  ? THR A 60  CYS A 65  
AA2 3 ILE A 113 ? CYS A 116 ? ILE A 113 CYS A 116 
AA2 4 GLY A 119 ? THR A 126 ? GLY A 119 THR A 126 
AA2 5 LEU A 131 ? ASP A 136 ? LEU A 131 ASP A 136 
AA2 6 ARG A 93  ? VAL A 102 ? ARG A 93  VAL A 102 
AA2 7 SER A 80  ? VAL A 84  ? SER A 80  VAL A 84  
# 
loop_
_pdbx_struct_sheet_hbond.sheet_id 
_pdbx_struct_sheet_hbond.range_id_1 
_pdbx_struct_sheet_hbond.range_id_2 
_pdbx_struct_sheet_hbond.range_1_label_atom_id 
_pdbx_struct_sheet_hbond.range_1_label_comp_id 
_pdbx_struct_sheet_hbond.range_1_label_asym_id 
_pdbx_struct_sheet_hbond.range_1_label_seq_id 
_pdbx_struct_sheet_hbond.range_1_PDB_ins_code 
_pdbx_struct_sheet_hbond.range_1_auth_atom_id 
_pdbx_struct_sheet_hbond.range_1_auth_comp_id 
_pdbx_struct_sheet_hbond.range_1_auth_asym_id 
_pdbx_struct_sheet_hbond.range_1_auth_seq_id 
_pdbx_struct_sheet_hbond.range_2_label_atom_id 
_pdbx_struct_sheet_hbond.range_2_label_comp_id 
_pdbx_struct_sheet_hbond.range_2_label_asym_id 
_pdbx_struct_sheet_hbond.range_2_label_seq_id 
_pdbx_struct_sheet_hbond.range_2_PDB_ins_code 
_pdbx_struct_sheet_hbond.range_2_auth_atom_id 
_pdbx_struct_sheet_hbond.range_2_auth_comp_id 
_pdbx_struct_sheet_hbond.range_2_auth_asym_id 
_pdbx_struct_sheet_hbond.range_2_auth_seq_id 
AA1 1 2 N ILE A 10  ? N ILE A 10  O VAL A 17  ? O VAL A 17  
AA1 2 3 N VAL A 18  ? N VAL A 18  O LEU A 41  ? O LEU A 41  
AA1 3 4 O VAL A 42  ? O VAL A 42  N TRP A 33  ? N TRP A 33  
AA2 1 2 O LYS A 70  ? O LYS A 70  N CYS A 65  ? N CYS A 65  
AA2 2 3 N VAL A 62  ? N VAL A 62  O ARG A 115 ? O ARG A 115 
AA2 3 4 N LEU A 114 ? N LEU A 114 O VAL A 121 ? O VAL A 121 
AA2 4 5 N SER A 125 ? N SER A 125 O GLY A 133 ? O GLY A 133 
AA2 5 6 O PHE A 134 ? O PHE A 134 N MET A 99  ? N MET A 99  
AA2 6 7 O ARG A 93  ? O ARG A 93  N VAL A 84  ? N VAL A 84  
# 
_pdbx_entry_details.entry_id                   7H47 
_pdbx_entry_details.compound_details           ? 
_pdbx_entry_details.source_details             ? 
_pdbx_entry_details.nonpolymer_details         ? 
_pdbx_entry_details.sequence_details           ? 
_pdbx_entry_details.has_ligand_of_interest     ? 
_pdbx_entry_details.has_protein_modification   N 
# 
loop_
_pdbx_validate_close_contact.id 
_pdbx_validate_close_contact.PDB_model_num 
_pdbx_validate_close_contact.auth_atom_id_1 
_pdbx_validate_close_contact.auth_asym_id_1 
_pdbx_validate_close_contact.auth_comp_id_1 
_pdbx_validate_close_contact.auth_seq_id_1 
_pdbx_validate_close_contact.PDB_ins_code_1 
_pdbx_validate_close_contact.label_alt_id_1 
_pdbx_validate_close_contact.auth_atom_id_2 
_pdbx_validate_close_contact.auth_asym_id_2 
_pdbx_validate_close_contact.auth_comp_id_2 
_pdbx_validate_close_contact.auth_seq_id_2 
_pdbx_validate_close_contact.PDB_ins_code_2 
_pdbx_validate_close_contact.label_alt_id_2 
_pdbx_validate_close_contact.dist 
1 1 O A HOH 465 ? ? O A HOH 569 ? ? 1.93 
2 1 O A HOH 308 ? ? O A HOH 473 ? ? 1.96 
3 1 O A HOH 302 ? ? O A HOH 314 ? ? 2.00 
4 1 O A HOH 530 ? ? O A HOH 595 ? ? 2.01 
5 1 O A HOH 388 ? ? O A HOH 567 ? ? 2.02 
6 1 O A HOH 351 ? ? O A HOH 418 ? ? 2.08 
7 1 O A HOH 462 ? ? O A HOH 560 ? ? 2.09 
8 1 O A HOH 307 ? ? O A HOH 438 ? ? 2.16 
# 
loop_
_pdbx_validate_symm_contact.id 
_pdbx_validate_symm_contact.PDB_model_num 
_pdbx_validate_symm_contact.auth_atom_id_1 
_pdbx_validate_symm_contact.auth_asym_id_1 
_pdbx_validate_symm_contact.auth_comp_id_1 
_pdbx_validate_symm_contact.auth_seq_id_1 
_pdbx_validate_symm_contact.PDB_ins_code_1 
_pdbx_validate_symm_contact.label_alt_id_1 
_pdbx_validate_symm_contact.site_symmetry_1 
_pdbx_validate_symm_contact.auth_atom_id_2 
_pdbx_validate_symm_contact.auth_asym_id_2 
_pdbx_validate_symm_contact.auth_comp_id_2 
_pdbx_validate_symm_contact.auth_seq_id_2 
_pdbx_validate_symm_contact.PDB_ins_code_2 
_pdbx_validate_symm_contact.label_alt_id_2 
_pdbx_validate_symm_contact.site_symmetry_2 
_pdbx_validate_symm_contact.dist 
1 1 O  A HOH 496 ? ? 1_555 O  A HOH 496 ? ? 2_556 0.88 
2 1 O3 A SO4 209 ? ? 1_555 O3 A SO4 209 ? ? 2_556 1.95 
3 1 O  A HOH 487 ? ? 1_555 O  A HOH 514 ? ? 4_546 2.17 
# 
loop_
_pdbx_distant_solvent_atoms.id 
_pdbx_distant_solvent_atoms.PDB_model_num 
_pdbx_distant_solvent_atoms.auth_atom_id 
_pdbx_distant_solvent_atoms.label_alt_id 
_pdbx_distant_solvent_atoms.auth_asym_id 
_pdbx_distant_solvent_atoms.auth_comp_id 
_pdbx_distant_solvent_atoms.auth_seq_id 
_pdbx_distant_solvent_atoms.PDB_ins_code 
_pdbx_distant_solvent_atoms.neighbor_macromolecule_distance 
_pdbx_distant_solvent_atoms.neighbor_ligand_distance 
1 1 O ? A HOH 609 ? 6.40 . 
2 1 O ? A HOH 610 ? 7.02 . 
3 1 O ? A HOH 611 ? 7.98 . 
# 
loop_
_pdbx_unobs_or_zero_occ_residues.id 
_pdbx_unobs_or_zero_occ_residues.PDB_model_num 
_pdbx_unobs_or_zero_occ_residues.polymer_flag 
_pdbx_unobs_or_zero_occ_residues.occupancy_flag 
_pdbx_unobs_or_zero_occ_residues.auth_asym_id 
_pdbx_unobs_or_zero_occ_residues.auth_comp_id 
_pdbx_unobs_or_zero_occ_residues.auth_seq_id 
_pdbx_unobs_or_zero_occ_residues.PDB_ins_code 
_pdbx_unobs_or_zero_occ_residues.label_asym_id 
_pdbx_unobs_or_zero_occ_residues.label_comp_id 
_pdbx_unobs_or_zero_occ_residues.label_seq_id 
1  1 Y 1 A GLN 1   ? A GLN 1   
2  1 Y 1 A GLU 2   ? A GLU 2   
3  1 Y 1 A GLN 3   ? A GLN 3   
4  1 Y 1 A THR 4   ? A THR 4   
5  1 Y 1 A GLY 5   ? A GLY 5   
6  1 Y 1 A GLY 6   ? A GLY 6   
7  1 Y 1 A ALA 147 ? A ALA 147 
8  1 Y 1 A MET 148 ? A MET 148 
9  1 Y 1 A GLU 149 ? A GLU 149 
10 1 Y 1 A GLN 150 ? A GLN 150 
# 
loop_
_chem_comp_atom.comp_id 
_chem_comp_atom.atom_id 
_chem_comp_atom.type_symbol 
_chem_comp_atom.pdbx_aromatic_flag 
_chem_comp_atom.pdbx_stereo_config 
_chem_comp_atom.pdbx_ordinal 
ALA N    N  N N 1   
ALA CA   C  N S 2   
ALA C    C  N N 3   
ALA O    O  N N 4   
ALA CB   C  N N 5   
ALA OXT  O  N N 6   
ALA H    H  N N 7   
ALA H2   H  N N 8   
ALA HA   H  N N 9   
ALA HB1  H  N N 10  
ALA HB2  H  N N 11  
ALA HB3  H  N N 12  
ALA HXT  H  N N 13  
ARG N    N  N N 14  
ARG CA   C  N S 15  
ARG C    C  N N 16  
ARG O    O  N N 17  
ARG CB   C  N N 18  
ARG CG   C  N N 19  
ARG CD   C  N N 20  
ARG NE   N  N N 21  
ARG CZ   C  N N 22  
ARG NH1  N  N N 23  
ARG NH2  N  N N 24  
ARG OXT  O  N N 25  
ARG H    H  N N 26  
ARG H2   H  N N 27  
ARG HA   H  N N 28  
ARG HB2  H  N N 29  
ARG HB3  H  N N 30  
ARG HG2  H  N N 31  
ARG HG3  H  N N 32  
ARG HD2  H  N N 33  
ARG HD3  H  N N 34  
ARG HE   H  N N 35  
ARG HH11 H  N N 36  
ARG HH12 H  N N 37  
ARG HH21 H  N N 38  
ARG HH22 H  N N 39  
ARG HXT  H  N N 40  
ASN N    N  N N 41  
ASN CA   C  N S 42  
ASN C    C  N N 43  
ASN O    O  N N 44  
ASN CB   C  N N 45  
ASN CG   C  N N 46  
ASN OD1  O  N N 47  
ASN ND2  N  N N 48  
ASN OXT  O  N N 49  
ASN H    H  N N 50  
ASN H2   H  N N 51  
ASN HA   H  N N 52  
ASN HB2  H  N N 53  
ASN HB3  H  N N 54  
ASN HD21 H  N N 55  
ASN HD22 H  N N 56  
ASN HXT  H  N N 57  
ASP N    N  N N 58  
ASP CA   C  N S 59  
ASP C    C  N N 60  
ASP O    O  N N 61  
ASP CB   C  N N 62  
ASP CG   C  N N 63  
ASP OD1  O  N N 64  
ASP OD2  O  N N 65  
ASP OXT  O  N N 66  
ASP H    H  N N 67  
ASP H2   H  N N 68  
ASP HA   H  N N 69  
ASP HB2  H  N N 70  
ASP HB3  H  N N 71  
ASP HD2  H  N N 72  
ASP HXT  H  N N 73  
CYS N    N  N N 74  
CYS CA   C  N R 75  
CYS C    C  N N 76  
CYS O    O  N N 77  
CYS CB   C  N N 78  
CYS SG   S  N N 79  
CYS OXT  O  N N 80  
CYS H    H  N N 81  
CYS H2   H  N N 82  
CYS HA   H  N N 83  
CYS HB2  H  N N 84  
CYS HB3  H  N N 85  
CYS HG   H  N N 86  
CYS HXT  H  N N 87  
DMS S    S  N N 88  
DMS O    O  N N 89  
DMS C1   C  N N 90  
DMS C2   C  N N 91  
DMS H11  H  N N 92  
DMS H12  H  N N 93  
DMS H13  H  N N 94  
DMS H21  H  N N 95  
DMS H22  H  N N 96  
DMS H23  H  N N 97  
GLN N    N  N N 98  
GLN CA   C  N S 99  
GLN C    C  N N 100 
GLN O    O  N N 101 
GLN CB   C  N N 102 
GLN CG   C  N N 103 
GLN CD   C  N N 104 
GLN OE1  O  N N 105 
GLN NE2  N  N N 106 
GLN OXT  O  N N 107 
GLN H    H  N N 108 
GLN H2   H  N N 109 
GLN HA   H  N N 110 
GLN HB2  H  N N 111 
GLN HB3  H  N N 112 
GLN HG2  H  N N 113 
GLN HG3  H  N N 114 
GLN HE21 H  N N 115 
GLN HE22 H  N N 116 
GLN HXT  H  N N 117 
GLU N    N  N N 118 
GLU CA   C  N S 119 
GLU C    C  N N 120 
GLU O    O  N N 121 
GLU CB   C  N N 122 
GLU CG   C  N N 123 
GLU CD   C  N N 124 
GLU OE1  O  N N 125 
GLU OE2  O  N N 126 
GLU OXT  O  N N 127 
GLU H    H  N N 128 
GLU H2   H  N N 129 
GLU HA   H  N N 130 
GLU HB2  H  N N 131 
GLU HB3  H  N N 132 
GLU HG2  H  N N 133 
GLU HG3  H  N N 134 
GLU HE2  H  N N 135 
GLU HXT  H  N N 136 
GLY N    N  N N 137 
GLY CA   C  N N 138 
GLY C    C  N N 139 
GLY O    O  N N 140 
GLY OXT  O  N N 141 
GLY H    H  N N 142 
GLY H2   H  N N 143 
GLY HA2  H  N N 144 
GLY HA3  H  N N 145 
GLY HXT  H  N N 146 
HIS N    N  N N 147 
HIS CA   C  N S 148 
HIS C    C  N N 149 
HIS O    O  N N 150 
HIS CB   C  N N 151 
HIS CG   C  Y N 152 
HIS ND1  N  Y N 153 
HIS CD2  C  Y N 154 
HIS CE1  C  Y N 155 
HIS NE2  N  Y N 156 
HIS OXT  O  N N 157 
HIS H    H  N N 158 
HIS H2   H  N N 159 
HIS HA   H  N N 160 
HIS HB2  H  N N 161 
HIS HB3  H  N N 162 
HIS HD1  H  N N 163 
HIS HD2  H  N N 164 
HIS HE1  H  N N 165 
HIS HE2  H  N N 166 
HIS HXT  H  N N 167 
HOH O    O  N N 168 
HOH H1   H  N N 169 
HOH H2   H  N N 170 
ILE N    N  N N 171 
ILE CA   C  N S 172 
ILE C    C  N N 173 
ILE O    O  N N 174 
ILE CB   C  N S 175 
ILE CG1  C  N N 176 
ILE CG2  C  N N 177 
ILE CD1  C  N N 178 
ILE OXT  O  N N 179 
ILE H    H  N N 180 
ILE H2   H  N N 181 
ILE HA   H  N N 182 
ILE HB   H  N N 183 
ILE HG12 H  N N 184 
ILE HG13 H  N N 185 
ILE HG21 H  N N 186 
ILE HG22 H  N N 187 
ILE HG23 H  N N 188 
ILE HD11 H  N N 189 
ILE HD12 H  N N 190 
ILE HD13 H  N N 191 
ILE HXT  H  N N 192 
LEU N    N  N N 193 
LEU CA   C  N S 194 
LEU C    C  N N 195 
LEU O    O  N N 196 
LEU CB   C  N N 197 
LEU CG   C  N N 198 
LEU CD1  C  N N 199 
LEU CD2  C  N N 200 
LEU OXT  O  N N 201 
LEU H    H  N N 202 
LEU H2   H  N N 203 
LEU HA   H  N N 204 
LEU HB2  H  N N 205 
LEU HB3  H  N N 206 
LEU HG   H  N N 207 
LEU HD11 H  N N 208 
LEU HD12 H  N N 209 
LEU HD13 H  N N 210 
LEU HD21 H  N N 211 
LEU HD22 H  N N 212 
LEU HD23 H  N N 213 
LEU HXT  H  N N 214 
LYS N    N  N N 215 
LYS CA   C  N S 216 
LYS C    C  N N 217 
LYS O    O  N N 218 
LYS CB   C  N N 219 
LYS CG   C  N N 220 
LYS CD   C  N N 221 
LYS CE   C  N N 222 
LYS NZ   N  N N 223 
LYS OXT  O  N N 224 
LYS H    H  N N 225 
LYS H2   H  N N 226 
LYS HA   H  N N 227 
LYS HB2  H  N N 228 
LYS HB3  H  N N 229 
LYS HG2  H  N N 230 
LYS HG3  H  N N 231 
LYS HD2  H  N N 232 
LYS HD3  H  N N 233 
LYS HE2  H  N N 234 
LYS HE3  H  N N 235 
LYS HZ1  H  N N 236 
LYS HZ2  H  N N 237 
LYS HZ3  H  N N 238 
LYS HXT  H  N N 239 
MET N    N  N N 240 
MET CA   C  N S 241 
MET C    C  N N 242 
MET O    O  N N 243 
MET CB   C  N N 244 
MET CG   C  N N 245 
MET SD   S  N N 246 
MET CE   C  N N 247 
MET OXT  O  N N 248 
MET H    H  N N 249 
MET H2   H  N N 250 
MET HA   H  N N 251 
MET HB2  H  N N 252 
MET HB3  H  N N 253 
MET HG2  H  N N 254 
MET HG3  H  N N 255 
MET HE1  H  N N 256 
MET HE2  H  N N 257 
MET HE3  H  N N 258 
MET HXT  H  N N 259 
PHE N    N  N N 260 
PHE CA   C  N S 261 
PHE C    C  N N 262 
PHE O    O  N N 263 
PHE CB   C  N N 264 
PHE CG   C  Y N 265 
PHE CD1  C  Y N 266 
PHE CD2  C  Y N 267 
PHE CE1  C  Y N 268 
PHE CE2  C  Y N 269 
PHE CZ   C  Y N 270 
PHE OXT  O  N N 271 
PHE H    H  N N 272 
PHE H2   H  N N 273 
PHE HA   H  N N 274 
PHE HB2  H  N N 275 
PHE HB3  H  N N 276 
PHE HD1  H  N N 277 
PHE HD2  H  N N 278 
PHE HE1  H  N N 279 
PHE HE2  H  N N 280 
PHE HZ   H  N N 281 
PHE HXT  H  N N 282 
PRO N    N  N N 283 
PRO CA   C  N S 284 
PRO C    C  N N 285 
PRO O    O  N N 286 
PRO CB   C  N N 287 
PRO CG   C  N N 288 
PRO CD   C  N N 289 
PRO OXT  O  N N 290 
PRO H    H  N N 291 
PRO HA   H  N N 292 
PRO HB2  H  N N 293 
PRO HB3  H  N N 294 
PRO HG2  H  N N 295 
PRO HG3  H  N N 296 
PRO HD2  H  N N 297 
PRO HD3  H  N N 298 
PRO HXT  H  N N 299 
SER N    N  N N 300 
SER CA   C  N S 301 
SER C    C  N N 302 
SER O    O  N N 303 
SER CB   C  N N 304 
SER OG   O  N N 305 
SER OXT  O  N N 306 
SER H    H  N N 307 
SER H2   H  N N 308 
SER HA   H  N N 309 
SER HB2  H  N N 310 
SER HB3  H  N N 311 
SER HG   H  N N 312 
SER HXT  H  N N 313 
SO4 S    S  N N 314 
SO4 O1   O  N N 315 
SO4 O2   O  N N 316 
SO4 O3   O  N N 317 
SO4 O4   O  N N 318 
THR N    N  N N 319 
THR CA   C  N S 320 
THR C    C  N N 321 
THR O    O  N N 322 
THR CB   C  N R 323 
THR OG1  O  N N 324 
THR CG2  C  N N 325 
THR OXT  O  N N 326 
THR H    H  N N 327 
THR H2   H  N N 328 
THR HA   H  N N 329 
THR HB   H  N N 330 
THR HG1  H  N N 331 
THR HG21 H  N N 332 
THR HG22 H  N N 333 
THR HG23 H  N N 334 
THR HXT  H  N N 335 
TRP N    N  N N 336 
TRP CA   C  N S 337 
TRP C    C  N N 338 
TRP O    O  N N 339 
TRP CB   C  N N 340 
TRP CG   C  Y N 341 
TRP CD1  C  Y N 342 
TRP CD2  C  Y N 343 
TRP NE1  N  Y N 344 
TRP CE2  C  Y N 345 
TRP CE3  C  Y N 346 
TRP CZ2  C  Y N 347 
TRP CZ3  C  Y N 348 
TRP CH2  C  Y N 349 
TRP OXT  O  N N 350 
TRP H    H  N N 351 
TRP H2   H  N N 352 
TRP HA   H  N N 353 
TRP HB2  H  N N 354 
TRP HB3  H  N N 355 
TRP HD1  H  N N 356 
TRP HE1  H  N N 357 
TRP HE3  H  N N 358 
TRP HZ2  H  N N 359 
TRP HZ3  H  N N 360 
TRP HH2  H  N N 361 
TRP HXT  H  N N 362 
TYR N    N  N N 363 
TYR CA   C  N S 364 
TYR C    C  N N 365 
TYR O    O  N N 366 
TYR CB   C  N N 367 
TYR CG   C  Y N 368 
TYR CD1  C  Y N 369 
TYR CD2  C  Y N 370 
TYR CE1  C  Y N 371 
TYR CE2  C  Y N 372 
TYR CZ   C  Y N 373 
TYR OH   O  N N 374 
TYR OXT  O  N N 375 
TYR H    H  N N 376 
TYR H2   H  N N 377 
TYR HA   H  N N 378 
TYR HB2  H  N N 379 
TYR HB3  H  N N 380 
TYR HD1  H  N N 381 
TYR HD2  H  N N 382 
TYR HE1  H  N N 383 
TYR HE2  H  N N 384 
TYR HH   H  N N 385 
TYR HXT  H  N N 386 
VAL N    N  N N 387 
VAL CA   C  N S 388 
VAL C    C  N N 389 
VAL O    O  N N 390 
VAL CB   C  N N 391 
VAL CG1  C  N N 392 
VAL CG2  C  N N 393 
VAL OXT  O  N N 394 
VAL H    H  N N 395 
VAL H2   H  N N 396 
VAL HA   H  N N 397 
VAL HB   H  N N 398 
VAL HG11 H  N N 399 
VAL HG12 H  N N 400 
VAL HG13 H  N N 401 
VAL HG21 H  N N 402 
VAL HG22 H  N N 403 
VAL HG23 H  N N 404 
VAL HXT  H  N N 405 
Z5C N1   N  N N 406 
Z5C C4   C  Y N 407 
Z5C C5   C  N N 408 
Z5C O2   O  N N 409 
Z5C C3   C  Y N 410 
Z5C N    N  Y N 411 
Z5C O1   O  Y N 412 
Z5C C2   C  Y N 413 
Z5C C1   C  N N 414 
Z5C O    O  N N 415 
Z5C C    C  N N 416 
Z5C H1   H  N N 417 
Z5C H2   H  N N 418 
Z5C H3   H  N N 419 
Z5C H4   H  N N 420 
Z5C H5   H  N N 421 
Z5C H6   H  N N 422 
Z5C H7   H  N N 423 
Z5C H8   H  N N 424 
ZN  ZN   ZN N N 425 
# 
loop_
_chem_comp_bond.comp_id 
_chem_comp_bond.atom_id_1 
_chem_comp_bond.atom_id_2 
_chem_comp_bond.value_order 
_chem_comp_bond.pdbx_aromatic_flag 
_chem_comp_bond.pdbx_stereo_config 
_chem_comp_bond.pdbx_ordinal 
ALA N   CA   sing N N 1   
ALA N   H    sing N N 2   
ALA N   H2   sing N N 3   
ALA CA  C    sing N N 4   
ALA CA  CB   sing N N 5   
ALA CA  HA   sing N N 6   
ALA C   O    doub N N 7   
ALA C   OXT  sing N N 8   
ALA CB  HB1  sing N N 9   
ALA CB  HB2  sing N N 10  
ALA CB  HB3  sing N N 11  
ALA OXT HXT  sing N N 12  
ARG N   CA   sing N N 13  
ARG N   H    sing N N 14  
ARG N   H2   sing N N 15  
ARG CA  C    sing N N 16  
ARG CA  CB   sing N N 17  
ARG CA  HA   sing N N 18  
ARG C   O    doub N N 19  
ARG C   OXT  sing N N 20  
ARG CB  CG   sing N N 21  
ARG CB  HB2  sing N N 22  
ARG CB  HB3  sing N N 23  
ARG CG  CD   sing N N 24  
ARG CG  HG2  sing N N 25  
ARG CG  HG3  sing N N 26  
ARG CD  NE   sing N N 27  
ARG CD  HD2  sing N N 28  
ARG CD  HD3  sing N N 29  
ARG NE  CZ   sing N N 30  
ARG NE  HE   sing N N 31  
ARG CZ  NH1  sing N N 32  
ARG CZ  NH2  doub N N 33  
ARG NH1 HH11 sing N N 34  
ARG NH1 HH12 sing N N 35  
ARG NH2 HH21 sing N N 36  
ARG NH2 HH22 sing N N 37  
ARG OXT HXT  sing N N 38  
ASN N   CA   sing N N 39  
ASN N   H    sing N N 40  
ASN N   H2   sing N N 41  
ASN CA  C    sing N N 42  
ASN CA  CB   sing N N 43  
ASN CA  HA   sing N N 44  
ASN C   O    doub N N 45  
ASN C   OXT  sing N N 46  
ASN CB  CG   sing N N 47  
ASN CB  HB2  sing N N 48  
ASN CB  HB3  sing N N 49  
ASN CG  OD1  doub N N 50  
ASN CG  ND2  sing N N 51  
ASN ND2 HD21 sing N N 52  
ASN ND2 HD22 sing N N 53  
ASN OXT HXT  sing N N 54  
ASP N   CA   sing N N 55  
ASP N   H    sing N N 56  
ASP N   H2   sing N N 57  
ASP CA  C    sing N N 58  
ASP CA  CB   sing N N 59  
ASP CA  HA   sing N N 60  
ASP C   O    doub N N 61  
ASP C   OXT  sing N N 62  
ASP CB  CG   sing N N 63  
ASP CB  HB2  sing N N 64  
ASP CB  HB3  sing N N 65  
ASP CG  OD1  doub N N 66  
ASP CG  OD2  sing N N 67  
ASP OD2 HD2  sing N N 68  
ASP OXT HXT  sing N N 69  
CYS N   CA   sing N N 70  
CYS N   H    sing N N 71  
CYS N   H2   sing N N 72  
CYS CA  C    sing N N 73  
CYS CA  CB   sing N N 74  
CYS CA  HA   sing N N 75  
CYS C   O    doub N N 76  
CYS C   OXT  sing N N 77  
CYS CB  SG   sing N N 78  
CYS CB  HB2  sing N N 79  
CYS CB  HB3  sing N N 80  
CYS SG  HG   sing N N 81  
CYS OXT HXT  sing N N 82  
DMS S   O    doub N N 83  
DMS S   C1   sing N N 84  
DMS S   C2   sing N N 85  
DMS C1  H11  sing N N 86  
DMS C1  H12  sing N N 87  
DMS C1  H13  sing N N 88  
DMS C2  H21  sing N N 89  
DMS C2  H22  sing N N 90  
DMS C2  H23  sing N N 91  
GLN N   CA   sing N N 92  
GLN N   H    sing N N 93  
GLN N   H2   sing N N 94  
GLN CA  C    sing N N 95  
GLN CA  CB   sing N N 96  
GLN CA  HA   sing N N 97  
GLN C   O    doub N N 98  
GLN C   OXT  sing N N 99  
GLN CB  CG   sing N N 100 
GLN CB  HB2  sing N N 101 
GLN CB  HB3  sing N N 102 
GLN CG  CD   sing N N 103 
GLN CG  HG2  sing N N 104 
GLN CG  HG3  sing N N 105 
GLN CD  OE1  doub N N 106 
GLN CD  NE2  sing N N 107 
GLN NE2 HE21 sing N N 108 
GLN NE2 HE22 sing N N 109 
GLN OXT HXT  sing N N 110 
GLU N   CA   sing N N 111 
GLU N   H    sing N N 112 
GLU N   H2   sing N N 113 
GLU CA  C    sing N N 114 
GLU CA  CB   sing N N 115 
GLU CA  HA   sing N N 116 
GLU C   O    doub N N 117 
GLU C   OXT  sing N N 118 
GLU CB  CG   sing N N 119 
GLU CB  HB2  sing N N 120 
GLU CB  HB3  sing N N 121 
GLU CG  CD   sing N N 122 
GLU CG  HG2  sing N N 123 
GLU CG  HG3  sing N N 124 
GLU CD  OE1  doub N N 125 
GLU CD  OE2  sing N N 126 
GLU OE2 HE2  sing N N 127 
GLU OXT HXT  sing N N 128 
GLY N   CA   sing N N 129 
GLY N   H    sing N N 130 
GLY N   H2   sing N N 131 
GLY CA  C    sing N N 132 
GLY CA  HA2  sing N N 133 
GLY CA  HA3  sing N N 134 
GLY C   O    doub N N 135 
GLY C   OXT  sing N N 136 
GLY OXT HXT  sing N N 137 
HIS N   CA   sing N N 138 
HIS N   H    sing N N 139 
HIS N   H2   sing N N 140 
HIS CA  C    sing N N 141 
HIS CA  CB   sing N N 142 
HIS CA  HA   sing N N 143 
HIS C   O    doub N N 144 
HIS C   OXT  sing N N 145 
HIS CB  CG   sing N N 146 
HIS CB  HB2  sing N N 147 
HIS CB  HB3  sing N N 148 
HIS CG  ND1  sing Y N 149 
HIS CG  CD2  doub Y N 150 
HIS ND1 CE1  doub Y N 151 
HIS ND1 HD1  sing N N 152 
HIS CD2 NE2  sing Y N 153 
HIS CD2 HD2  sing N N 154 
HIS CE1 NE2  sing Y N 155 
HIS CE1 HE1  sing N N 156 
HIS NE2 HE2  sing N N 157 
HIS OXT HXT  sing N N 158 
HOH O   H1   sing N N 159 
HOH O   H2   sing N N 160 
ILE N   CA   sing N N 161 
ILE N   H    sing N N 162 
ILE N   H2   sing N N 163 
ILE CA  C    sing N N 164 
ILE CA  CB   sing N N 165 
ILE CA  HA   sing N N 166 
ILE C   O    doub N N 167 
ILE C   OXT  sing N N 168 
ILE CB  CG1  sing N N 169 
ILE CB  CG2  sing N N 170 
ILE CB  HB   sing N N 171 
ILE CG1 CD1  sing N N 172 
ILE CG1 HG12 sing N N 173 
ILE CG1 HG13 sing N N 174 
ILE CG2 HG21 sing N N 175 
ILE CG2 HG22 sing N N 176 
ILE CG2 HG23 sing N N 177 
ILE CD1 HD11 sing N N 178 
ILE CD1 HD12 sing N N 179 
ILE CD1 HD13 sing N N 180 
ILE OXT HXT  sing N N 181 
LEU N   CA   sing N N 182 
LEU N   H    sing N N 183 
LEU N   H2   sing N N 184 
LEU CA  C    sing N N 185 
LEU CA  CB   sing N N 186 
LEU CA  HA   sing N N 187 
LEU C   O    doub N N 188 
LEU C   OXT  sing N N 189 
LEU CB  CG   sing N N 190 
LEU CB  HB2  sing N N 191 
LEU CB  HB3  sing N N 192 
LEU CG  CD1  sing N N 193 
LEU CG  CD2  sing N N 194 
LEU CG  HG   sing N N 195 
LEU CD1 HD11 sing N N 196 
LEU CD1 HD12 sing N N 197 
LEU CD1 HD13 sing N N 198 
LEU CD2 HD21 sing N N 199 
LEU CD2 HD22 sing N N 200 
LEU CD2 HD23 sing N N 201 
LEU OXT HXT  sing N N 202 
LYS N   CA   sing N N 203 
LYS N   H    sing N N 204 
LYS N   H2   sing N N 205 
LYS CA  C    sing N N 206 
LYS CA  CB   sing N N 207 
LYS CA  HA   sing N N 208 
LYS C   O    doub N N 209 
LYS C   OXT  sing N N 210 
LYS CB  CG   sing N N 211 
LYS CB  HB2  sing N N 212 
LYS CB  HB3  sing N N 213 
LYS CG  CD   sing N N 214 
LYS CG  HG2  sing N N 215 
LYS CG  HG3  sing N N 216 
LYS CD  CE   sing N N 217 
LYS CD  HD2  sing N N 218 
LYS CD  HD3  sing N N 219 
LYS CE  NZ   sing N N 220 
LYS CE  HE2  sing N N 221 
LYS CE  HE3  sing N N 222 
LYS NZ  HZ1  sing N N 223 
LYS NZ  HZ2  sing N N 224 
LYS NZ  HZ3  sing N N 225 
LYS OXT HXT  sing N N 226 
MET N   CA   sing N N 227 
MET N   H    sing N N 228 
MET N   H2   sing N N 229 
MET CA  C    sing N N 230 
MET CA  CB   sing N N 231 
MET CA  HA   sing N N 232 
MET C   O    doub N N 233 
MET C   OXT  sing N N 234 
MET CB  CG   sing N N 235 
MET CB  HB2  sing N N 236 
MET CB  HB3  sing N N 237 
MET CG  SD   sing N N 238 
MET CG  HG2  sing N N 239 
MET CG  HG3  sing N N 240 
MET SD  CE   sing N N 241 
MET CE  HE1  sing N N 242 
MET CE  HE2  sing N N 243 
MET CE  HE3  sing N N 244 
MET OXT HXT  sing N N 245 
PHE N   CA   sing N N 246 
PHE N   H    sing N N 247 
PHE N   H2   sing N N 248 
PHE CA  C    sing N N 249 
PHE CA  CB   sing N N 250 
PHE CA  HA   sing N N 251 
PHE C   O    doub N N 252 
PHE C   OXT  sing N N 253 
PHE CB  CG   sing N N 254 
PHE CB  HB2  sing N N 255 
PHE CB  HB3  sing N N 256 
PHE CG  CD1  doub Y N 257 
PHE CG  CD2  sing Y N 258 
PHE CD1 CE1  sing Y N 259 
PHE CD1 HD1  sing N N 260 
PHE CD2 CE2  doub Y N 261 
PHE CD2 HD2  sing N N 262 
PHE CE1 CZ   doub Y N 263 
PHE CE1 HE1  sing N N 264 
PHE CE2 CZ   sing Y N 265 
PHE CE2 HE2  sing N N 266 
PHE CZ  HZ   sing N N 267 
PHE OXT HXT  sing N N 268 
PRO N   CA   sing N N 269 
PRO N   CD   sing N N 270 
PRO N   H    sing N N 271 
PRO CA  C    sing N N 272 
PRO CA  CB   sing N N 273 
PRO CA  HA   sing N N 274 
PRO C   O    doub N N 275 
PRO C   OXT  sing N N 276 
PRO CB  CG   sing N N 277 
PRO CB  HB2  sing N N 278 
PRO CB  HB3  sing N N 279 
PRO CG  CD   sing N N 280 
PRO CG  HG2  sing N N 281 
PRO CG  HG3  sing N N 282 
PRO CD  HD2  sing N N 283 
PRO CD  HD3  sing N N 284 
PRO OXT HXT  sing N N 285 
SER N   CA   sing N N 286 
SER N   H    sing N N 287 
SER N   H2   sing N N 288 
SER CA  C    sing N N 289 
SER CA  CB   sing N N 290 
SER CA  HA   sing N N 291 
SER C   O    doub N N 292 
SER C   OXT  sing N N 293 
SER CB  OG   sing N N 294 
SER CB  HB2  sing N N 295 
SER CB  HB3  sing N N 296 
SER OG  HG   sing N N 297 
SER OXT HXT  sing N N 298 
SO4 S   O1   doub N N 299 
SO4 S   O2   doub N N 300 
SO4 S   O3   sing N N 301 
SO4 S   O4   sing N N 302 
THR N   CA   sing N N 303 
THR N   H    sing N N 304 
THR N   H2   sing N N 305 
THR CA  C    sing N N 306 
THR CA  CB   sing N N 307 
THR CA  HA   sing N N 308 
THR C   O    doub N N 309 
THR C   OXT  sing N N 310 
THR CB  OG1  sing N N 311 
THR CB  CG2  sing N N 312 
THR CB  HB   sing N N 313 
THR OG1 HG1  sing N N 314 
THR CG2 HG21 sing N N 315 
THR CG2 HG22 sing N N 316 
THR CG2 HG23 sing N N 317 
THR OXT HXT  sing N N 318 
TRP N   CA   sing N N 319 
TRP N   H    sing N N 320 
TRP N   H2   sing N N 321 
TRP CA  C    sing N N 322 
TRP CA  CB   sing N N 323 
TRP CA  HA   sing N N 324 
TRP C   O    doub N N 325 
TRP C   OXT  sing N N 326 
TRP CB  CG   sing N N 327 
TRP CB  HB2  sing N N 328 
TRP CB  HB3  sing N N 329 
TRP CG  CD1  doub Y N 330 
TRP CG  CD2  sing Y N 331 
TRP CD1 NE1  sing Y N 332 
TRP CD1 HD1  sing N N 333 
TRP CD2 CE2  doub Y N 334 
TRP CD2 CE3  sing Y N 335 
TRP NE1 CE2  sing Y N 336 
TRP NE1 HE1  sing N N 337 
TRP CE2 CZ2  sing Y N 338 
TRP CE3 CZ3  doub Y N 339 
TRP CE3 HE3  sing N N 340 
TRP CZ2 CH2  doub Y N 341 
TRP CZ2 HZ2  sing N N 342 
TRP CZ3 CH2  sing Y N 343 
TRP CZ3 HZ3  sing N N 344 
TRP CH2 HH2  sing N N 345 
TRP OXT HXT  sing N N 346 
TYR N   CA   sing N N 347 
TYR N   H    sing N N 348 
TYR N   H2   sing N N 349 
TYR CA  C    sing N N 350 
TYR CA  CB   sing N N 351 
TYR CA  HA   sing N N 352 
TYR C   O    doub N N 353 
TYR C   OXT  sing N N 354 
TYR CB  CG   sing N N 355 
TYR CB  HB2  sing N N 356 
TYR CB  HB3  sing N N 357 
TYR CG  CD1  doub Y N 358 
TYR CG  CD2  sing Y N 359 
TYR CD1 CE1  sing Y N 360 
TYR CD1 HD1  sing N N 361 
TYR CD2 CE2  doub Y N 362 
TYR CD2 HD2  sing N N 363 
TYR CE1 CZ   doub Y N 364 
TYR CE1 HE1  sing N N 365 
TYR CE2 CZ   sing Y N 366 
TYR CE2 HE2  sing N N 367 
TYR CZ  OH   sing N N 368 
TYR OH  HH   sing N N 369 
TYR OXT HXT  sing N N 370 
VAL N   CA   sing N N 371 
VAL N   H    sing N N 372 
VAL N   H2   sing N N 373 
VAL CA  C    sing N N 374 
VAL CA  CB   sing N N 375 
VAL CA  HA   sing N N 376 
VAL C   O    doub N N 377 
VAL C   OXT  sing N N 378 
VAL CB  CG1  sing N N 379 
VAL CB  CG2  sing N N 380 
VAL CB  HB   sing N N 381 
VAL CG1 HG11 sing N N 382 
VAL CG1 HG12 sing N N 383 
VAL CG1 HG13 sing N N 384 
VAL CG2 HG21 sing N N 385 
VAL CG2 HG22 sing N N 386 
VAL CG2 HG23 sing N N 387 
VAL OXT HXT  sing N N 388 
Z5C N   O1   sing Y N 389 
Z5C N   C4   doub Y N 390 
Z5C O2  C5   doub N N 391 
Z5C N1  C5   sing N N 392 
Z5C C5  C4   sing N N 393 
Z5C O1  C2   sing Y N 394 
Z5C C4  C3   sing Y N 395 
Z5C C2  C3   doub Y N 396 
Z5C C2  C1   sing N N 397 
Z5C C1  O    sing N N 398 
Z5C C   O    sing N N 399 
Z5C N1  H1   sing N N 400 
Z5C N1  H2   sing N N 401 
Z5C C3  H3   sing N N 402 
Z5C C1  H4   sing N N 403 
Z5C C1  H5   sing N N 404 
Z5C C   H6   sing N N 405 
Z5C C   H7   sing N N 406 
Z5C C   H8   sing N N 407 
# 
_pdbx_audit_support.funding_organization   
'National Institutes of Health/National Institute Of Allergy and Infectious Diseases (NIH/NIAID)' 
_pdbx_audit_support.country                'United States' 
_pdbx_audit_support.grant_number           U19AI171399 
_pdbx_audit_support.ordinal                1 
# 
_pdbx_deposit_group.group_id            G_1002288 
_pdbx_deposit_group.group_description   'Crystallographic fragment screening of Coxsackievirus A16 (G-10) 2A protease' 
_pdbx_deposit_group.group_title         
'Group deposition for crystallographic fragment screening of Coxsackievirus A16 (G-10) 2A protease' 
_pdbx_deposit_group.group_type          'changed state' 
# 
_atom_sites.entry_id                    7H47 
_atom_sites.fract_transf_matrix[1][1]   0.00215619 
_atom_sites.fract_transf_matrix[1][2]   0.00525370 
_atom_sites.fract_transf_matrix[1][3]   -0.01012464 
_atom_sites.fract_transf_matrix[2][1]   0.01292192 
_atom_sites.fract_transf_matrix[2][2]   0.00946450 
_atom_sites.fract_transf_matrix[2][3]   0.00766307 
_atom_sites.fract_transf_matrix[3][1]   0.02089081 
_atom_sites.fract_transf_matrix[3][2]   -0.02071519 
_atom_sites.fract_transf_matrix[3][3]   -0.00964243 
_atom_sites.fract_transf_vector[1]      0.185575 
_atom_sites.fract_transf_vector[2]      0.124830 
_atom_sites.fract_transf_vector[3]      0.448651 
# 
loop_
_atom_type.symbol 
C  
N  
O  
S  
ZN 
# 
loop_
_atom_site.group_PDB 
_atom_site.id 
_atom_site.type_symbol 
_atom_site.label_atom_id 
_atom_site.label_alt_id 
_atom_site.label_comp_id 
_atom_site.label_asym_id 
_atom_site.label_entity_id 
_atom_site.label_seq_id 
_atom_site.pdbx_PDB_ins_code 
_atom_site.Cartn_x 
_atom_site.Cartn_y 
_atom_site.Cartn_z 
_atom_site.occupancy 
_atom_site.B_iso_or_equiv 
_atom_site.pdbx_formal_charge 
_atom_site.auth_seq_id 
_atom_site.auth_comp_id 
_atom_site.auth_asym_id 
_atom_site.auth_atom_id 
_atom_site.pdbx_PDB_model_num 
ATOM   1    N  N   . SER A 1 7   ? 6.959   -5.483  -6.197  1.00 14.45  ? 7   SER A N   1 
ATOM   2    C  CA  . SER A 1 7   ? 6.642   -4.255  -6.915  1.00 13.85  ? 7   SER A CA  1 
ATOM   3    C  C   . SER A 1 7   ? 5.144   -4.148  -7.158  1.00 13.55  ? 7   SER A C   1 
ATOM   4    O  O   . SER A 1 7   ? 4.414   -5.177  -7.055  1.00 14.46  ? 7   SER A O   1 
ATOM   5    C  CB  . SER A 1 7   ? 7.368   -4.168  -8.224  1.00 16.82  ? 7   SER A CB  1 
ATOM   6    O  OG  . SER A 1 7   ? 7.012   -5.281  -9.018  1.00 20.36  ? 7   SER A OG  1 
ATOM   7    N  N   . GLY A 1 8   ? 4.713   -2.945  -7.482  1.00 12.31  ? 8   GLY A N   1 
ATOM   8    C  CA  . GLY A 1 8   ? 3.318   -2.703  -7.818  1.00 12.14  ? 8   GLY A CA  1 
ATOM   9    C  C   . GLY A 1 8   ? 2.874   -1.311  -7.462  1.00 11.48  ? 8   GLY A C   1 
ATOM   10   O  O   . GLY A 1 8   ? 3.435   -0.680  -6.580  1.00 12.77  ? 8   GLY A O   1 
ATOM   11   N  N   . ALA A 1 9   ? 1.801   -0.862  -8.090  1.00 11.49  ? 9   ALA A N   1 
ATOM   12   C  CA  . ALA A 1 9   ? 1.257   0.472   -7.865  1.00 11.91  ? 9   ALA A CA  1 
ATOM   13   C  C   . ALA A 1 9   ? -0.257  0.431   -7.978  1.00 11.13  ? 9   ALA A C   1 
ATOM   14   O  O   . ALA A 1 9   ? -0.828  -0.525  -8.537  1.00 12.52  ? 9   ALA A O   1 
ATOM   15   C  CB  . ALA A 1 9   ? 1.866   1.473   -8.827  1.00 12.98  ? 9   ALA A CB  1 
ATOM   16   N  N   . ILE A 1 10  ? -0.840  1.491   -7.478  1.00 10.46  ? 10  ILE A N   1 
ATOM   17   C  CA  . ILE A 1 10  ? -2.272  1.806   -7.665  1.00 11.61  ? 10  ILE A CA  1 
ATOM   18   C  C   . ILE A 1 10  ? -2.358  2.936   -8.671  1.00 11.74  ? 10  ILE A C   1 
ATOM   19   O  O   . ILE A 1 10  ? -1.623  3.915   -8.520  1.00 11.98  ? 10  ILE A O   1 
ATOM   20   C  CB  . ILE A 1 10  ? -2.988  2.243   -6.376  1.00 10.85  ? 10  ILE A CB  1 
ATOM   21   C  CG1 . ILE A 1 10  ? -2.688  1.298   -5.202  1.00 11.02  ? 10  ILE A CG1 1 
ATOM   22   C  CG2 . ILE A 1 10  ? -4.490  2.347   -6.656  1.00 11.68  ? 10  ILE A CG2 1 
ATOM   23   C  CD1 . ILE A 1 10  ? -3.150  1.853   -3.885  1.00 10.84  ? 10  ILE A CD1 1 
ATOM   24   N  N   . TYR A 1 11  ? -3.214  2.763   -9.674  1.00 12.78  ? 11  TYR A N   1 
ATOM   25   C  CA  . TYR A 1 11  ? -3.423  3.715   -10.782 1.00 13.51  ? 11  TYR A CA  1 
ATOM   26   C  C   . TYR A 1 11  ? -4.855  4.225   -10.671 1.00 13.66  ? 11  TYR A C   1 
ATOM   27   O  O   . TYR A 1 11  ? -5.741  3.543   -11.196 1.00 14.55  ? 11  TYR A O   1 
ATOM   28   C  CB  . TYR A 1 11  ? -3.072  3.064   -12.123 1.00 13.59  ? 11  TYR A CB  1 
ATOM   29   C  CG  . TYR A 1 11  ? -1.603  2.752   -12.231 1.00 13.69  ? 11  TYR A CG  1 
ATOM   30   C  CD1 . TYR A 1 11  ? -0.705  3.774   -12.544 1.00 14.72  ? 11  TYR A CD1 1 
ATOM   31   C  CD2 . TYR A 1 11  ? -1.106  1.479   -12.036 1.00 17.01  ? 11  TYR A CD2 1 
ATOM   32   C  CE1 . TYR A 1 11  ? 0.662   3.525   -12.621 1.00 14.33  ? 11  TYR A CE1 1 
ATOM   33   C  CE2 . TYR A 1 11  ? 0.252   1.225   -12.103 1.00 16.33  ? 11  TYR A CE2 1 
ATOM   34   C  CZ  . TYR A 1 11  ? 1.128   2.250   -12.393 1.00 15.43  ? 11  TYR A CZ  1 
ATOM   35   O  OH  . TYR A 1 11  ? 2.458   1.971   -12.470 1.00 16.77  ? 11  TYR A OH  1 
ATOM   36   N  N   . VAL A 1 12  ? -5.037  5.345   -9.995  1.00 13.06  ? 12  VAL A N   1 
ATOM   37   C  CA  . VAL A 1 12  ? -6.380  5.950   -9.763  1.00 14.79  ? 12  VAL A CA  1 
ATOM   38   C  C   . VAL A 1 12  ? -6.380  7.341   -10.375 1.00 14.96  ? 12  VAL A C   1 
ATOM   39   O  O   . VAL A 1 12  ? -5.495  8.167   -10.089 1.00 15.69  ? 12  VAL A O   1 
ATOM   40   C  CB  . VAL A 1 12  ? -6.780  5.970   -8.273  1.00 14.74  ? 12  VAL A CB  1 
ATOM   41   C  CG1 . VAL A 1 12  ? -5.744  6.595   -7.373  1.00 15.08  ? 12  VAL A CG1 1 
ATOM   42   C  CG2 . VAL A 1 12  ? -8.123  6.661   -8.117  1.00 14.92  ? 12  VAL A CG2 1 
ATOM   43   N  N   . GLY A 1 13  ? -7.291  7.574   -11.320 1.00 15.92  ? 13  GLY A N   1 
ATOM   44   C  CA  . GLY A 1 13  ? -7.286  8.876   -11.995 1.00 16.17  ? 13  GLY A CA  1 
ATOM   45   C  C   . GLY A 1 13  ? -5.945  9.126   -12.663 1.00 14.16  ? 13  GLY A C   1 
ATOM   46   O  O   . GLY A 1 13  ? -5.470  8.246   -13.353 1.00 16.07  ? 13  GLY A O   1 
ATOM   47   N  N   . ASN A 1 14  ? -5.399  10.290  -12.405 1.00 15.91  ? 14  ASN A N   1 
ATOM   48   C  CA  . ASN A 1 14  ? -4.052  10.613  -12.936 1.00 15.76  ? 14  ASN A CA  1 
ATOM   49   C  C   . ASN A 1 14  ? -2.979  10.516  -11.845 1.00 16.41  ? 14  ASN A C   1 
ATOM   50   O  O   . ASN A 1 14  ? -2.059  11.350  -11.817 1.00 17.17  ? 14  ASN A O   1 
ATOM   51   C  CB  . ASN A 1 14  ? -4.045  11.962  -13.656 1.00 17.90  ? 14  ASN A CB  1 
ATOM   52   C  CG  . ASN A 1 14  ? -4.696  11.888  -15.021 1.00 17.77  ? 14  ASN A CG  1 
ATOM   53   O  OD1 . ASN A 1 14  ? -4.030  11.665  -16.030 1.00 23.84  ? 14  ASN A OD1 1 
ATOM   54   N  ND2 . ASN A 1 14  ? -6.002  12.082  -15.051 1.00 17.03  ? 14  ASN A ND2 1 
ATOM   55   N  N   . TYR A 1 15  ? -3.136  9.562   -10.922 1.00 15.46  ? 15  TYR A N   1 
ATOM   56   C  CA  . TYR A 1 15  ? -2.204  9.371   -9.786  1.00 13.82  ? 15  TYR A CA  1 
ATOM   57   C  C   . TYR A 1 15  ? -1.695  7.945   -9.886  1.00 13.61  ? 15  TYR A C   1 
ATOM   58   O  O   . TYR A 1 15  ? -2.364  6.983   -10.273 1.00 14.15  ? 15  TYR A O   1 
ATOM   59   C  CB  . TYR A 1 15  ? -2.884  9.600   -8.432  1.00 15.16  ? 15  TYR A CB  1 
ATOM   60   C  CG  . TYR A 1 15  ? -3.444  10.971  -8.199  1.00 15.54  ? 15  TYR A CG  1 
ATOM   61   C  CD1 . TYR A 1 15  ? -2.658  12.120  -8.162  1.00 17.08  ? 15  TYR A CD1 1 
ATOM   62   C  CD2 . TYR A 1 15  ? -4.798  11.110  -7.928  1.00 17.79  ? 15  TYR A CD2 1 
ATOM   63   C  CE1 . TYR A 1 15  ? -3.211  13.373  -7.944  1.00 18.96  ? 15  TYR A CE1 1 
ATOM   64   C  CE2 . TYR A 1 15  ? -5.352  12.344  -7.668  1.00 18.82  ? 15  TYR A CE2 1 
ATOM   65   C  CZ  . TYR A 1 15  ? -4.563  13.470  -7.673  1.00 20.97  ? 15  TYR A CZ  1 
ATOM   66   O  OH  . TYR A 1 15  ? -5.153  14.674  -7.461  1.00 23.33  ? 15  TYR A OH  1 
ATOM   67   N  N   . ARG A 1 16  ? -0.426  7.842   -9.488  1.00 12.35  ? 16  ARG A N   1 
ATOM   68   C  CA  . ARG A 1 16  ? 0.280   6.585   -9.272  1.00 12.06  ? 16  ARG A CA  1 
ATOM   69   C  C   . ARG A 1 16  ? 0.666   6.552   -7.805  1.00 11.72  ? 16  ARG A C   1 
ATOM   70   O  O   . ARG A 1 16  ? 1.382   7.436   -7.338  1.00 12.56  ? 16  ARG A O   1 
ATOM   71   C  CB  . ARG A 1 16  ? 1.475   6.484   -10.233 1.00 11.68  ? 16  ARG A CB  1 
ATOM   72   C  CG  . ARG A 1 16  ? 2.497   5.428   -9.875  1.00 12.59  ? 16  ARG A CG  1 
ATOM   73   C  CD  . ARG A 1 16  ? 3.573   5.375   -10.947 1.00 12.76  ? 16  ARG A CD  1 
ATOM   74   N  NE  . ARG A 1 16  ? 4.896   5.008   -10.467 1.00 12.90  ? 16  ARG A NE  1 
ATOM   75   C  CZ  . ARG A 1 16  ? 5.407   3.808   -10.338 1.00 13.31  ? 16  ARG A CZ  1 
ATOM   76   N  NH1 . ARG A 1 16  ? 4.747   2.701   -10.646 1.00 14.85  ? 16  ARG A NH1 1 
ATOM   77   N  NH2 . ARG A 1 16  ? 6.636   3.702   -9.845  1.00 13.61  ? 16  ARG A NH2 1 
ATOM   78   N  N   . VAL A 1 17  ? 0.211   5.508   -7.115  1.00 10.63  ? 17  VAL A N   1 
ATOM   79   C  CA  . VAL A 1 17  ? 0.514   5.332   -5.685  1.00 10.02  ? 17  VAL A CA  1 
ATOM   80   C  C   . VAL A 1 17  ? 1.465   4.160   -5.572  1.00 9.65   ? 17  VAL A C   1 
ATOM   81   O  O   . VAL A 1 17  ? 1.105   3.063   -5.995  1.00 10.76  ? 17  VAL A O   1 
ATOM   82   C  CB  . VAL A 1 17  ? -0.754  5.046   -4.859  1.00 10.11  ? 17  VAL A CB  1 
ATOM   83   C  CG1 . VAL A 1 17  ? -0.374  5.065   -3.382  1.00 11.20  ? 17  VAL A CG1 1 
ATOM   84   C  CG2 . VAL A 1 17  ? -1.887  6.009   -5.193  1.00 11.07  ? 17  VAL A CG2 1 
ATOM   85   N  N   . VAL A 1 18  ? 2.647   4.422   -5.020  1.00 9.42   ? 18  VAL A N   1 
ATOM   86   C  CA  . VAL A 1 18  ? 3.719   3.427   -4.889  1.00 10.03  ? 18  VAL A CA  1 
ATOM   87   C  C   . VAL A 1 18  ? 4.214   3.439   -3.467  1.00 9.45   ? 18  VAL A C   1 
ATOM   88   O  O   . VAL A 1 18  ? 4.049   4.383   -2.711  1.00 10.17  ? 18  VAL A O   1 
ATOM   89   C  CB  . VAL A 1 18  ? 4.867   3.655   -5.873  1.00 11.58  ? 18  VAL A CB  1 
ATOM   90   C  CG1 . VAL A 1 18  ? 4.426   3.257   -7.255  1.00 14.03  ? 18  VAL A CG1 1 
ATOM   91   C  CG2 . VAL A 1 18  ? 5.529   5.020   -5.773  1.00 11.11  ? 18  VAL A CG2 1 
ATOM   92   N  N   . ASN A 1 19  ? 4.850   2.334   -3.111  1.00 9.07   ? 19  ASN A N   1 
ATOM   93   C  CA  . ASN A 1 19  ? 5.682   2.346   -1.895  1.00 9.26   ? 19  ASN A CA  1 
ATOM   94   C  C   . ASN A 1 19  ? 6.730   3.439   -2.015  1.00 9.30   ? 19  ASN A C   1 
ATOM   95   O  O   . ASN A 1 19  ? 7.466   3.459   -3.019  1.00 9.40   ? 19  ASN A O   1 
ATOM   96   C  CB  . ASN A 1 19  ? 6.368   1.018   -1.614  1.00 9.17   ? 19  ASN A CB  1 
ATOM   97   C  CG  . ASN A 1 19  ? 5.416   -0.139  -1.432  1.00 9.08   ? 19  ASN A CG  1 
ATOM   98   O  OD1 . ASN A 1 19  ? 5.085   -0.831  -2.391  1.00 10.31  ? 19  ASN A OD1 1 
ATOM   99   N  ND2 . ASN A 1 19  ? 4.952   -0.346  -0.228  1.00 9.83   ? 19  ASN A ND2 1 
ATOM   100  N  N   . ARG A 1 20  ? 6.890   4.256   -0.997  1.00 8.95   ? 20  ARG A N   1 
ATOM   101  C  CA  . ARG A 1 20  ? 7.892   5.354   -1.059  1.00 9.33   ? 20  ARG A CA  1 
ATOM   102  C  C   . ARG A 1 20  ? 9.270   4.778   -1.324  1.00 9.55   ? 20  ARG A C   1 
ATOM   103  O  O   . ARG A 1 20  ? 10.067  5.348   -2.134  1.00 10.31  ? 20  ARG A O   1 
ATOM   104  C  CB  . ARG A 1 20  ? 7.934   6.146   0.236   1.00 9.88   ? 20  ARG A CB  1 
ATOM   105  C  CG  . ARG A 1 20  ? 8.784   7.414   0.126   1.00 10.44  ? 20  ARG A CG  1 
ATOM   106  C  CD  . ARG A 1 20  ? 8.733   8.109   1.450   1.00 12.15  ? 20  ARG A CD  1 
ATOM   107  N  NE  . ARG A 1 20  ? 9.482   9.377   1.525   1.00 13.36  ? 20  ARG A NE  1 
ATOM   108  C  CZ  . ARG A 1 20  ? 10.753  9.499   1.740   1.00 14.54  ? 20  ARG A CZ  1 
ATOM   109  N  NH1 . ARG A 1 20  ? 11.564  8.471   1.755   1.00 15.50  ? 20  ARG A NH1 1 
ATOM   110  N  NH2 . ARG A 1 20  ? 11.263  10.724  1.870   1.00 15.94  ? 20  ARG A NH2 1 
ATOM   111  N  N   . HIS A 1 21  ? 9.582   3.619   -0.738  1.00 9.94   ? 21  HIS A N   1 
ATOM   112  C  CA  . HIS A 1 21  ? 10.938  3.039   -0.859  1.00 10.65  ? 21  HIS A CA  1 
ATOM   113  C  C   . HIS A 1 21  ? 11.181  2.498   -2.255  1.00 10.48  ? 21  HIS A C   1 
ATOM   114  O  O   . HIS A 1 21  ? 12.347  2.205   -2.572  1.00 12.63  ? 21  HIS A O   1 
ATOM   115  C  CB  . HIS A 1 21  ? 11.288  2.002   0.205   1.00 10.40  ? 21  HIS A CB  1 
ATOM   116  C  CG  . HIS A 1 21  ? 10.571  0.696   0.072   1.00 10.57  ? 21  HIS A CG  1 
ATOM   117  N  ND1 . HIS A 1 21  ? 9.302   0.479   0.605   1.00 9.91   ? 21  HIS A ND1 1 
ATOM   118  C  CD2 . HIS A 1 21  ? 10.956  -0.474  -0.500  1.00 10.74  ? 21  HIS A CD2 1 
ATOM   119  C  CE1 . HIS A 1 21  ? 8.955   -0.771  0.301   1.00 10.13  ? 21  HIS A CE1 1 
ATOM   120  N  NE2 . HIS A 1 21  ? 9.945   -1.388  -0.334  1.00 11.05  ? 21  HIS A NE2 1 
ATOM   121  N  N   . LEU A 1 22  ? 10.164  2.379   -3.099  1.00 9.64   ? 22  LEU A N   1 
ATOM   122  C  CA  . LEU A 1 22  ? 10.306  1.863   -4.482  1.00 10.32  ? 22  LEU A CA  1 
ATOM   123  C  C   . LEU A 1 22  ? 10.012  2.962   -5.493  1.00 10.36  ? 22  LEU A C   1 
ATOM   124  O  O   . LEU A 1 22  ? 10.050  2.687   -6.709  1.00 11.23  ? 22  LEU A O   1 
ATOM   125  C  CB  . LEU A 1 22  ? 9.335   0.702   -4.697  1.00 10.79  ? 22  LEU A CB  1 
ATOM   126  C  CG  . LEU A 1 22  ? 9.600   -0.536  -3.851  1.00 10.51  ? 22  LEU A CG  1 
ATOM   127  C  CD1 . LEU A 1 22  ? 8.580   -1.633  -4.118  1.00 10.88  ? 22  LEU A CD1 1 
ATOM   128  C  CD2 . LEU A 1 22  ? 11.021  -1.079  -4.034  1.00 11.18  ? 22  LEU A CD2 1 
ATOM   129  N  N   . ALA A 1 23  ? 9.871   4.183   -5.053  1.00 10.10  ? 23  ALA A N   1 
ATOM   130  C  CA  . ALA A 1 23  ? 9.592   5.308   -5.966  1.00 11.39  ? 23  ALA A CA  1 
ATOM   131  C  C   . ALA A 1 23  ? 10.805  5.575   -6.851  1.00 11.36  ? 23  ALA A C   1 
ATOM   132  O  O   . ALA A 1 23  ? 11.955  5.451   -6.384  1.00 11.92  ? 23  ALA A O   1 
ATOM   133  C  CB  . ALA A 1 23  ? 9.266   6.544   -5.183  1.00 11.66  ? 23  ALA A CB  1 
ATOM   134  N  N   . THR A 1 24  ? 10.539  5.864   -8.093  1.00 11.33  ? 24  THR A N   1 
ATOM   135  C  CA  . THR A 1 24  ? 11.599  6.117   -9.080  1.00 11.94  ? 24  THR A CA  1 
ATOM   136  C  C   . THR A 1 24  ? 11.956  7.593   -9.151  1.00 11.58  ? 24  THR A C   1 
ATOM   137  O  O   . THR A 1 24  ? 11.323  8.437   -8.558  1.00 11.81  ? 24  THR A O   1 
ATOM   138  C  CB  . THR A 1 24  ? 11.138  5.665   -10.460 1.00 11.81  ? 24  THR A CB  1 
ATOM   139  O  OG1 . THR A 1 24  ? 10.071  6.526   -10.825 1.00 12.85  ? 24  THR A OG1 1 
ATOM   140  C  CG2 . THR A 1 24  ? 10.695  4.213   -10.512 1.00 13.32  ? 24  THR A CG2 1 
ATOM   141  N  N   . HIS A 1 25  ? 13.018  7.910   -9.910  1.00 12.22  ? 25  HIS A N   1 
ATOM   142  C  CA  . HIS A 1 25  ? 13.334  9.336   -10.126 1.00 12.65  ? 25  HIS A CA  1 
ATOM   143  C  C   . HIS A 1 25  ? 12.148  10.031  -10.801 1.00 11.97  ? 25  HIS A C   1 
ATOM   144  O  O   . HIS A 1 25  ? 11.838  11.159  -10.423 1.00 12.35  ? 25  HIS A O   1 
ATOM   145  C  CB  . HIS A 1 25  ? 14.619  9.492   -10.962 1.00 14.48  ? 25  HIS A CB  1 
ATOM   146  C  CG  . HIS A 1 25  ? 14.770  10.879  -11.528 1.00 16.90  ? 25  HIS A CG  1 
ATOM   147  N  ND1 . HIS A 1 25  ? 15.217  11.951  -10.804 1.00 18.00  ? 25  HIS A ND1 1 
ATOM   148  C  CD2 . HIS A 1 25  ? 14.381  11.397  -12.727 1.00 19.61  ? 25  HIS A CD2 1 
ATOM   149  C  CE1 . HIS A 1 25  ? 15.251  13.040  -11.553 1.00 17.04  ? 25  HIS A CE1 1 
ATOM   150  N  NE2 . HIS A 1 25  ? 14.672  12.746  -12.728 1.00 20.01  ? 25  HIS A NE2 1 
ATOM   151  N  N   . ASN A 1 26  ? 11.501  9.392   -11.766 1.00 12.86  ? 26  ASN A N   1 
ATOM   152  C  CA  . ASN A 1 26  ? 10.368  10.039  -12.451 1.00 13.59  ? 26  ASN A CA  1 
ATOM   153  C  C   . ASN A 1 26  ? 9.259   10.322  -11.422 1.00 11.82  ? 26  ASN A C   1 
ATOM   154  O  O   . ASN A 1 26  ? 8.611   11.355  -11.465 1.00 12.12  ? 26  ASN A O   1 
ATOM   155  C  CB  . ASN A 1 26  ? 9.818   9.183   -13.586 1.00 15.79  ? 26  ASN A CB  1 
ATOM   156  C  CG  . ASN A 1 26  ? 8.684   9.875   -14.315 1.00 18.83  ? 26  ASN A CG  1 
ATOM   157  O  OD1 . ASN A 1 26  ? 8.923   10.783  -15.132 1.00 22.68  ? 26  ASN A OD1 1 
ATOM   158  N  ND2 . ASN A 1 26  ? 7.455   9.539   -13.966 1.00 18.64  ? 26  ASN A ND2 1 
ATOM   159  N  N   . ASP A 1 27  ? 9.026   9.408   -10.489 1.00 12.42  ? 27  ASP A N   1 
ATOM   160  C  CA  . ASP A 1 27  ? 8.034   9.646   -9.427  1.00 11.18  ? 27  ASP A CA  1 
ATOM   161  C  C   . ASP A 1 27  ? 8.377   10.921  -8.661  1.00 10.71  ? 27  ASP A C   1 
ATOM   162  O  O   . ASP A 1 27  ? 7.515   11.762  -8.438  1.00 11.62  ? 27  ASP A O   1 
ATOM   163  C  CB  . ASP A 1 27  ? 7.958   8.442   -8.473  1.00 11.56  ? 27  ASP A CB  1 
ATOM   164  C  CG  . ASP A 1 27  ? 7.260   7.217   -9.008  1.00 11.42  ? 27  ASP A CG  1 
ATOM   165  O  OD1 . ASP A 1 27  ? 6.275   7.373   -9.800  1.00 12.38  ? 27  ASP A OD1 1 
ATOM   166  O  OD2 . ASP A 1 27  ? 7.708   6.101   -8.730  1.00 11.28  ? 27  ASP A OD2 1 
ATOM   167  N  N   . TRP A 1 28  ? 9.630   11.028  -8.182  1.00 10.11  ? 28  TRP A N   1 
ATOM   168  C  CA  . TRP A 1 28  ? 10.053  12.191  -7.393  1.00 10.72  ? 28  TRP A CA  1 
ATOM   169  C  C   . TRP A 1 28  ? 9.973   13.472  -8.226  1.00 10.35  ? 28  TRP A C   1 
ATOM   170  O  O   . TRP A 1 28  ? 9.719   14.468  -7.688  1.00 11.91  ? 28  TRP A O   1 
ATOM   171  C  CB  . TRP A 1 28  ? 11.440  12.001  -6.808  1.00 10.65  ? 28  TRP A CB  1 
ATOM   172  C  CG  . TRP A 1 28  ? 11.471  11.080  -5.619  1.00 10.62  ? 28  TRP A CG  1 
ATOM   173  C  CD1 . TRP A 1 28  ? 11.832  9.769   -5.547  1.00 11.59  ? 28  TRP A CD1 1 
ATOM   174  C  CD2 . TRP A 1 28  ? 11.118  11.497  -4.295  1.00 10.25  ? 28  TRP A CD2 1 
ATOM   175  N  NE1 . TRP A 1 28  ? 11.715  9.357   -4.241  1.00 10.93  ? 28  TRP A NE1 1 
ATOM   176  C  CE2 . TRP A 1 28  ? 11.313  10.380  -3.449  1.00 10.05  ? 28  TRP A CE2 1 
ATOM   177  C  CE3 . TRP A 1 28  ? 10.705  12.723  -3.753  1.00 10.63  ? 28  TRP A CE3 1 
ATOM   178  C  CZ2 . TRP A 1 28  ? 11.077  10.480  -2.081  1.00 10.97  ? 28  TRP A CZ2 1 
ATOM   179  C  CZ3 . TRP A 1 28  ? 10.482  12.809  -2.410  1.00 11.19  ? 28  TRP A CZ3 1 
ATOM   180  C  CH2 . TRP A 1 28  ? 10.654  11.690  -1.590  1.00 11.55  ? 28  TRP A CH2 1 
ATOM   181  N  N   . ALA A 1 29  ? 10.259  13.370  -9.521  1.00 10.83  ? 29  ALA A N   1 
ATOM   182  C  CA  . ALA A 1 29  ? 10.233  14.550  -10.422 1.00 12.23  ? 29  ALA A CA  1 
ATOM   183  C  C   . ALA A 1 29  ? 8.798   14.979  -10.736 1.00 13.77  ? 29  ALA A C   1 
ATOM   184  O  O   . ALA A 1 29  ? 8.598   16.107  -11.276 1.00 14.52  ? 29  ALA A O   1 
ATOM   185  C  CB  . ALA A 1 29  ? 10.998  14.246  -11.679 1.00 12.61  ? 29  ALA A CB  1 
ATOM   186  N  N   . ASN A 1 30  ? 7.808   14.127  -10.449 1.00 13.51  ? 30  ASN A N   1 
ATOM   187  C  CA  . ASN A 1 30  ? 6.375   14.369  -10.741 1.00 14.64  ? 30  ASN A CA  1 
ATOM   188  C  C   . ASN A 1 30  ? 5.607   14.189  -9.442  1.00 13.99  ? 30  ASN A C   1 
ATOM   189  O  O   . ASN A 1 30  ? 4.492   13.614  -9.454  1.00 14.43  ? 30  ASN A O   1 
ATOM   190  C  CB  . ASN A 1 30  ? 5.930   13.435  -11.850 1.00 15.97  ? 30  ASN A CB  1 
ATOM   191  C  CG  . ASN A 1 30  ? 6.560   13.841  -13.162 1.00 16.71  ? 30  ASN A CG  1 
ATOM   192  O  OD1 . ASN A 1 30  ? 6.051   14.732  -13.845 1.00 20.49  ? 30  ASN A OD1 1 
ATOM   193  N  ND2 . ASN A 1 30  ? 7.610   13.160  -13.541 1.00 17.02  ? 30  ASN A ND2 1 
ATOM   194  N  N   . LEU A 1 31  ? 6.194   14.586  -8.334  1.00 13.62  ? 31  LEU A N   1 
ATOM   195  C  CA  . LEU A 1 31  ? 5.688   14.262  -6.981  1.00 13.69  ? 31  LEU A CA  1 
ATOM   196  C  C   . LEU A 1 31  ? 4.380   15.004  -6.713  1.00 14.21  ? 31  LEU A C   1 
ATOM   197  O  O   . LEU A 1 31  ? 4.288   16.230  -6.990  1.00 16.29  ? 31  LEU A O   1 
ATOM   198  C  CB  . LEU A 1 31  ? 6.715   14.689  -5.939  1.00 13.71  ? 31  LEU A CB  1 
ATOM   199  C  CG  . LEU A 1 31  ? 6.314   14.416  -4.488  1.00 13.06  ? 31  LEU A CG  1 
ATOM   200  C  CD1 . LEU A 1 31  ? 6.152   12.925  -4.255  1.00 14.31  ? 31  LEU A CD1 1 
ATOM   201  C  CD2 . LEU A 1 31  ? 7.336   15.002  -3.529  1.00 13.77  ? 31  LEU A CD2 1 
ATOM   202  N  N   . VAL A 1 32  ? 3.398   14.296  -6.157  1.00 14.05  ? 32  VAL A N   1 
ATOM   203  C  CA  . VAL A 1 32  ? 2.154   14.901  -5.605  1.00 15.27  ? 32  VAL A CA  1 
ATOM   204  C  C   . VAL A 1 32  ? 2.230   14.945  -4.076  1.00 14.33  ? 32  VAL A C   1 
ATOM   205  O  O   . VAL A 1 32  ? 1.978   15.978  -3.465  1.00 17.22  ? 32  VAL A O   1 
ATOM   206  C  CB  . VAL A 1 32  ? 0.930   14.141  -6.122  1.00 15.17  ? 32  VAL A CB  1 
ATOM   207  C  CG1 . VAL A 1 32  ? -0.373  14.612  -5.479  1.00 15.72  ? 32  VAL A CG1 1 
ATOM   208  C  CG2 . VAL A 1 32  ? 0.817   14.217  -7.631  1.00 16.59  ? 32  VAL A CG2 1 
ATOM   209  N  N   . TRP A 1 33  ? 2.660   13.857  -3.433  1.00 13.14  ? 33  TRP A N   1 
ATOM   210  C  CA  . TRP A 1 33  ? 2.580   13.767  -1.963  1.00 13.04  ? 33  TRP A CA  1 
ATOM   211  C  C   . TRP A 1 33  ? 3.449   12.580  -1.556  1.00 11.69  ? 33  TRP A C   1 
ATOM   212  O  O   . TRP A 1 33  ? 3.442   11.595  -2.291  1.00 12.91  ? 33  TRP A O   1 
ATOM   213  C  CB  . TRP A 1 33  ? 1.121   13.602  -1.510  1.00 14.68  ? 33  TRP A CB  1 
ATOM   214  C  CG  . TRP A 1 33  ? 0.909   13.251  -0.078  1.00 14.91  ? 33  TRP A CG  1 
ATOM   215  C  CD1 . TRP A 1 33  ? 0.892   14.085  0.985   1.00 16.59  ? 33  TRP A CD1 1 
ATOM   216  C  CD2 . TRP A 1 33  ? 0.774   11.920  0.460   1.00 13.58  ? 33  TRP A CD2 1 
ATOM   217  N  NE1 . TRP A 1 33  ? 0.681   13.377  2.143   1.00 17.34  ? 33  TRP A NE1 1 
ATOM   218  C  CE2 . TRP A 1 33  ? 0.596   12.041  1.851   1.00 14.92  ? 33  TRP A CE2 1 
ATOM   219  C  CE3 . TRP A 1 33  ? 0.694   10.658  -0.107  1.00 13.96  ? 33  TRP A CE3 1 
ATOM   220  C  CZ2 . TRP A 1 33  ? 0.344   10.940  2.671   1.00 14.57  ? 33  TRP A CZ2 1 
ATOM   221  C  CZ3 . TRP A 1 33  ? 0.457   9.565   0.701   1.00 14.40  ? 33  TRP A CZ3 1 
ATOM   222  C  CH2 . TRP A 1 33  ? 0.313   9.711   2.071   1.00 14.14  ? 33  TRP A CH2 1 
ATOM   223  N  N   . GLU A 1 34  ? 4.142   12.666  -0.440  1.00 12.05  ? 34  GLU A N   1 
ATOM   224  C  CA  . GLU A 1 34  ? 4.873   11.499  0.074   1.00 12.26  ? 34  GLU A CA  1 
ATOM   225  C  C   . GLU A 1 34  ? 4.921   11.557  1.585   1.00 12.62  ? 34  GLU A C   1 
ATOM   226  O  O   . GLU A 1 34  ? 4.872   12.690  2.160   1.00 13.20  ? 34  GLU A O   1 
ATOM   227  C  CB  . GLU A 1 34  ? 6.282   11.416  -0.502  1.00 12.54  ? 34  GLU A CB  1 
ATOM   228  C  CG  . GLU A 1 34  ? 7.111   12.666  -0.315  1.00 12.86  ? 34  GLU A CG  1 
ATOM   229  C  CD  . GLU A 1 34  ? 7.869   12.790  1.010   1.00 14.18  ? 34  GLU A CD  1 
ATOM   230  O  OE1 . GLU A 1 34  ? 8.272   13.927  1.325   1.00 14.67  ? 34  GLU A OE1 1 
ATOM   231  O  OE2 . GLU A 1 34  ? 8.123   11.791  1.676   1.00 14.30  ? 34  GLU A OE2 1 
ATOM   232  N  N   . ASP A 1 35  ? 5.011   10.381  2.207   1.00 12.87  ? 35  ASP A N   1 
ATOM   233  C  CA  . ASP A 1 35  ? 5.052   10.291  3.682   1.00 13.08  ? 35  ASP A CA  1 
ATOM   234  C  C   . ASP A 1 35  ? 5.888   9.053   4.025   1.00 12.56  ? 35  ASP A C   1 
ATOM   235  O  O   . ASP A 1 35  ? 5.442   7.939   3.813   1.00 12.14  ? 35  ASP A O   1 
ATOM   236  C  CB  . ASP A 1 35  ? 3.616   10.230  4.213   1.00 14.20  ? 35  ASP A CB  1 
ATOM   237  C  CG  . ASP A 1 35  ? 3.486   10.160  5.718   1.00 15.32  ? 35  ASP A CG  1 
ATOM   238  O  OD1 . ASP A 1 35  ? 4.291   9.469   6.335   1.00 16.02  ? 35  ASP A OD1 1 
ATOM   239  O  OD2 . ASP A 1 35  ? 2.512   10.763  6.241   1.00 19.56  ? 35  ASP A OD2 1 
ATOM   240  N  N   A SER A 1 36  ? 7.107   9.245   4.541   0.25 12.46  ? 36  SER A N   1 
ATOM   241  N  N   B SER A 1 36  ? 7.104   9.258   4.535   0.25 13.57  ? 36  SER A N   1 
ATOM   242  C  CA  A SER A 1 36  ? 8.030   8.143   4.910   0.25 12.44  ? 36  SER A CA  1 
ATOM   243  C  CA  B SER A 1 36  ? 8.042   8.178   4.924   0.25 14.21  ? 36  SER A CA  1 
ATOM   244  C  C   A SER A 1 36  ? 7.397   7.286   6.004   0.25 11.99  ? 36  SER A C   1 
ATOM   245  C  C   B SER A 1 36  ? 7.406   7.300   6.002   0.25 12.99  ? 36  SER A C   1 
ATOM   246  O  O   A SER A 1 36  ? 7.537   6.059   5.939   0.25 13.15  ? 36  SER A O   1 
ATOM   247  O  O   B SER A 1 36  ? 7.552   6.075   5.923   0.25 14.08  ? 36  SER A O   1 
ATOM   248  C  CB  A SER A 1 36  ? 9.362   8.664   5.366   0.25 12.45  ? 36  SER A CB  1 
ATOM   249  C  CB  B SER A 1 36  ? 9.330   8.759   5.413   0.25 15.49  ? 36  SER A CB  1 
ATOM   250  O  OG  A SER A 1 36  ? 10.144  7.633   5.947   0.25 11.95  ? 36  SER A OG  1 
ATOM   251  O  OG  B SER A 1 36  ? 9.094   10.024  6.012   0.25 17.78  ? 36  SER A OG  1 
ATOM   252  N  N   . SER A 1 37  ? 6.729   7.919   6.976   1.00 13.19  ? 37  SER A N   1 
ATOM   253  C  CA  . SER A 1 37  ? 6.128   7.167   8.105   1.00 13.51  ? 37  SER A CA  1 
ATOM   254  C  C   . SER A 1 37  ? 5.085   6.173   7.600   1.00 12.68  ? 37  SER A C   1 
ATOM   255  O  O   . SER A 1 37  ? 4.968   5.099   8.216   1.00 13.76  ? 37  SER A O   1 
ATOM   256  C  CB  . SER A 1 37  ? 5.575   7.996   9.187   1.00 14.48  ? 37  SER A CB  1 
ATOM   257  O  OG  . SER A 1 37  ? 4.405   8.617   8.804   1.00 18.55  ? 37  SER A OG  1 
ATOM   258  N  N   . ARG A 1 38  ? 4.451   6.448   6.465   1.00 10.91  ? 38  ARG A N   1 
ATOM   259  C  CA  . ARG A 1 38  ? 3.444   5.528   5.870   1.00 10.51  ? 38  ARG A CA  1 
ATOM   260  C  C   . ARG A 1 38  ? 4.029   4.643   4.754   1.00 10.62  ? 38  ARG A C   1 
ATOM   261  O  O   . ARG A 1 38  ? 3.299   3.780   4.219   1.00 10.26  ? 38  ARG A O   1 
ATOM   262  C  CB  . ARG A 1 38  ? 2.295   6.371   5.293   1.00 11.49  ? 38  ARG A CB  1 
ATOM   263  C  CG  . ARG A 1 38  ? 1.553   7.197   6.327   1.00 11.51  ? 38  ARG A CG  1 
ATOM   264  C  CD  . ARG A 1 38  ? 0.447   7.989   5.675   1.00 11.35  ? 38  ARG A CD  1 
ATOM   265  N  NE  . ARG A 1 38  ? -0.627  7.165   5.112   1.00 10.57  ? 38  ARG A NE  1 
ATOM   266  C  CZ  . ARG A 1 38  ? -1.921  7.477   5.089   1.00 11.33  ? 38  ARG A CZ  1 
ATOM   267  N  NH1 . ARG A 1 38  ? -2.329  8.675   5.510   1.00 12.27  ? 38  ARG A NH1 1 
ATOM   268  N  NH2 . ARG A 1 38  ? -2.796  6.595   4.618   1.00 11.77  ? 38  ARG A NH2 1 
ATOM   269  N  N   . ASP A 1 39  ? 5.269   4.891   4.344   1.00 10.20  ? 39  ASP A N   1 
ATOM   270  C  CA  . ASP A 1 39  ? 5.870   4.201   3.174   1.00 9.66   ? 39  ASP A CA  1 
ATOM   271  C  C   . ASP A 1 39  ? 5.049   4.446   1.909   1.00 8.91   ? 39  ASP A C   1 
ATOM   272  O  O   . ASP A 1 39  ? 4.917   3.552   1.117   1.00 10.41  ? 39  ASP A O   1 
ATOM   273  C  CB  . ASP A 1 39  ? 6.055   2.697   3.408   1.00 10.50  ? 39  ASP A CB  1 
ATOM   274  C  CG  . ASP A 1 39  ? 6.784   1.996   2.271   1.00 10.31  ? 39  ASP A CG  1 
ATOM   275  O  OD1 . ASP A 1 39  ? 7.759   2.587   1.714   1.00 10.69  ? 39  ASP A OD1 1 
ATOM   276  O  OD2 . ASP A 1 39  ? 6.475   0.820   1.996   1.00 10.73  ? 39  ASP A OD2 1 
ATOM   277  N  N   . LEU A 1 40  ? 4.542   5.665   1.727   1.00 10.18  ? 40  LEU A N   1 
ATOM   278  C  CA  . LEU A 1 40  ? 3.735   5.989   0.529   1.00 10.31  ? 40  LEU A CA  1 
ATOM   279  C  C   . LEU A 1 40  ? 4.325   7.173   -0.224  1.00 9.70   ? 40  LEU A C   1 
ATOM   280  O  O   . LEU A 1 40  ? 4.770   8.153   0.394   1.00 9.92   ? 40  LEU A O   1 
ATOM   281  C  CB  . LEU A 1 40  ? 2.278   6.300   0.878   1.00 9.90   ? 40  LEU A CB  1 
ATOM   282  C  CG  . LEU A 1 40  ? 1.415   5.107   1.284   1.00 10.27  ? 40  LEU A CG  1 
ATOM   283  C  CD1 . LEU A 1 40  ? -0.010  5.592   1.594   1.00 10.83  ? 40  LEU A CD1 1 
ATOM   284  C  CD2 . LEU A 1 40  ? 1.383   4.036   0.203   1.00 10.58  ? 40  LEU A CD2 1 
ATOM   285  N  N   . LEU A 1 41  ? 4.213   7.076   -1.543  1.00 9.43   ? 41  LEU A N   1 
ATOM   286  C  CA  . LEU A 1 41  ? 4.473   8.228   -2.423  1.00 9.73   ? 41  LEU A CA  1 
ATOM   287  C  C   . LEU A 1 41  ? 3.456   8.202   -3.555  1.00 9.42   ? 41  LEU A C   1 
ATOM   288  O  O   . LEU A 1 41  ? 3.108   7.141   -4.061  1.00 9.93   ? 41  LEU A O   1 
ATOM   289  C  CB  . LEU A 1 41  ? 5.911   8.146   -2.936  1.00 9.90   ? 41  LEU A CB  1 
ATOM   290  C  CG  . LEU A 1 41  ? 6.362   9.328   -3.811  1.00 10.34  ? 41  LEU A CG  1 
ATOM   291  C  CD1 . LEU A 1 41  ? 7.834   9.648   -3.594  1.00 10.37  ? 41  LEU A CD1 1 
ATOM   292  C  CD2 . LEU A 1 41  ? 6.095   9.035   -5.280  1.00 10.70  ? 41  LEU A CD2 1 
ATOM   293  N  N   . VAL A 1 42  ? 3.008   9.388   -3.907  1.00 10.03  ? 42  VAL A N   1 
ATOM   294  C  CA  . VAL A 1 42  ? 2.044   9.562   -5.016  1.00 11.32  ? 42  VAL A CA  1 
ATOM   295  C  C   . VAL A 1 42  ? 2.673   10.512  -6.036  1.00 11.30  ? 42  VAL A C   1 
ATOM   296  O  O   . VAL A 1 42  ? 3.117   11.566  -5.649  1.00 11.64  ? 42  VAL A O   1 
ATOM   297  C  CB  . VAL A 1 42  ? 0.684   10.071  -4.529  1.00 12.17  ? 42  VAL A CB  1 
ATOM   298  C  CG1 . VAL A 1 42  ? -0.269  10.213  -5.709  1.00 12.82  ? 42  VAL A CG1 1 
ATOM   299  C  CG2 . VAL A 1 42  ? 0.105   9.129   -3.478  1.00 11.72  ? 42  VAL A CG2 1 
ATOM   300  N  N   . SER A 1 43  ? 2.665   10.105  -7.288  1.00 11.91  ? 43  SER A N   1 
ATOM   301  C  CA  . SER A 1 43  ? 3.149   10.908  -8.439  1.00 12.76  ? 43  SER A CA  1 
ATOM   302  C  C   . SER A 1 43  ? 2.018   11.064  -9.464  1.00 14.45  ? 43  SER A C   1 
ATOM   303  O  O   . SER A 1 43  ? 1.008   10.315  -9.437  1.00 13.81  ? 43  SER A O   1 
ATOM   304  C  CB  . SER A 1 43  ? 4.347   10.254  -9.053  1.00 11.81  ? 43  SER A CB  1 
ATOM   305  O  OG  . SER A 1 43  ? 4.066   8.983   -9.562  1.00 12.84  ? 43  SER A OG  1 
ATOM   306  N  N   A SER A 1 44  ? 2.181   12.022  -10.375 0.43 14.66  ? 44  SER A N   1 
ATOM   307  N  N   B SER A 1 44  ? 2.262   11.945  -10.432 0.45 14.03  ? 44  SER A N   1 
ATOM   308  C  CA  A SER A 1 44  ? 1.176   12.348  -11.425 0.43 15.80  ? 44  SER A CA  1 
ATOM   309  C  CA  B SER A 1 44  ? 1.321   12.233  -11.542 0.45 15.09  ? 44  SER A CA  1 
ATOM   310  C  C   A SER A 1 44  ? 1.443   11.526  -12.689 0.43 16.08  ? 44  SER A C   1 
ATOM   311  C  C   B SER A 1 44  ? 1.479   11.219  -12.652 0.45 16.43  ? 44  SER A C   1 
ATOM   312  O  O   A SER A 1 44  ? 2.631   11.377  -12.996 0.43 16.58  ? 44  SER A O   1 
ATOM   313  O  O   B SER A 1 44  ? 2.590   10.634  -12.840 0.45 17.18  ? 44  SER A O   1 
ATOM   314  C  CB  A SER A 1 44  ? 1.199   13.820  -11.709 0.43 15.97  ? 44  SER A CB  1 
ATOM   315  C  CB  B SER A 1 44  ? 1.512   13.590  -12.101 0.45 15.21  ? 44  SER A CB  1 
ATOM   316  O  OG  A SER A 1 44  ? 2.464   14.210  -12.230 0.43 17.09  ? 44  SER A OG  1 
ATOM   317  O  OG  B SER A 1 44  ? 1.380   14.543  -11.075 0.45 15.53  ? 44  SER A OG  1 
ATOM   318  N  N   . THR A 1 45  ? 0.396   11.033  -13.389 1.00 16.79  ? 45  THR A N   1 
ATOM   319  C  CA  . THR A 1 45  ? 0.470   10.174  -14.608 1.00 17.63  ? 45  THR A CA  1 
ATOM   320  C  C   . THR A 1 45  ? -0.118  10.898  -15.834 1.00 19.94  ? 45  THR A C   1 
ATOM   321  O  O   . THR A 1 45  ? -0.997  11.751  -15.634 1.00 19.70  ? 45  THR A O   1 
ATOM   322  C  CB  . THR A 1 45  ? -0.300  8.857   -14.436 1.00 18.24  ? 45  THR A CB  1 
ATOM   323  O  OG1 . THR A 1 45  ? -1.696  9.149   -14.339 1.00 21.61  ? 45  THR A OG1 1 
ATOM   324  C  CG2 . THR A 1 45  ? 0.110   8.089   -13.200 1.00 18.82  ? 45  THR A CG2 1 
ATOM   325  N  N   . THR A 1 46  ? 0.308   10.547  -17.038 1.00 22.03  ? 46  THR A N   1 
ATOM   326  C  CA  . THR A 1 46  ? -0.269  11.156  -18.259 1.00 24.66  ? 46  THR A CA  1 
ATOM   327  C  C   . THR A 1 46  ? -1.613  10.464  -18.544 1.00 24.27  ? 46  THR A C   1 
ATOM   328  O  O   . THR A 1 46  ? -2.593  11.182  -18.788 1.00 28.21  ? 46  THR A O   1 
ATOM   329  C  CB  . THR A 1 46  ? 0.785   11.156  -19.372 1.00 25.53  ? 46  THR A CB  1 
ATOM   330  O  OG1 . THR A 1 46  ? 1.248   9.833   -19.632 1.00 31.97  ? 46  THR A OG1 1 
ATOM   331  C  CG2 . THR A 1 46  ? 1.987   11.996  -19.011 1.00 27.68  ? 46  THR A CG2 1 
ATOM   332  N  N   . ALA A 1 47  ? -1.644  9.125   -18.534 1.00 23.36  ? 47  ALA A N   1 
ATOM   333  C  CA  . ALA A 1 47  ? -2.842  8.305   -18.840 1.00 20.68  ? 47  ALA A CA  1 
ATOM   334  C  C   . ALA A 1 47  ? -3.623  8.060   -17.547 1.00 20.21  ? 47  ALA A C   1 
ATOM   335  O  O   . ALA A 1 47  ? -2.986  7.860   -16.496 1.00 20.36  ? 47  ALA A O   1 
ATOM   336  C  CB  . ALA A 1 47  ? -2.460  7.006   -19.493 1.00 23.76  ? 47  ALA A CB  1 
ATOM   337  N  N   . GLN A 1 48  ? -4.954  8.067   -17.627 1.00 18.82  ? 48  GLN A N   1 
ATOM   338  C  CA  . GLN A 1 48  ? -5.845  7.707   -16.495 1.00 18.98  ? 48  GLN A CA  1 
ATOM   339  C  C   . GLN A 1 48  ? -5.784  6.202   -16.218 1.00 14.70  ? 48  GLN A C   1 
ATOM   340  O  O   . GLN A 1 48  ? -5.508  5.386   -17.108 1.00 18.84  ? 48  GLN A O   1 
ATOM   341  C  CB  . GLN A 1 48  ? -7.278  8.157   -16.782 1.00 20.43  ? 48  GLN A CB  1 
ATOM   342  C  CG  . GLN A 1 48  ? -7.451  9.662   -16.783 1.00 25.76  ? 48  GLN A CG  1 
ATOM   343  C  CD  . GLN A 1 48  ? -8.921  9.969   -16.821 1.00 33.35  ? 48  GLN A CD  1 
ATOM   344  O  OE1 . GLN A 1 48  ? -9.564  9.835   -17.858 1.00 38.17  ? 48  GLN A OE1 1 
ATOM   345  N  NE2 . GLN A 1 48  ? -9.482  10.275  -15.662 1.00 41.70  ? 48  GLN A NE2 1 
ATOM   346  N  N   . GLY A 1 49  ? -5.935  5.864   -14.934 1.00 17.43  ? 49  GLY A N   1 
ATOM   347  C  CA  . GLY A 1 49  ? -5.778  4.494   -14.434 1.00 16.32  ? 49  GLY A CA  1 
ATOM   348  C  C   . GLY A 1 49  ? -7.100  3.793   -14.169 1.00 14.91  ? 49  GLY A C   1 
ATOM   349  O  O   . GLY A 1 49  ? -8.188  4.410   -14.196 1.00 16.11  ? 49  GLY A O   1 
ATOM   350  N  N   . CYS A 1 50  ? -7.009  2.486   -14.008 1.00 15.55  ? 50  CYS A N   1 
ATOM   351  C  CA  . CYS A 1 50  ? -8.148  1.562   -13.993 1.00 15.23  ? 50  CYS A CA  1 
ATOM   352  C  C   . CYS A 1 50  ? -8.657  1.376   -12.562 1.00 14.12  ? 50  CYS A C   1 
ATOM   353  O  O   . CYS A 1 50  ? -9.680  0.760   -12.448 1.00 15.60  ? 50  CYS A O   1 
ATOM   354  C  CB  . CYS A 1 50  ? -7.770  0.215   -14.614 1.00 15.82  ? 50  CYS A CB  1 
ATOM   355  S  SG  . CYS A 1 50  ? -7.452  0.240   -16.400 1.00 18.70  ? 50  CYS A SG  1 
ATOM   356  N  N   . ASP A 1 51  ? -7.945  1.807   -11.523 1.00 14.07  ? 51  ASP A N   1 
ATOM   357  C  CA  . ASP A 1 51  ? -8.325  1.413   -10.138 1.00 13.00  ? 51  ASP A CA  1 
ATOM   358  C  C   . ASP A 1 51  ? -9.265  2.407   -9.459  1.00 13.37  ? 51  ASP A C   1 
ATOM   359  O  O   . ASP A 1 51  ? -9.238  3.601   -9.708  1.00 14.57  ? 51  ASP A O   1 
ATOM   360  C  CB  . ASP A 1 51  ? -7.071  1.240   -9.289  1.00 13.87  ? 51  ASP A CB  1 
ATOM   361  C  CG  . ASP A 1 51  ? -6.137  0.169   -9.802  1.00 14.43  ? 51  ASP A CG  1 
ATOM   362  O  OD1 . ASP A 1 51  ? -6.608  -0.898  -10.207 1.00 17.79  ? 51  ASP A OD1 1 
ATOM   363  O  OD2 . ASP A 1 51  ? -4.885  0.364   -9.712  1.00 15.32  ? 51  ASP A OD2 1 
ATOM   364  N  N   . THR A 1 52  ? -10.080 1.879   -8.543  1.00 12.03  ? 52  THR A N   1 
ATOM   365  C  CA  . THR A 1 52  ? -11.018 2.606   -7.672  1.00 12.68  ? 52  THR A CA  1 
ATOM   366  C  C   . THR A 1 52  ? -10.546 2.394   -6.237  1.00 10.45  ? 52  THR A C   1 
ATOM   367  O  O   . THR A 1 52  ? -10.242 1.228   -5.879  1.00 11.71  ? 52  THR A O   1 
ATOM   368  C  CB  . THR A 1 52  ? -12.458 2.099   -7.820  1.00 13.76  ? 52  THR A CB  1 
ATOM   369  O  OG1 . THR A 1 52  ? -12.912 2.309   -9.171  1.00 16.47  ? 52  THR A OG1 1 
ATOM   370  C  CG2 . THR A 1 52  ? -13.437 2.744   -6.859  1.00 15.48  ? 52  THR A CG2 1 
ATOM   371  N  N   . ILE A 1 53  ? -10.443 3.449   -5.488  1.00 11.08  ? 53  ILE A N   1 
ATOM   372  C  CA  . ILE A 1 53  ? -10.087 3.369   -4.050  1.00 10.28  ? 53  ILE A CA  1 
ATOM   373  C  C   . ILE A 1 53  ? -11.326 3.067   -3.211  1.00 10.36  ? 53  ILE A C   1 
ATOM   374  O  O   . ILE A 1 53  ? -12.385 3.658   -3.417  1.00 11.02  ? 53  ILE A O   1 
ATOM   375  C  CB  . ILE A 1 53  ? -9.399  4.659   -3.581  1.00 10.80  ? 53  ILE A CB  1 
ATOM   376  C  CG1 . ILE A 1 53  ? -8.274  5.104   -4.522  1.00 11.85  ? 53  ILE A CG1 1 
ATOM   377  C  CG2 . ILE A 1 53  ? -8.932  4.532   -2.143  1.00 10.33  ? 53  ILE A CG2 1 
ATOM   378  C  CD1 . ILE A 1 53  ? -7.181  4.078   -4.690  1.00 12.33  ? 53  ILE A CD1 1 
ATOM   379  N  N   . ALA A 1 54  ? -11.191 2.076   -2.332  1.00 9.86   ? 54  ALA A N   1 
ATOM   380  C  CA  . ALA A 1 54  ? -12.226 1.795   -1.332  1.00 8.75   ? 54  ALA A CA  1 
ATOM   381  C  C   . ALA A 1 54  ? -12.409 2.977   -0.393  1.00 8.94   ? 54  ALA A C   1 
ATOM   382  O  O   . ALA A 1 54  ? -11.437 3.582   0.022   1.00 8.88   ? 54  ALA A O   1 
ATOM   383  C  CB  . ALA A 1 54  ? -11.786 0.562   -0.586  1.00 8.48   ? 54  ALA A CB  1 
ATOM   384  N  N   . ARG A 1 55  ? -13.662 3.233   -0.015  1.00 9.42   ? 55  ARG A N   1 
ATOM   385  C  CA  . ARG A 1 55  ? -14.006 4.245   1.007   1.00 9.27   ? 55  ARG A CA  1 
ATOM   386  C  C   . ARG A 1 55  ? -14.936 3.551   1.997   1.00 9.13   ? 55  ARG A C   1 
ATOM   387  O  O   . ARG A 1 55  ? -16.119 3.430   1.737   1.00 10.42  ? 55  ARG A O   1 
ATOM   388  C  CB  . ARG A 1 55  ? -14.616 5.510   0.399   1.00 9.77   ? 55  ARG A CB  1 
ATOM   389  C  CG  . ARG A 1 55  ? -13.751 6.153   -0.675  1.00 10.81  ? 55  ARG A CG  1 
ATOM   390  C  CD  . ARG A 1 55  ? -12.445 6.761   -0.165  1.00 11.09  ? 55  ARG A CD  1 
ATOM   391  N  NE  . ARG A 1 55  ? -11.632 7.298   -1.292  1.00 12.45  ? 55  ARG A NE  1 
ATOM   392  C  CZ  . ARG A 1 55  ? -10.325 7.543   -1.230  1.00 11.84  ? 55  ARG A CZ  1 
ATOM   393  N  NH1 . ARG A 1 55  ? -9.655  7.367   -0.129  1.00 11.99  ? 55  ARG A NH1 1 
ATOM   394  N  NH2 . ARG A 1 55  ? -9.666  8.012   -2.283  1.00 13.24  ? 55  ARG A NH2 1 
ATOM   395  N  N   . CYS A 1 56  ? -14.331 3.010   3.034   1.00 9.46   ? 56  CYS A N   1 
ATOM   396  C  CA  . CYS A 1 56  ? -14.996 2.026   3.898   1.00 9.49   ? 56  CYS A CA  1 
ATOM   397  C  C   . CYS A 1 56  ? -14.128 1.705   5.089   1.00 10.02  ? 56  CYS A C   1 
ATOM   398  O  O   . CYS A 1 56  ? -12.962 2.141   5.184   1.00 9.97   ? 56  CYS A O   1 
ATOM   399  C  CB  . CYS A 1 56  ? -15.239 0.736   3.136   1.00 8.97   ? 56  CYS A CB  1 
ATOM   400  S  SG  . CYS A 1 56  ? -13.677 -0.136  2.777   1.00 9.18   ? 56  CYS A SG  1 
ATOM   401  N  N   A ASP A 1 57  ? -14.678 0.960   6.056   0.25 10.29  ? 57  ASP A N   1 
ATOM   402  N  N   B ASP A 1 57  ? -14.732 0.880   5.945   0.25 10.38  ? 57  ASP A N   1 
ATOM   403  C  CA  A ASP A 1 57  ? -13.839 0.356   7.130   0.25 10.72  ? 57  ASP A CA  1 
ATOM   404  C  CA  B ASP A 1 57  ? -14.148 0.365   7.203   0.25 10.90  ? 57  ASP A CA  1 
ATOM   405  C  C   A ASP A 1 57  ? -13.935 -1.169  7.094   0.25 10.35  ? 57  ASP A C   1 
ATOM   406  C  C   B ASP A 1 57  ? -13.874 -1.148  7.108   0.25 10.36  ? 57  ASP A C   1 
ATOM   407  O  O   A ASP A 1 57  ? -14.008 -1.806  8.153   0.25 10.79  ? 57  ASP A O   1 
ATOM   408  O  O   B ASP A 1 57  ? -13.616 -1.761  8.165   0.25 10.35  ? 57  ASP A O   1 
ATOM   409  C  CB  A ASP A 1 57  ? -14.187 0.871   8.526   0.25 11.38  ? 57  ASP A CB  1 
ATOM   410  C  CB  B ASP A 1 57  ? -15.118 0.720   8.332   0.25 11.90  ? 57  ASP A CB  1 
ATOM   411  C  CG  A ASP A 1 57  ? -15.593 0.564   8.988   0.25 13.05  ? 57  ASP A CG  1 
ATOM   412  C  CG  B ASP A 1 57  ? -14.570 0.617   9.740   0.25 13.38  ? 57  ASP A CG  1 
ATOM   413  O  OD1 A ASP A 1 57  ? -16.332 -0.070  8.235   0.25 12.97  ? 57  ASP A OD1 1 
ATOM   414  O  OD1 B ASP A 1 57  ? -13.390 0.946   9.935   0.25 14.06  ? 57  ASP A OD1 1 
ATOM   415  O  OD2 A ASP A 1 57  ? -15.925 0.969   10.120  0.25 15.40  ? 57  ASP A OD2 1 
ATOM   416  O  OD2 B ASP A 1 57  ? -15.351 0.209   10.633  0.25 15.31  ? 57  ASP A OD2 1 
ATOM   417  N  N   . CYS A 1 58  ? -13.887 -1.747  5.910   1.00 9.70   ? 58  CYS A N   1 
ATOM   418  C  CA  . CYS A 1 58  ? -13.741 -3.217  5.819   1.00 8.91   ? 58  CYS A CA  1 
ATOM   419  C  C   . CYS A 1 58  ? -12.460 -3.682  6.535   1.00 9.17   ? 58  CYS A C   1 
ATOM   420  O  O   . CYS A 1 58  ? -11.425 -2.983  6.534   1.00 9.68   ? 58  CYS A O   1 
ATOM   421  C  CB  . CYS A 1 58  ? -13.633 -3.678  4.394   1.00 10.17  ? 58  CYS A CB  1 
ATOM   422  S  SG  . CYS A 1 58  ? -15.158 -3.576  3.451   1.00 10.28  ? 58  CYS A SG  1 
ATOM   423  N  N   . GLN A 1 59  ? -12.546 -4.898  7.053   1.00 9.12   ? 59  GLN A N   1 
ATOM   424  C  CA  . GLN A 1 59  ? -11.423 -5.630  7.673   1.00 9.35   ? 59  GLN A CA  1 
ATOM   425  C  C   . GLN A 1 59  ? -11.297 -7.001  7.038   1.00 8.23   ? 59  GLN A C   1 
ATOM   426  O  O   . GLN A 1 59  ? -10.562 -7.861  7.583   1.00 9.92   ? 59  GLN A O   1 
ATOM   427  C  CB  . GLN A 1 59  ? -11.567 -5.756  9.194   1.00 10.56  ? 59  GLN A CB  1 
ATOM   428  C  CG  . GLN A 1 59  ? -11.232 -4.481  9.927   1.00 12.78  ? 59  GLN A CG  1 
ATOM   429  C  CD  . GLN A 1 59  ? -11.191 -4.698  11.423  1.00 12.24  ? 59  GLN A CD  1 
ATOM   430  O  OE1 . GLN A 1 59  ? -12.174 -4.469  12.126  1.00 13.62  ? 59  GLN A OE1 1 
ATOM   431  N  NE2 . GLN A 1 59  ? -10.131 -5.308  11.919  1.00 12.24  ? 59  GLN A NE2 1 
ATOM   432  N  N   . THR A 1 60  ? -11.904 -7.225  5.895   1.00 9.19   ? 60  THR A N   1 
ATOM   433  C  CA  . THR A 1 60  ? -11.673 -8.432  5.097   1.00 10.34  ? 60  THR A CA  1 
ATOM   434  C  C   . THR A 1 60  ? -11.450 -8.049  3.651   1.00 9.56   ? 60  THR A C   1 
ATOM   435  O  O   . THR A 1 60  ? -12.053 -7.089  3.148   1.00 10.58  ? 60  THR A O   1 
ATOM   436  C  CB  . THR A 1 60  ? -12.736 -9.502  5.258   1.00 11.94  ? 60  THR A CB  1 
ATOM   437  O  OG1 . THR A 1 60  ? -13.898 -8.998  4.632   1.00 15.89  ? 60  THR A OG1 1 
ATOM   438  C  CG2 . THR A 1 60  ? -12.946 -9.889  6.705   1.00 12.18  ? 60  THR A CG2 1 
ATOM   439  N  N   . GLY A 1 61  ? -10.603 -8.760  2.974   1.00 8.94   ? 61  GLY A N   1 
ATOM   440  C  CA  . GLY A 1 61  ? -10.272 -8.453  1.591   1.00 9.45   ? 61  GLY A CA  1 
ATOM   441  C  C   . GLY A 1 61  ? -9.422  -9.553  1.003   1.00 8.45   ? 61  GLY A C   1 
ATOM   442  O  O   . GLY A 1 61  ? -9.304  -10.668 1.557   1.00 9.02   ? 61  GLY A O   1 
ATOM   443  N  N   . VAL A 1 62  ? -8.790  -9.266  -0.110  1.00 7.67   ? 62  VAL A N   1 
ATOM   444  C  CA  . VAL A 1 62  ? -7.932  -10.220 -0.860  1.00 8.13   ? 62  VAL A CA  1 
ATOM   445  C  C   . VAL A 1 62  ? -6.691  -9.476  -1.279  1.00 8.03   ? 62  VAL A C   1 
ATOM   446  O  O   . VAL A 1 62  ? -6.817  -8.336  -1.751  1.00 9.16   ? 62  VAL A O   1 
ATOM   447  C  CB  . VAL A 1 62  ? -8.675  -10.746 -2.088  1.00 8.93   ? 62  VAL A CB  1 
ATOM   448  C  CG1 . VAL A 1 62  ? -7.739  -11.569 -2.951  1.00 9.85   ? 62  VAL A CG1 1 
ATOM   449  C  CG2 . VAL A 1 62  ? -9.898  -11.536 -1.660  1.00 9.28   ? 62  VAL A CG2 1 
ATOM   450  N  N   . TYR A 1 63  ? -5.512  -10.035 -1.059  1.00 8.97   ? 63  TYR A N   1 
ATOM   451  C  CA  . TYR A 1 63  ? -4.271  -9.357  -1.491  1.00 8.76   ? 63  TYR A CA  1 
ATOM   452  C  C   . TYR A 1 63  ? -3.479  -10.236 -2.450  1.00 8.87   ? 63  TYR A C   1 
ATOM   453  O  O   . TYR A 1 63  ? -3.576  -11.474 -2.403  1.00 9.11   ? 63  TYR A O   1 
ATOM   454  C  CB  . TYR A 1 63  ? -3.391  -8.948  -0.305  1.00 8.92   ? 63  TYR A CB  1 
ATOM   455  C  CG  . TYR A 1 63  ? -2.457  -9.997  0.255   1.00 9.27   ? 63  TYR A CG  1 
ATOM   456  C  CD1 . TYR A 1 63  ? -2.921  -11.006 1.076   1.00 9.40   ? 63  TYR A CD1 1 
ATOM   457  C  CD2 . TYR A 1 63  ? -1.092  -10.002 -0.053  1.00 8.85   ? 63  TYR A CD2 1 
ATOM   458  C  CE1 . TYR A 1 63  ? -2.068  -11.951 1.624   1.00 9.61   ? 63  TYR A CE1 1 
ATOM   459  C  CE2 . TYR A 1 63  ? -0.233  -10.950 0.481   1.00 9.52   ? 63  TYR A CE2 1 
ATOM   460  C  CZ  . TYR A 1 63  ? -0.735  -11.943 1.295   1.00 10.03  ? 63  TYR A CZ  1 
ATOM   461  O  OH  . TYR A 1 63  ? 0.074   -12.894 1.853   1.00 10.63  ? 63  TYR A OH  1 
ATOM   462  N  N   . TYR A 1 64  ? -2.662  -9.610  -3.259  1.00 9.20   ? 64  TYR A N   1 
ATOM   463  C  CA  . TYR A 1 64  ? -1.766  -10.294 -4.194  1.00 9.86   ? 64  TYR A CA  1 
ATOM   464  C  C   . TYR A 1 64  ? -0.386  -10.453 -3.581  1.00 9.08   ? 64  TYR A C   1 
ATOM   465  O  O   . TYR A 1 64  ? 0.229   -9.452  -3.165  1.00 9.09   ? 64  TYR A O   1 
ATOM   466  C  CB  . TYR A 1 64  ? -1.660  -9.519  -5.504  1.00 10.61  ? 64  TYR A CB  1 
ATOM   467  C  CG  . TYR A 1 64  ? -0.787  -10.264 -6.473  1.00 11.40  ? 64  TYR A CG  1 
ATOM   468  C  CD1 . TYR A 1 64  ? -1.100  -11.561 -6.864  1.00 11.70  ? 64  TYR A CD1 1 
ATOM   469  C  CD2 . TYR A 1 64  ? 0.411   -9.729  -6.896  1.00 10.94  ? 64  TYR A CD2 1 
ATOM   470  C  CE1 . TYR A 1 64  ? -0.268  -12.288 -7.703  1.00 13.00  ? 64  TYR A CE1 1 
ATOM   471  C  CE2 . TYR A 1 64  ? 1.241   -10.429 -7.759  1.00 12.91  ? 64  TYR A CE2 1 
ATOM   472  C  CZ  . TYR A 1 64  ? 0.917   -11.718 -8.131  1.00 12.78  ? 64  TYR A CZ  1 
ATOM   473  O  OH  . TYR A 1 64  ? 1.767   -12.417 -8.959  1.00 14.91  ? 64  TYR A OH  1 
ATOM   474  N  N   . CYS A 1 65  ? 0.079   -11.676 -3.589  1.00 9.32   ? 65  CYS A N   1 
ATOM   475  C  CA  . CYS A 1 65  ? 1.405   -12.075 -3.111  1.00 9.51   ? 65  CYS A CA  1 
ATOM   476  C  C   . CYS A 1 65  ? 2.262   -12.530 -4.288  1.00 8.87   ? 65  CYS A C   1 
ATOM   477  O  O   . CYS A 1 65  ? 2.156   -13.713 -4.742  1.00 9.46   ? 65  CYS A O   1 
ATOM   478  C  CB  . CYS A 1 65  ? 1.250   -13.208 -2.125  1.00 9.53   ? 65  CYS A CB  1 
ATOM   479  S  SG  . CYS A 1 65  ? 2.796   -13.799 -1.436  1.00 10.51  ? 65  CYS A SG  1 
ATOM   480  N  N   . SER A 1 66  ? 3.154   -11.686 -4.744  1.00 9.29   ? 66  SER A N   1 
ATOM   481  C  CA  . SER A 1 66  ? 3.984   -11.988 -5.924  1.00 10.27  ? 66  SER A CA  1 
ATOM   482  C  C   . SER A 1 66  ? 4.897   -13.186 -5.647  1.00 9.32   ? 66  SER A C   1 
ATOM   483  O  O   . SER A 1 66  ? 5.147   -13.962 -6.599  1.00 10.47  ? 66  SER A O   1 
ATOM   484  C  CB  . SER A 1 66  ? 4.746   -10.771 -6.370  1.00 11.22  ? 66  SER A CB  1 
ATOM   485  O  OG  . SER A 1 66  ? 5.783   -10.395 -5.519  1.00 15.46  ? 66  SER A OG  1 
ATOM   486  N  N   . SER A 1 67  ? 5.369   -13.358 -4.438  1.00 9.00   ? 67  SER A N   1 
ATOM   487  C  CA  . SER A 1 67  ? 6.296   -14.441 -4.071  1.00 9.62   ? 67  SER A CA  1 
ATOM   488  C  C   . SER A 1 67  ? 5.591   -15.804 -4.037  1.00 9.14   ? 67  SER A C   1 
ATOM   489  O  O   . SER A 1 67  ? 6.308   -16.839 -3.828  1.00 9.64   ? 67  SER A O   1 
ATOM   490  C  CB  . SER A 1 67  ? 7.037   -14.159 -2.850  1.00 9.09   ? 67  SER A CB  1 
ATOM   491  O  OG  . SER A 1 67  ? 6.217   -14.135 -1.708  1.00 10.14  ? 67  SER A OG  1 
ATOM   492  N  N   . ARG A 1 68  ? 4.269   -15.830 -4.266  1.00 9.53   ? 68  ARG A N   1 
ATOM   493  C  CA  . ARG A 1 68  ? 3.510   -17.080 -4.387  1.00 9.59   ? 68  ARG A CA  1 
ATOM   494  C  C   . ARG A 1 68  ? 2.751   -17.119 -5.690  1.00 10.35  ? 68  ARG A C   1 
ATOM   495  O  O   . ARG A 1 68  ? 2.046   -18.111 -5.921  1.00 11.73  ? 68  ARG A O   1 
ATOM   496  C  CB  . ARG A 1 68  ? 2.561   -17.216 -3.204  1.00 10.03  ? 68  ARG A CB  1 
ATOM   497  C  CG  . ARG A 1 68  ? 3.303   -17.349 -1.895  1.00 10.73  ? 68  ARG A CG  1 
ATOM   498  C  CD  . ARG A 1 68  ? 3.820   -18.747 -1.675  1.00 11.14  ? 68  ARG A CD  1 
ATOM   499  N  NE  . ARG A 1 68  ? 4.547   -18.906 -0.451  1.00 11.90  ? 68  ARG A NE  1 
ATOM   500  C  CZ  . ARG A 1 68  ? 5.824   -18.626 -0.238  1.00 11.22  ? 68  ARG A CZ  1 
ATOM   501  N  NH1 . ARG A 1 68  ? 6.627   -18.283 -1.246  1.00 11.58  ? 68  ARG A NH1 1 
ATOM   502  N  NH2 . ARG A 1 68  ? 6.333   -18.828 0.955   1.00 12.87  ? 68  ARG A NH2 1 
ATOM   503  N  N   . ARG A 1 69  ? 2.801   -16.068 -6.483  1.00 10.85  ? 69  ARG A N   1 
ATOM   504  C  CA  . ARG A 1 69  ? 1.909   -15.907 -7.660  1.00 11.22  ? 69  ARG A CA  1 
ATOM   505  C  C   . ARG A 1 69  ? 0.463   -16.204 -7.281  1.00 12.07  ? 69  ARG A C   1 
ATOM   506  O  O   . ARG A 1 69  ? -0.249  -16.886 -8.054  1.00 13.86  ? 69  ARG A O   1 
ATOM   507  C  CB  . ARG A 1 69  ? 2.387   -16.772 -8.831  1.00 11.33  ? 69  ARG A CB  1 
ATOM   508  C  CG  . ARG A 1 69  ? 3.741   -16.374 -9.389  1.00 11.89  ? 69  ARG A CG  1 
ATOM   509  C  CD  . ARG A 1 69  ? 4.080   -17.201 -10.610 1.00 12.81  ? 69  ARG A CD  1 
ATOM   510  N  NE  . ARG A 1 69  ? 5.394   -16.907 -11.210 1.00 14.39  ? 69  ARG A NE  1 
ATOM   511  C  CZ  . ARG A 1 69  ? 6.425   -17.752 -11.286 1.00 14.12  ? 69  ARG A CZ  1 
ATOM   512  N  NH1 . ARG A 1 69  ? 6.345   -18.967 -10.769 1.00 14.53  ? 69  ARG A NH1 1 
ATOM   513  N  NH2 . ARG A 1 69  ? 7.545   -17.353 -11.876 1.00 14.75  ? 69  ARG A NH2 1 
ATOM   514  N  N   . LYS A 1 70  ? -0.008  -15.681 -6.162  1.00 11.49  ? 70  LYS A N   1 
ATOM   515  C  CA  . LYS A 1 70  ? -1.356  -16.041 -5.650  1.00 12.65  ? 70  LYS A CA  1 
ATOM   516  C  C   . LYS A 1 70  ? -1.984  -14.837 -4.986  1.00 11.62  ? 70  LYS A C   1 
ATOM   517  O  O   . LYS A 1 70  ? -1.256  -14.037 -4.364  1.00 11.68  ? 70  LYS A O   1 
ATOM   518  C  CB  . LYS A 1 70  ? -1.265  -17.242 -4.696  1.00 14.04  ? 70  LYS A CB  1 
ATOM   519  C  CG  . LYS A 1 70  ? -1.154  -18.597 -5.363  1.00 19.95  ? 70  LYS A CG  1 
ATOM   520  C  CD  . LYS A 1 70  ? -1.320  -19.739 -4.391  1.00 24.32  ? 70  LYS A CD  1 
ATOM   521  C  CE  . LYS A 1 70  ? -0.965  -21.079 -5.002  1.00 29.10  ? 70  LYS A CE  1 
ATOM   522  N  NZ  . LYS A 1 70  ? 0.475   -21.140 -5.367  1.00 33.79  ? 70  LYS A NZ  1 
ATOM   523  N  N   . HIS A 1 71  ? -3.287  -14.807 -5.099  1.00 10.70  ? 71  HIS A N   1 
ATOM   524  C  CA  . HIS A 1 71  ? -4.128  -13.897 -4.302  1.00 10.95  ? 71  HIS A CA  1 
ATOM   525  C  C   . HIS A 1 71  ? -4.685  -14.660 -3.129  1.00 10.93  ? 71  HIS A C   1 
ATOM   526  O  O   . HIS A 1 71  ? -5.131  -15.845 -3.278  1.00 14.18  ? 71  HIS A O   1 
ATOM   527  C  CB  . HIS A 1 71  ? -5.287  -13.320 -5.111  1.00 11.76  ? 71  HIS A CB  1 
ATOM   528  C  CG  . HIS A 1 71  ? -4.886  -12.422 -6.215  1.00 11.88  ? 71  HIS A CG  1 
ATOM   529  N  ND1 . HIS A 1 71  ? -4.956  -11.033 -6.221  1.00 13.08  ? 71  HIS A ND1 1 
ATOM   530  C  CD2 . HIS A 1 71  ? -4.389  -12.782 -7.410  1.00 12.75  ? 71  HIS A CD2 1 
ATOM   531  C  CE1 . HIS A 1 71  ? -4.493  -10.594 -7.359  1.00 12.04  ? 71  HIS A CE1 1 
ATOM   532  N  NE2 . HIS A 1 71  ? -4.189  -11.631 -8.114  1.00 16.55  ? 71  HIS A NE2 1 
ATOM   533  N  N   . TYR A 1 72  ? -4.648  -14.092 -1.943  1.00 9.71   ? 72  TYR A N   1 
ATOM   534  C  CA  . TYR A 1 72  ? -5.138  -14.719 -0.700  1.00 10.69  ? 72  TYR A CA  1 
ATOM   535  C  C   . TYR A 1 72  ? -6.219  -13.887 -0.037  1.00 9.93   ? 72  TYR A C   1 
ATOM   536  O  O   . TYR A 1 72  ? -6.038  -12.686 0.138   1.00 9.50   ? 72  TYR A O   1 
ATOM   537  C  CB  . TYR A 1 72  ? -3.992  -14.844 0.300   1.00 10.71  ? 72  TYR A CB  1 
ATOM   538  C  CG  . TYR A 1 72  ? -2.888  -15.787 -0.088  1.00 11.30  ? 72  TYR A CG  1 
ATOM   539  C  CD1 . TYR A 1 72  ? -3.027  -17.160 0.069   1.00 13.31  ? 72  TYR A CD1 1 
ATOM   540  C  CD2 . TYR A 1 72  ? -1.715  -15.329 -0.644  1.00 11.83  ? 72  TYR A CD2 1 
ATOM   541  C  CE1 . TYR A 1 72  ? -2.006  -18.035 -0.292  1.00 13.65  ? 72  TYR A CE1 1 
ATOM   542  C  CE2 . TYR A 1 72  ? -0.681  -16.188 -0.988  1.00 12.26  ? 72  TYR A CE2 1 
ATOM   543  C  CZ  . TYR A 1 72  ? -0.827  -17.555 -0.823  1.00 12.37  ? 72  TYR A CZ  1 
ATOM   544  O  OH  . TYR A 1 72  ? 0.220   -18.392 -1.183  1.00 14.82  ? 72  TYR A OH  1 
ATOM   545  N  N   . PRO A 1 73  ? -7.333  -14.490 0.406   1.00 9.98   ? 73  PRO A N   1 
ATOM   546  C  CA  . PRO A 1 73  ? -8.301  -13.789 1.246   1.00 9.67   ? 73  PRO A CA  1 
ATOM   547  C  C   . PRO A 1 73  ? -7.741  -13.651 2.655   1.00 9.52   ? 73  PRO A C   1 
ATOM   548  O  O   . PRO A 1 73  ? -7.242  -14.641 3.236   1.00 11.78  ? 73  PRO A O   1 
ATOM   549  C  CB  . PRO A 1 73  ? -9.517  -14.737 1.181   1.00 10.44  ? 73  PRO A CB  1 
ATOM   550  C  CG  . PRO A 1 73  ? -8.969  -16.116 0.935   1.00 12.88  ? 73  PRO A CG  1 
ATOM   551  C  CD  . PRO A 1 73  ? -7.721  -15.891 0.109   1.00 10.61  ? 73  PRO A CD  1 
ATOM   552  N  N   . VAL A 1 74  ? -7.858  -12.473 3.229   1.00 9.13   ? 74  VAL A N   1 
ATOM   553  C  CA  . VAL A 1 74  ? -7.351  -12.208 4.577   1.00 9.84   ? 74  VAL A CA  1 
ATOM   554  C  C   . VAL A 1 74  ? -8.319  -11.348 5.345   1.00 9.68   ? 74  VAL A C   1 
ATOM   555  O  O   . VAL A 1 74  ? -9.053  -10.482 4.800   1.00 9.80   ? 74  VAL A O   1 
ATOM   556  C  CB  . VAL A 1 74  ? -5.996  -11.499 4.517   1.00 10.69  ? 74  VAL A CB  1 
ATOM   557  C  CG1 . VAL A 1 74  ? -4.887  -12.438 4.091   1.00 12.48  ? 74  VAL A CG1 1 
ATOM   558  C  CG2 . VAL A 1 74  ? -5.999  -10.254 3.680   1.00 11.64  ? 74  VAL A CG2 1 
ATOM   559  N  N   . SER A 1 75  ? -8.222  -11.453 6.655   1.00 9.58   ? 75  SER A N   1 
ATOM   560  C  CA  . SER A 1 75  ? -8.729  -10.489 7.636   1.00 9.82   ? 75  SER A CA  1 
ATOM   561  C  C   . SER A 1 75  ? -7.568  -9.610  8.054   1.00 8.69   ? 75  SER A C   1 
ATOM   562  O  O   . SER A 1 75  ? -6.445  -10.106 8.169   1.00 9.60   ? 75  SER A O   1 
ATOM   563  C  CB  . SER A 1 75  ? -9.315  -11.208 8.798   1.00 12.18  ? 75  SER A CB  1 
ATOM   564  O  OG  . SER A 1 75  ? -10.373 -12.077 8.439   1.00 18.30  ? 75  SER A OG  1 
ATOM   565  N  N   . PHE A 1 76  ? -7.800  -8.339  8.300   1.00 8.35   ? 76  PHE A N   1 
ATOM   566  C  CA  . PHE A 1 76  ? -6.719  -7.404  8.631   1.00 8.80   ? 76  PHE A CA  1 
ATOM   567  C  C   . PHE A 1 76  ? -7.151  -6.426  9.688   1.00 8.75   ? 76  PHE A C   1 
ATOM   568  O  O   . PHE A 1 76  ? -8.352  -6.076  9.777   1.00 9.17   ? 76  PHE A O   1 
ATOM   569  C  CB  . PHE A 1 76  ? -6.184  -6.733  7.357   1.00 8.46   ? 76  PHE A CB  1 
ATOM   570  C  CG  . PHE A 1 76  ? -7.204  -6.027  6.498   1.00 8.59   ? 76  PHE A CG  1 
ATOM   571  C  CD1 . PHE A 1 76  ? -7.821  -6.710  5.461   1.00 8.99   ? 76  PHE A CD1 1 
ATOM   572  C  CD2 . PHE A 1 76  ? -7.534  -4.683  6.687   1.00 8.78   ? 76  PHE A CD2 1 
ATOM   573  C  CE1 . PHE A 1 76  ? -8.773  -6.100  4.664   1.00 9.15   ? 76  PHE A CE1 1 
ATOM   574  C  CE2 . PHE A 1 76  ? -8.463  -4.077  5.858   1.00 9.22   ? 76  PHE A CE2 1 
ATOM   575  C  CZ  . PHE A 1 76  ? -9.078  -4.791  4.871   1.00 9.24   ? 76  PHE A CZ  1 
ATOM   576  N  N   . SER A 1 77  ? -6.175  -5.968  10.449  1.00 8.93   ? 77  SER A N   1 
ATOM   577  C  CA  . SER A 1 77  ? -6.428  -4.927  11.478  1.00 8.98   ? 77  SER A CA  1 
ATOM   578  C  C   . SER A 1 77  ? -6.713  -3.577  10.841  1.00 9.49   ? 77  SER A C   1 
ATOM   579  O  O   . SER A 1 77  ? -6.263  -3.318  9.735   1.00 10.31  ? 77  SER A O   1 
ATOM   580  C  CB  . SER A 1 77  ? -5.288  -4.860  12.432  1.00 9.54   ? 77  SER A CB  1 
ATOM   581  O  OG  . SER A 1 77  ? -4.081  -4.537  11.769  1.00 11.31  ? 77  SER A OG  1 
ATOM   582  N  N   . LYS A 1 78  ? -7.395  -2.706  11.575  1.00 9.57   ? 78  LYS A N   1 
ATOM   583  C  CA  . LYS A 1 78  ? -7.626  -1.318  11.123  1.00 10.27  ? 78  LYS A CA  1 
ATOM   584  C  C   . LYS A 1 78  ? -6.285  -0.605  11.116  1.00 10.48  ? 78  LYS A C   1 
ATOM   585  O  O   . LYS A 1 78  ? -5.393  -0.887  11.914  1.00 11.09  ? 78  LYS A O   1 
ATOM   586  C  CB  . LYS A 1 78  ? -8.646  -0.616  12.015  1.00 11.94  ? 78  LYS A CB  1 
ATOM   587  C  CG  . LYS A 1 78  ? -10.029 -1.243  11.958  1.00 12.47  ? 78  LYS A CG  1 
ATOM   588  C  CD  . LYS A 1 78  ? -11.108 -0.494  12.768  1.00 15.51  ? 78  LYS A CD  1 
ATOM   589  C  CE  . LYS A 1 78  ? -12.481 -1.078  12.512  1.00 18.21  ? 78  LYS A CE  1 
ATOM   590  N  NZ  . LYS A 1 78  ? -13.595 -0.291  13.091  1.00 22.66  ? 78  LYS A NZ  1 
ATOM   591  N  N   . PRO A 1 79  ? -6.123  0.443   10.285  1.00 10.33  ? 79  PRO A N   1 
ATOM   592  C  CA  . PRO A 1 79  ? -4.835  1.133   10.164  1.00 11.19  ? 79  PRO A CA  1 
ATOM   593  C  C   . PRO A 1 79  ? -4.424  1.703   11.519  1.00 11.28  ? 79  PRO A C   1 
ATOM   594  O  O   . PRO A 1 79  ? -5.229  2.356   12.197  1.00 13.58  ? 79  PRO A O   1 
ATOM   595  C  CB  . PRO A 1 79  ? -5.125  2.254   9.150   1.00 12.02  ? 79  PRO A CB  1 
ATOM   596  C  CG  . PRO A 1 79  ? -6.288  1.740   8.345   1.00 12.49  ? 79  PRO A CG  1 
ATOM   597  C  CD  . PRO A 1 79  ? -7.123  0.922   9.322   1.00 10.34  ? 79  PRO A CD  1 
ATOM   598  N  N   A SER A 1 80  ? -3.168  1.501   11.894  0.25 11.77  ? 80  SER A N   1 
ATOM   599  N  N   B SER A 1 80  ? -3.167  1.502   11.895  0.25 11.54  ? 80  SER A N   1 
ATOM   600  C  CA  A SER A 1 80  ? -2.639  2.000   13.184  0.25 12.66  ? 80  SER A CA  1 
ATOM   601  C  CA  B SER A 1 80  ? -2.630  2.012   13.180  0.25 12.25  ? 80  SER A CA  1 
ATOM   602  C  C   A SER A 1 80  ? -1.138  2.247   13.085  0.25 12.07  ? 80  SER A C   1 
ATOM   603  C  C   B SER A 1 80  ? -1.133  2.266   13.074  0.25 11.86  ? 80  SER A C   1 
ATOM   604  O  O   A SER A 1 80  ? -0.522  1.952   12.038  0.25 11.31  ? 80  SER A O   1 
ATOM   605  O  O   B SER A 1 80  ? -0.514  1.970   12.029  0.25 11.12  ? 80  SER A O   1 
ATOM   606  C  CB  A SER A 1 80  ? -2.974  1.044   14.308  0.25 13.37  ? 80  SER A CB  1 
ATOM   607  C  CB  B SER A 1 80  ? -2.924  1.062   14.320  0.25 12.70  ? 80  SER A CB  1 
ATOM   608  O  OG  A SER A 1 80  ? -3.937  0.082   13.896  0.25 16.53  ? 80  SER A OG  1 
ATOM   609  O  OG  B SER A 1 80  ? -4.251  0.577   14.263  0.25 14.95  ? 80  SER A OG  1 
ATOM   610  N  N   . LEU A 1 81  ? -0.590  2.803   14.165  1.00 11.87  ? 81  LEU A N   1 
ATOM   611  C  CA  . LEU A 1 81  ? 0.844   3.063   14.331  1.00 12.73  ? 81  LEU A CA  1 
ATOM   612  C  C   . LEU A 1 81  ? 1.470   1.815   14.921  1.00 13.17  ? 81  LEU A C   1 
ATOM   613  O  O   . LEU A 1 81  ? 1.119   1.516   16.087  1.00 15.22  ? 81  LEU A O   1 
ATOM   614  C  CB  . LEU A 1 81  ? 1.001   4.289   15.229  1.00 14.56  ? 81  LEU A CB  1 
ATOM   615  C  CG  . LEU A 1 81  ? 2.450   4.719   15.466  1.00 15.50  ? 81  LEU A CG  1 
ATOM   616  C  CD1 . LEU A 1 81  ? 3.186   5.072   14.165  1.00 16.40  ? 81  LEU A CD1 1 
ATOM   617  C  CD2 . LEU A 1 81  ? 2.451   5.886   16.436  1.00 17.77  ? 81  LEU A CD2 1 
ATOM   618  N  N   . ILE A 1 82  ? 2.324   1.137   14.186  1.00 12.05  ? 82  ILE A N   1 
ATOM   619  C  CA  . ILE A 1 82  ? 2.807   -0.227  14.501  1.00 12.55  ? 82  ILE A CA  1 
ATOM   620  C  C   . ILE A 1 82  ? 4.319   -0.243  14.437  1.00 11.39  ? 82  ILE A C   1 
ATOM   621  O  O   . ILE A 1 82  ? 4.887   0.231   13.460  1.00 11.44  ? 82  ILE A O   1 
ATOM   622  C  CB  . ILE A 1 82  ? 2.252   -1.259  13.497  1.00 15.01  ? 82  ILE A CB  1 
ATOM   623  C  CG1 . ILE A 1 82  ? 0.729   -1.212  13.516  1.00 15.25  ? 82  ILE A CG1 1 
ATOM   624  C  CG2 . ILE A 1 82  ? 2.827   -2.655  13.705  1.00 17.99  ? 82  ILE A CG2 1 
ATOM   625  C  CD1 . ILE A 1 82  ? 0.114   -1.635  14.818  1.00 19.82  ? 82  ILE A CD1 1 
ATOM   626  N  N   . PHE A 1 83  ? 4.951   -0.931  15.364  1.00 11.18  ? 83  PHE A N   1 
ATOM   627  C  CA  . PHE A 1 83  ? 6.392   -1.159  15.313  1.00 11.76  ? 83  PHE A CA  1 
ATOM   628  C  C   . PHE A 1 83  ? 6.653   -2.240  14.275  1.00 11.24  ? 83  PHE A C   1 
ATOM   629  O  O   . PHE A 1 83  ? 5.977   -3.302  14.292  1.00 12.49  ? 83  PHE A O   1 
ATOM   630  C  CB  . PHE A 1 83  ? 6.959   -1.543  16.678  1.00 12.66  ? 83  PHE A CB  1 
ATOM   631  C  CG  . PHE A 1 83  ? 8.464   -1.600  16.632  1.00 14.46  ? 83  PHE A CG  1 
ATOM   632  C  CD1 . PHE A 1 83  ? 9.176   -0.422  16.509  1.00 15.66  ? 83  PHE A CD1 1 
ATOM   633  C  CD2 . PHE A 1 83  ? 9.159   -2.798  16.651  1.00 16.99  ? 83  PHE A CD2 1 
ATOM   634  C  CE1 . PHE A 1 83  ? 10.563  -0.436  16.446  1.00 16.68  ? 83  PHE A CE1 1 
ATOM   635  C  CE2 . PHE A 1 83  ? 10.543  -2.807  16.579  1.00 18.88  ? 83  PHE A CE2 1 
ATOM   636  C  CZ  . PHE A 1 83  ? 11.229  -1.634  16.461  1.00 17.77  ? 83  PHE A CZ  1 
ATOM   637  N  N   . VAL A 1 84  ? 7.575   -1.986  13.371  1.00 11.11  ? 84  VAL A N   1 
ATOM   638  C  CA  . VAL A 1 84  ? 7.941   -2.921  12.297  1.00 11.31  ? 84  VAL A CA  1 
ATOM   639  C  C   . VAL A 1 84  ? 9.415   -3.294  12.479  1.00 10.30  ? 84  VAL A C   1 
ATOM   640  O  O   . VAL A 1 84  ? 10.287  -2.386  12.492  1.00 12.07  ? 84  VAL A O   1 
ATOM   641  C  CB  . VAL A 1 84  ? 7.635   -2.319  10.914  1.00 11.27  ? 84  VAL A CB  1 
ATOM   642  C  CG1 . VAL A 1 84  ? 7.985   -3.288  9.820   1.00 11.09  ? 84  VAL A CG1 1 
ATOM   643  C  CG2 . VAL A 1 84  ? 6.184   -1.887  10.829  1.00 11.58  ? 84  VAL A CG2 1 
ATOM   644  N  N   . GLU A 1 85  ? 9.748   -4.565  12.530  1.00 11.02  ? 85  GLU A N   1 
ATOM   645  C  CA  . GLU A 1 85  ? 11.164  -4.974  12.631  1.00 11.51  ? 85  GLU A CA  1 
ATOM   646  C  C   . GLU A 1 85  ? 11.914  -4.586  11.355  1.00 11.64  ? 85  GLU A C   1 
ATOM   647  O  O   . GLU A 1 85  ? 11.285  -4.343  10.290  1.00 12.07  ? 85  GLU A O   1 
ATOM   648  C  CB  . GLU A 1 85  ? 11.262  -6.467  12.890  1.00 12.11  ? 85  GLU A CB  1 
ATOM   649  C  CG  . GLU A 1 85  ? 10.635  -6.833  14.218  1.00 13.91  ? 85  GLU A CG  1 
ATOM   650  C  CD  . GLU A 1 85  ? 11.331  -6.352  15.470  1.00 15.71  ? 85  GLU A CD  1 
ATOM   651  O  OE1 . GLU A 1 85  ? 12.480  -5.866  15.403  1.00 16.91  ? 85  GLU A OE1 1 
ATOM   652  O  OE2 . GLU A 1 85  ? 10.656  -6.377  16.530  1.00 16.48  ? 85  GLU A OE2 1 
ATOM   653  N  N   . ALA A 1 86  ? 13.228  -4.562  11.414  1.00 12.96  ? 86  ALA A N   1 
ATOM   654  C  CA  . ALA A 1 86  ? 14.080  -4.227  10.258  1.00 12.95  ? 86  ALA A CA  1 
ATOM   655  C  C   . ALA A 1 86  ? 13.780  -5.154  9.093   1.00 13.93  ? 86  ALA A C   1 
ATOM   656  O  O   . ALA A 1 86  ? 13.607  -6.370  9.279   1.00 14.34  ? 86  ALA A O   1 
ATOM   657  C  CB  . ALA A 1 86  ? 15.539  -4.309  10.653  1.00 14.05  ? 86  ALA A CB  1 
ATOM   658  N  N   . SER A 1 87  ? 13.798  -4.584  7.902   1.00 13.63  ? 87  SER A N   1 
ATOM   659  C  CA  . SER A 1 87  ? 13.624  -5.309  6.625   1.00 14.46  ? 87  SER A CA  1 
ATOM   660  C  C   . SER A 1 87  ? 14.830  -4.964  5.766   1.00 14.25  ? 87  SER A C   1 
ATOM   661  O  O   . SER A 1 87  ? 15.692  -4.129  6.168   1.00 15.23  ? 87  SER A O   1 
ATOM   662  C  CB  . SER A 1 87  ? 12.349  -4.913  5.919   1.00 13.23  ? 87  SER A CB  1 
ATOM   663  O  OG  . SER A 1 87  ? 12.453  -3.578  5.464   1.00 13.03  ? 87  SER A OG  1 
ATOM   664  N  N   . GLU A 1 88  ? 14.887  -5.514  4.557   1.00 15.79  ? 88  GLU A N   1 
ATOM   665  C  CA  . GLU A 1 88  ? 15.990  -5.179  3.627   1.00 15.97  ? 88  GLU A CA  1 
ATOM   666  C  C   . GLU A 1 88  ? 15.918  -3.701  3.253   1.00 16.32  ? 88  GLU A C   1 
ATOM   667  O  O   . GLU A 1 88  ? 16.939  -3.170  2.809   1.00 17.94  ? 88  GLU A O   1 
ATOM   668  C  CB  . GLU A 1 88  ? 16.052  -6.162  2.447   1.00 20.45  ? 88  GLU A CB  1 
ATOM   669  C  CG  . GLU A 1 88  ? 15.128  -5.889  1.303   1.00 27.17  ? 88  GLU A CG  1 
ATOM   670  C  CD  . GLU A 1 88  ? 15.316  -6.903  0.181   1.00 29.71  ? 88  GLU A CD  1 
ATOM   671  O  OE1 . GLU A 1 88  ? 15.699  -8.066  0.489   1.00 33.76  ? 88  GLU A OE1 1 
ATOM   672  O  OE2 . GLU A 1 88  ? 15.066  -6.534  -0.995  1.00 35.04  ? 88  GLU A OE2 1 
ATOM   673  N  N   . TYR A 1 89  ? 14.774  -3.033  3.368   1.00 13.77  ? 89  TYR A N   1 
ATOM   674  C  CA  . TYR A 1 89  ? 14.603  -1.668  2.813   1.00 13.11  ? 89  TYR A CA  1 
ATOM   675  C  C   . TYR A 1 89  ? 14.339  -0.623  3.890   1.00 13.92  ? 89  TYR A C   1 
ATOM   676  O  O   . TYR A 1 89  ? 14.381  0.580   3.558   1.00 13.81  ? 89  TYR A O   1 
ATOM   677  C  CB  . TYR A 1 89  ? 13.511  -1.649  1.739   1.00 12.12  ? 89  TYR A CB  1 
ATOM   678  C  CG  . TYR A 1 89  ? 12.223  -2.312  2.164   1.00 12.80  ? 89  TYR A CG  1 
ATOM   679  C  CD1 . TYR A 1 89  ? 12.057  -3.661  1.994   1.00 12.70  ? 89  TYR A CD1 1 
ATOM   680  C  CD2 . TYR A 1 89  ? 11.184  -1.609  2.751   1.00 12.62  ? 89  TYR A CD2 1 
ATOM   681  C  CE1 . TYR A 1 89  ? 10.905  -4.315  2.384   1.00 13.50  ? 89  TYR A CE1 1 
ATOM   682  C  CE2 . TYR A 1 89  ? 10.019  -2.246  3.166   1.00 12.43  ? 89  TYR A CE2 1 
ATOM   683  C  CZ  . TYR A 1 89  ? 9.856   -3.604  2.939   1.00 11.58  ? 89  TYR A CZ  1 
ATOM   684  O  OH  . TYR A 1 89  ? 8.723   -4.289  3.305   1.00 12.61  ? 89  TYR A OH  1 
ATOM   685  N  N   . TYR A 1 90  ? 14.015  -0.999  5.126   1.00 13.17  ? 90  TYR A N   1 
ATOM   686  C  CA  . TYR A 1 90  ? 13.911  -0.033  6.237   1.00 12.92  ? 90  TYR A CA  1 
ATOM   687  C  C   . TYR A 1 90  ? 14.519  -0.617  7.495   1.00 12.71  ? 90  TYR A C   1 
ATOM   688  O  O   . TYR A 1 90  ? 14.489  -1.827  7.712   1.00 13.05  ? 90  TYR A O   1 
ATOM   689  C  CB  . TYR A 1 90  ? 12.463  0.296   6.569   1.00 13.24  ? 90  TYR A CB  1 
ATOM   690  C  CG  . TYR A 1 90  ? 11.772  1.203   5.592   1.00 12.81  ? 90  TYR A CG  1 
ATOM   691  C  CD1 . TYR A 1 90  ? 12.248  2.476   5.296   1.00 14.22  ? 90  TYR A CD1 1 
ATOM   692  C  CD2 . TYR A 1 90  ? 10.532  0.860   5.080   1.00 13.29  ? 90  TYR A CD2 1 
ATOM   693  C  CE1 . TYR A 1 90  ? 11.536  3.333   4.470   1.00 14.98  ? 90  TYR A CE1 1 
ATOM   694  C  CE2 . TYR A 1 90  ? 9.835   1.687   4.218   1.00 12.93  ? 90  TYR A CE2 1 
ATOM   695  C  CZ  . TYR A 1 90  ? 10.332  2.941   3.905   1.00 12.45  ? 90  TYR A CZ  1 
ATOM   696  O  OH  . TYR A 1 90  ? 9.649   3.800   3.070   1.00 13.33  ? 90  TYR A OH  1 
ATOM   697  N  N   . PRO A 1 91  ? 14.998  0.283   8.375   1.00 12.80  ? 91  PRO A N   1 
ATOM   698  C  CA  . PRO A 1 91  ? 15.393  -0.118  9.720   1.00 12.74  ? 91  PRO A CA  1 
ATOM   699  C  C   . PRO A 1 91  ? 14.127  -0.494  10.499  1.00 12.39  ? 91  PRO A C   1 
ATOM   700  O  O   . PRO A 1 91  ? 12.973  -0.239  10.084  1.00 12.62  ? 91  PRO A O   1 
ATOM   701  C  CB  . PRO A 1 91  ? 16.070  1.139   10.269  1.00 13.56  ? 91  PRO A CB  1 
ATOM   702  C  CG  . PRO A 1 91  ? 15.302  2.240   9.617   1.00 14.63  ? 91  PRO A CG  1 
ATOM   703  C  CD  . PRO A 1 91  ? 15.078  1.737   8.205   1.00 13.70  ? 91  PRO A CD  1 
ATOM   704  N  N   . ALA A 1 92  ? 14.333  -1.047  11.685  1.00 13.62  ? 92  ALA A N   1 
ATOM   705  C  CA  . ALA A 1 92  ? 13.230  -1.255  12.629  1.00 14.58  ? 92  ALA A CA  1 
ATOM   706  C  C   . ALA A 1 92  ? 12.703  0.125   12.983  1.00 14.29  ? 92  ALA A C   1 
ATOM   707  O  O   . ALA A 1 92  ? 13.556  1.005   13.313  1.00 18.31  ? 92  ALA A O   1 
ATOM   708  C  CB  . ALA A 1 92  ? 13.745  -1.988  13.842  1.00 14.52  ? 92  ALA A CB  1 
ATOM   709  N  N   . ARG A 1 93  ? 11.409  0.364   12.902  1.00 14.64  ? 93  ARG A N   1 
ATOM   710  C  CA  . ARG A 1 93  ? 10.854  1.701   13.115  1.00 16.01  ? 93  ARG A CA  1 
ATOM   711  C  C   . ARG A 1 93  ? 9.336   1.581   13.283  1.00 13.75  ? 93  ARG A C   1 
ATOM   712  O  O   . ARG A 1 93  ? 8.758   0.459   13.025  1.00 13.80  ? 93  ARG A O   1 
ATOM   713  C  CB  . ARG A 1 93  ? 11.281  2.561   11.921  1.00 15.74  ? 93  ARG A CB  1 
ATOM   714  C  CG  . ARG A 1 93  ? 10.439  2.241   10.706  1.00 14.86  ? 93  ARG A CG  1 
ATOM   715  C  CD  . ARG A 1 93  ? 10.883  2.873   9.396   1.00 15.82  ? 93  ARG A CD  1 
ATOM   716  N  NE  . ARG A 1 93  ? 9.804   2.724   8.411   1.00 15.03  ? 93  ARG A NE  1 
ATOM   717  C  CZ  . ARG A 1 93  ? 9.226   3.652   7.667   1.00 14.30  ? 93  ARG A CZ  1 
ATOM   718  N  NH1 . ARG A 1 93  ? 9.688   4.896   7.645   1.00 14.95  ? 93  ARG A NH1 1 
ATOM   719  N  NH2 . ARG A 1 93  ? 8.186   3.319   6.917   1.00 16.11  ? 93  ARG A NH2 1 
ATOM   720  N  N   . TYR A 1 94  ? 8.695   2.651   13.699  1.00 13.90  ? 94  TYR A N   1 
ATOM   721  C  CA  . TYR A 1 94  ? 7.223   2.777   13.738  1.00 13.51  ? 94  TYR A CA  1 
ATOM   722  C  C   . TYR A 1 94  ? 6.767   3.174   12.347  1.00 12.90  ? 94  TYR A C   1 
ATOM   723  O  O   . TYR A 1 94  ? 7.428   4.042   11.712  1.00 16.24  ? 94  TYR A O   1 
ATOM   724  C  CB  . TYR A 1 94  ? 6.760   3.774   14.797  1.00 14.36  ? 94  TYR A CB  1 
ATOM   725  C  CG  . TYR A 1 94  ? 6.769   3.135   16.164  1.00 15.72  ? 94  TYR A CG  1 
ATOM   726  C  CD1 . TYR A 1 94  ? 5.679   2.375   16.539  1.00 17.42  ? 94  TYR A CD1 1 
ATOM   727  C  CD2 . TYR A 1 94  ? 7.862   3.185   17.011  1.00 18.14  ? 94  TYR A CD2 1 
ATOM   728  C  CE1 . TYR A 1 94  ? 5.617   1.724   17.752  1.00 19.16  ? 94  TYR A CE1 1 
ATOM   729  C  CE2 . TYR A 1 94  ? 7.824   2.526   18.243  1.00 19.44  ? 94  TYR A CE2 1 
ATOM   730  C  CZ  . TYR A 1 94  ? 6.700   1.789   18.599  1.00 19.00  ? 94  TYR A CZ  1 
ATOM   731  O  OH  . TYR A 1 94  ? 6.605   1.129   19.791  1.00 22.33  ? 94  TYR A OH  1 
ATOM   732  N  N   . GLN A 1 95  ? 5.742   2.507   11.845  1.00 11.24  ? 95  GLN A N   1 
ATOM   733  C  CA  . GLN A 1 95  ? 5.087   2.869   10.576  1.00 11.18  ? 95  GLN A CA  1 
ATOM   734  C  C   . GLN A 1 95  ? 3.641   3.184   10.893  1.00 11.12  ? 95  GLN A C   1 
ATOM   735  O  O   . GLN A 1 95  ? 2.995   2.399   11.643  1.00 12.47  ? 95  GLN A O   1 
ATOM   736  C  CB  . GLN A 1 95  ? 5.225   1.726   9.595   1.00 11.67  ? 95  GLN A CB  1 
ATOM   737  C  CG  . GLN A 1 95  ? 4.627   2.013   8.244   1.00 12.96  ? 95  GLN A CG  1 
ATOM   738  C  CD  . GLN A 1 95  ? 5.166   1.173   7.110   1.00 12.10  ? 95  GLN A CD  1 
ATOM   739  O  OE1 . GLN A 1 95  ? 6.336   0.834   7.068   1.00 13.14  ? 95  GLN A OE1 1 
ATOM   740  N  NE2 . GLN A 1 95  ? 4.268   0.881   6.198   1.00 12.78  ? 95  GLN A NE2 1 
ATOM   741  N  N   . SER A 1 96  ? 3.120   4.258   10.343  1.00 9.99   ? 96  SER A N   1 
ATOM   742  C  CA  . SER A 1 96  ? 1.739   4.709   10.570  1.00 11.24  ? 96  SER A CA  1 
ATOM   743  C  C   . SER A 1 96  ? 0.808   4.166   9.485   1.00 9.93   ? 96  SER A C   1 
ATOM   744  O  O   . SER A 1 96  ? 1.269   3.828   8.367   1.00 10.39  ? 96  SER A O   1 
ATOM   745  C  CB  . SER A 1 96  ? 1.646   6.217   10.677  1.00 12.54  ? 96  SER A CB  1 
ATOM   746  O  OG  . SER A 1 96  ? 2.036   6.790   9.428   1.00 14.80  ? 96  SER A OG  1 
ATOM   747  N  N   . HIS A 1 97  ? -0.479  4.221   9.780   1.00 10.16  ? 97  HIS A N   1 
ATOM   748  C  CA  . HIS A 1 97  ? -1.535  3.838   8.802   1.00 10.07  ? 97  HIS A CA  1 
ATOM   749  C  C   . HIS A 1 97  ? -1.298  2.429   8.246   1.00 9.23   ? 97  HIS A C   1 
ATOM   750  O  O   . HIS A 1 97  ? -1.585  2.184   7.065   1.00 9.73   ? 97  HIS A O   1 
ATOM   751  C  CB  . HIS A 1 97  ? -1.648  4.911   7.711   1.00 11.70  ? 97  HIS A CB  1 
ATOM   752  C  CG  . HIS A 1 97  ? -1.974  6.250   8.244   1.00 12.43  ? 97  HIS A CG  1 
ATOM   753  N  ND1 . HIS A 1 97  ? -3.267  6.698   8.262   1.00 12.49  ? 97  HIS A ND1 1 
ATOM   754  C  CD2 . HIS A 1 97  ? -1.198  7.215   8.762   1.00 12.56  ? 97  HIS A CD2 1 
ATOM   755  C  CE1 . HIS A 1 97  ? -3.267  7.935   8.776   1.00 13.82  ? 97  HIS A CE1 1 
ATOM   756  N  NE2 . HIS A 1 97  ? -2.045  8.240   9.103   1.00 14.09  ? 97  HIS A NE2 1 
ATOM   757  N  N   . LEU A 1 98  ? -0.821  1.530   9.101   1.00 9.51   ? 98  LEU A N   1 
ATOM   758  C  CA  . LEU A 1 98  ? -0.440  0.163   8.720   1.00 9.43   ? 98  LEU A CA  1 
ATOM   759  C  C   . LEU A 1 98  ? -1.492  -0.828  9.204   1.00 8.61   ? 98  LEU A C   1 
ATOM   760  O  O   . LEU A 1 98  ? -1.938  -0.727  10.357  1.00 9.75   ? 98  LEU A O   1 
ATOM   761  C  CB  . LEU A 1 98  ? 0.916   -0.188  9.319   1.00 10.06  ? 98  LEU A CB  1 
ATOM   762  C  CG  . LEU A 1 98  ? 1.444   -1.554  8.893   1.00 10.82  ? 98  LEU A CG  1 
ATOM   763  C  CD1 . LEU A 1 98  ? 1.810   -1.582  7.435   1.00 11.06  ? 98  LEU A CD1 1 
ATOM   764  C  CD2 . LEU A 1 98  ? 2.648   -1.951  9.708   1.00 12.54  ? 98  LEU A CD2 1 
ATOM   765  N  N   . MET A 1 99  ? -1.911  -1.726  8.341   1.00 8.21   ? 99  MET A N   1 
ATOM   766  C  CA  . MET A 1 99  ? -2.851  -2.832  8.632   1.00 8.75   ? 99  MET A CA  1 
ATOM   767  C  C   . MET A 1 99  ? -2.079  -4.134  8.602   1.00 8.56   ? 99  MET A C   1 
ATOM   768  O  O   . MET A 1 99  ? -1.267  -4.313  7.693   1.00 9.39   ? 99  MET A O   1 
ATOM   769  C  CB  . MET A 1 99  ? -3.964  -2.850  7.586   1.00 8.71   ? 99  MET A CB  1 
ATOM   770  C  CG  . MET A 1 99  ? -4.749  -1.555  7.562   1.00 10.08  ? 99  MET A CG  1 
ATOM   771  S  SD  . MET A 1 99  ? -5.880  -1.379  6.185   1.00 10.68  ? 99  MET A SD  1 
ATOM   772  C  CE  . MET A 1 99  ? -4.761  -1.182  4.808   1.00 10.34  ? 99  MET A CE  1 
ATOM   773  N  N   . LEU A 1 100 ? -2.367  -5.061  9.496   1.00 8.43   ? 100 LEU A N   1 
ATOM   774  C  CA  . LEU A 1 100 ? -1.673  -6.363  9.511   1.00 8.91   ? 100 LEU A CA  1 
ATOM   775  C  C   . LEU A 1 100 ? -2.666  -7.484  9.263   1.00 7.99   ? 100 LEU A C   1 
ATOM   776  O  O   . LEU A 1 100 ? -3.799  -7.445  9.778   1.00 9.29   ? 100 LEU A O   1 
ATOM   777  C  CB  . LEU A 1 100 ? -1.026  -6.558  10.876  1.00 9.72   ? 100 LEU A CB  1 
ATOM   778  C  CG  . LEU A 1 100 ? 0.146   -5.648  11.183  1.00 10.62  ? 100 LEU A CG  1 
ATOM   779  C  CD1 . LEU A 1 100 ? 0.630   -5.807  12.617  1.00 12.16  ? 100 LEU A CD1 1 
ATOM   780  C  CD2 . LEU A 1 100 ? 1.300   -5.886  10.212  1.00 12.03  ? 100 LEU A CD2 1 
ATOM   781  N  N   . ALA A 1 101 ? -2.203  -8.502  8.554   1.00 8.20   ? 101 ALA A N   1 
ATOM   782  C  CA  . ALA A 1 101 ? -2.898  -9.771  8.370   1.00 8.33   ? 101 ALA A CA  1 
ATOM   783  C  C   . ALA A 1 101 ? -1.913  -10.907 8.571   1.00 8.65   ? 101 ALA A C   1 
ATOM   784  O  O   . ALA A 1 101 ? -0.708  -10.703 8.420   1.00 8.63   ? 101 ALA A O   1 
ATOM   785  C  CB  . ALA A 1 101 ? -3.531  -9.848  7.001   1.00 8.47   ? 101 ALA A CB  1 
ATOM   786  N  N   . VAL A 1 102 ? -2.450  -12.087 8.788   1.00 8.82   ? 102 VAL A N   1 
ATOM   787  C  CA  . VAL A 1 102 ? -1.636  -13.314 8.830   1.00 9.14   ? 102 VAL A CA  1 
ATOM   788  C  C   . VAL A 1 102 ? -1.488  -13.788 7.384   1.00 8.94   ? 102 VAL A C   1 
ATOM   789  O  O   . VAL A 1 102 ? -2.491  -14.036 6.690   1.00 9.73   ? 102 VAL A O   1 
ATOM   790  C  CB  . VAL A 1 102 ? -2.277  -14.365 9.731   1.00 9.03   ? 102 VAL A CB  1 
ATOM   791  C  CG1 . VAL A 1 102 ? -1.469  -15.657 9.705   1.00 9.50   ? 102 VAL A CG1 1 
ATOM   792  C  CG2 . VAL A 1 102 ? -2.389  -13.856 11.143  1.00 9.00   ? 102 VAL A CG2 1 
ATOM   793  N  N   . GLY A 1 103 ? -0.259  -13.846 6.909   1.00 9.28   ? 103 GLY A N   1 
ATOM   794  C  CA  . GLY A 1 103 ? -0.006  -14.223 5.527   1.00 10.26  ? 103 GLY A CA  1 
ATOM   795  C  C   . GLY A 1 103 ? 1.447   -14.050 5.173   1.00 10.22  ? 103 GLY A C   1 
ATOM   796  O  O   . GLY A 1 103 ? 2.231   -13.579 5.994   1.00 11.49  ? 103 GLY A O   1 
ATOM   797  N  N   . HIS A 1 104 ? 1.800   -14.436 3.959   1.00 10.30  ? 104 HIS A N   1 
ATOM   798  C  CA  . HIS A 1 104 ? 3.183   -14.409 3.461   1.00 10.86  ? 104 HIS A CA  1 
ATOM   799  C  C   . HIS A 1 104 ? 3.488   -13.078 2.791   1.00 9.94   ? 104 HIS A C   1 
ATOM   800  O  O   . HIS A 1 104 ? 2.748   -12.656 1.897   1.00 9.87   ? 104 HIS A O   1 
ATOM   801  C  CB  . HIS A 1 104 ? 3.401   -15.579 2.527   1.00 10.89  ? 104 HIS A CB  1 
ATOM   802  C  CG  . HIS A 1 104 ? 4.814   -15.653 2.134   1.00 11.14  ? 104 HIS A CG  1 
ATOM   803  N  ND1 . HIS A 1 104 ? 5.830   -15.969 3.033   1.00 11.99  ? 104 HIS A ND1 1 
ATOM   804  C  CD2 . HIS A 1 104 ? 5.405   -15.372 0.957   1.00 11.45  ? 104 HIS A CD2 1 
ATOM   805  C  CE1 . HIS A 1 104 ? 6.976   -15.861 2.377   1.00 12.41  ? 104 HIS A CE1 1 
ATOM   806  N  NE2 . HIS A 1 104 ? 6.718   -15.521 1.157   1.00 12.90  ? 104 HIS A NE2 1 
ATOM   807  N  N   . SER A 1 105 ? 4.632   -12.510 3.137   1.00 10.13  ? 105 SER A N   1 
ATOM   808  C  CA  . SER A 1 105 ? 5.096   -11.258 2.529   1.00 10.19  ? 105 SER A CA  1 
ATOM   809  C  C   . SER A 1 105 ? 6.614   -11.204 2.650   1.00 10.19  ? 105 SER A C   1 
ATOM   810  O  O   . SER A 1 105 ? 7.162   -11.221 3.773   1.00 12.57  ? 105 SER A O   1 
ATOM   811  C  CB  . SER A 1 105 ? 4.454   -10.074 3.189   1.00 10.61  ? 105 SER A CB  1 
ATOM   812  O  OG  . SER A 1 105 ? 5.028   -8.867  2.712   1.00 11.20  ? 105 SER A OG  1 
ATOM   813  N  N   . GLU A 1 106 ? 7.267   -11.116 1.527   1.00 9.85   ? 106 GLU A N   1 
ATOM   814  C  CA  . GLU A 1 106 ? 8.713   -10.831 1.399   1.00 11.92  ? 106 GLU A CA  1 
ATOM   815  C  C   . GLU A 1 106 ? 8.901   -9.447  0.828   1.00 12.08  ? 106 GLU A C   1 
ATOM   816  O  O   . GLU A 1 106 ? 7.970   -8.860  0.271   1.00 12.10  ? 106 GLU A O   1 
ATOM   817  C  CB  . GLU A 1 106 ? 9.336   -11.858 0.443   1.00 14.60  ? 106 GLU A CB  1 
ATOM   818  C  CG  . GLU A 1 106 ? 9.268   -13.289 0.944   1.00 17.77  ? 106 GLU A CG  1 
ATOM   819  C  CD  . GLU A 1 106 ? 9.738   -14.338 -0.065  1.00 17.15  ? 106 GLU A CD  1 
ATOM   820  O  OE1 . GLU A 1 106 ? 10.748  -14.099 -0.774  1.00 24.17  ? 106 GLU A OE1 1 
ATOM   821  O  OE2 . GLU A 1 106 ? 9.164   -15.395 -0.137  1.00 16.66  ? 106 GLU A OE2 1 
ATOM   822  N  N   . PRO A 1 107 ? 10.140  -8.891  0.832   1.00 12.81  ? 107 PRO A N   1 
ATOM   823  C  CA  . PRO A 1 107 ? 10.305  -7.505  0.393   1.00 13.20  ? 107 PRO A CA  1 
ATOM   824  C  C   . PRO A 1 107 ? 9.734   -7.245  -1.004  1.00 13.17  ? 107 PRO A C   1 
ATOM   825  O  O   . PRO A 1 107 ? 9.089   -6.190  -1.248  1.00 13.69  ? 107 PRO A O   1 
ATOM   826  C  CB  . PRO A 1 107 ? 11.834  -7.359  0.459   1.00 13.59  ? 107 PRO A CB  1 
ATOM   827  C  CG  . PRO A 1 107 ? 12.204  -8.163  1.671   1.00 14.16  ? 107 PRO A CG  1 
ATOM   828  C  CD  . PRO A 1 107 ? 11.324  -9.396  1.558   1.00 13.44  ? 107 PRO A CD  1 
ATOM   829  N  N   . GLY A 1 108 ? 10.008  -8.138  -1.941  1.00 13.11  ? 108 GLY A N   1 
ATOM   830  C  CA  . GLY A 1 108 ? 9.569   -7.958  -3.321  1.00 13.11  ? 108 GLY A CA  1 
ATOM   831  C  C   . GLY A 1 108 ? 8.053   -8.001  -3.473  1.00 11.50  ? 108 GLY A C   1 
ATOM   832  O  O   . GLY A 1 108 ? 7.534   -7.673  -4.557  1.00 12.19  ? 108 GLY A O   1 
ATOM   833  N  N   . ASP A 1 109 ? 7.317   -8.422  -2.431  1.00 10.39  ? 109 ASP A N   1 
ATOM   834  C  CA  . ASP A 1 109 ? 5.845   -8.432  -2.478  1.00 9.98   ? 109 ASP A CA  1 
ATOM   835  C  C   . ASP A 1 109 ? 5.296   -7.014  -2.310  1.00 9.28   ? 109 ASP A C   1 
ATOM   836  O  O   . ASP A 1 109 ? 4.081   -6.794  -2.550  1.00 8.80   ? 109 ASP A O   1 
ATOM   837  C  CB  . ASP A 1 109 ? 5.288   -9.362  -1.410  1.00 10.13  ? 109 ASP A CB  1 
ATOM   838  C  CG  . ASP A 1 109 ? 5.507   -10.818 -1.748  1.00 9.36   ? 109 ASP A CG  1 
ATOM   839  O  OD1 . ASP A 1 109 ? 5.460   -11.130 -2.974  1.00 10.75  ? 109 ASP A OD1 1 
ATOM   840  O  OD2 . ASP A 1 109 ? 5.839   -11.598 -0.852  1.00 10.01  ? 109 ASP A OD2 1 
ATOM   841  N  N   . CYS A 1 110 ? 6.090   -6.045  -1.883  1.00 9.38   ? 110 CYS A N   1 
ATOM   842  C  CA  . CYS A 1 110 ? 5.612   -4.670  -1.713  1.00 9.15   ? 110 CYS A CA  1 
ATOM   843  C  C   . CYS A 1 110 ? 4.996   -4.192  -3.000  1.00 9.30   ? 110 CYS A C   1 
ATOM   844  O  O   . CYS A 1 110 ? 5.542   -4.407  -4.105  1.00 9.75   ? 110 CYS A O   1 
ATOM   845  C  CB  . CYS A 1 110 ? 6.740   -3.761  -1.282  1.00 9.37   ? 110 CYS A CB  1 
ATOM   846  S  SG  . CYS A 1 110 ? 7.199   -3.949  0.459   1.00 10.89  ? 110 CYS A SG  1 
ATOM   847  N  N   . GLY A 1 111 ? 3.858   -3.521  -2.866  1.00 8.61   ? 111 GLY A N   1 
ATOM   848  C  CA  . GLY A 1 111 ? 3.119   -2.947  -3.990  1.00 8.84   ? 111 GLY A CA  1 
ATOM   849  C  C   . GLY A 1 111 ? 1.934   -3.817  -4.412  1.00 8.87   ? 111 GLY A C   1 
ATOM   850  O  O   . GLY A 1 111 ? 1.120   -3.346  -5.192  1.00 9.55   ? 111 GLY A O   1 
ATOM   851  N  N   . GLY A 1 112 ? 1.871   -5.059  -3.981  1.00 9.06   ? 112 GLY A N   1 
ATOM   852  C  CA  . GLY A 1 112 ? 0.686   -5.879  -4.248  1.00 9.24   ? 112 GLY A CA  1 
ATOM   853  C  C   . GLY A 1 112 ? -0.557  -5.234  -3.663  1.00 8.62   ? 112 GLY A C   1 
ATOM   854  O  O   . GLY A 1 112 ? -0.530  -4.731  -2.543  1.00 8.35   ? 112 GLY A O   1 
ATOM   855  N  N   . ILE A 1 113 ? -1.649  -5.313  -4.378  1.00 8.61   ? 113 ILE A N   1 
ATOM   856  C  CA  . ILE A 1 113 ? -2.901  -4.666  -3.940  1.00 8.59   ? 113 ILE A CA  1 
ATOM   857  C  C   . ILE A 1 113 ? -3.647  -5.546  -2.945  1.00 8.21   ? 113 ILE A C   1 
ATOM   858  O  O   . ILE A 1 113 ? -3.823  -6.749  -3.165  1.00 8.43   ? 113 ILE A O   1 
ATOM   859  C  CB  . ILE A 1 113 ? -3.775  -4.348  -5.169  1.00 10.25  ? 113 ILE A CB  1 
ATOM   860  C  CG1 . ILE A 1 113 ? -3.221  -3.064  -5.799  1.00 12.45  ? 113 ILE A CG1 1 
ATOM   861  C  CG2 . ILE A 1 113 ? -5.259  -4.177  -4.831  1.00 10.12  ? 113 ILE A CG2 1 
ATOM   862  C  CD1 . ILE A 1 113 ? -3.812  -2.761  -7.145  1.00 14.21  ? 113 ILE A CD1 1 
ATOM   863  N  N   . LEU A 1 114 ? -4.166  -4.914  -1.910  1.00 7.61   ? 114 LEU A N   1 
ATOM   864  C  CA  . LEU A 1 114 ? -5.248  -5.426  -1.031  1.00 7.45   ? 114 LEU A CA  1 
ATOM   865  C  C   . LEU A 1 114 ? -6.544  -4.761  -1.485  1.00 7.67   ? 114 LEU A C   1 
ATOM   866  O  O   . LEU A 1 114 ? -6.568  -3.516  -1.588  1.00 8.25   ? 114 LEU A O   1 
ATOM   867  C  CB  . LEU A 1 114 ? -4.933  -5.052  0.409   1.00 7.67   ? 114 LEU A CB  1 
ATOM   868  C  CG  . LEU A 1 114 ? -6.023  -5.373  1.415   1.00 7.97   ? 114 LEU A CG  1 
ATOM   869  C  CD1 . LEU A 1 114 ? -6.242  -6.858  1.573   1.00 8.35   ? 114 LEU A CD1 1 
ATOM   870  C  CD2 . LEU A 1 114 ? -5.670  -4.760  2.768   1.00 8.66   ? 114 LEU A CD2 1 
ATOM   871  N  N   . ARG A 1 115 ? -7.577  -5.542  -1.742  1.00 8.02   ? 115 ARG A N   1 
ATOM   872  C  CA  . ARG A 1 115 ? -8.866  -5.034  -2.211  1.00 7.79   ? 115 ARG A CA  1 
ATOM   873  C  C   . ARG A 1 115 ? -9.996  -5.623  -1.385  1.00 8.55   ? 115 ARG A C   1 
ATOM   874  O  O   . ARG A 1 115 ? -9.896  -6.794  -0.974  1.00 8.73   ? 115 ARG A O   1 
ATOM   875  C  CB  . ARG A 1 115 ? -9.068  -5.281  -3.689  1.00 9.51   ? 115 ARG A CB  1 
ATOM   876  C  CG  . ARG A 1 115 ? -9.160  -6.740  -4.067  1.00 10.19  ? 115 ARG A CG  1 
ATOM   877  C  CD  . ARG A 1 115 ? -9.249  -6.964  -5.560  1.00 11.86  ? 115 ARG A CD  1 
ATOM   878  N  NE  . ARG A 1 115 ? -7.953  -6.787  -6.196  1.00 15.29  ? 115 ARG A NE  1 
ATOM   879  C  CZ  . ARG A 1 115 ? -7.674  -5.904  -7.171  1.00 17.26  ? 115 ARG A CZ  1 
ATOM   880  N  NH1 . ARG A 1 115 ? -8.579  -5.031  -7.594  1.00 19.85  ? 115 ARG A NH1 1 
ATOM   881  N  NH2 . ARG A 1 115 ? -6.482  -5.880  -7.727  1.00 19.12  ? 115 ARG A NH2 1 
ATOM   882  N  N   . CYS A 1 116 ? -11.058 -4.864  -1.255  1.00 9.06   ? 116 CYS A N   1 
ATOM   883  C  CA  . CYS A 1 116 ? -12.325 -5.312  -0.640  1.00 9.09   ? 116 CYS A CA  1 
ATOM   884  C  C   . CYS A 1 116 ? -13.437 -5.086  -1.658  1.00 9.61   ? 116 CYS A C   1 
ATOM   885  O  O   . CYS A 1 116 ? -13.182 -4.716  -2.788  1.00 10.95  ? 116 CYS A O   1 
ATOM   886  C  CB  . CYS A 1 116 ? -12.607 -4.554  0.653   1.00 9.11   ? 116 CYS A CB  1 
ATOM   887  S  SG  . CYS A 1 116 ? -12.903 -2.821  0.307   1.00 9.38   ? 116 CYS A SG  1 
ATOM   888  N  N   . GLN A 1 117 ? -14.650 -5.372  -1.248  1.00 10.47  ? 117 GLN A N   1 
ATOM   889  C  CA  . GLN A 1 117 ? -15.812 -5.146  -2.130  1.00 11.82  ? 117 GLN A CA  1 
ATOM   890  C  C   . GLN A 1 117 ? -15.878 -3.708  -2.631  1.00 11.92  ? 117 GLN A C   1 
ATOM   891  O  O   . GLN A 1 117 ? -16.590 -3.458  -3.603  1.00 14.55  ? 117 GLN A O   1 
ATOM   892  C  CB  . GLN A 1 117 ? -17.101 -5.556  -1.422  1.00 13.25  ? 117 GLN A CB  1 
ATOM   893  C  CG  . GLN A 1 117 ? -17.496 -4.617  -0.299  1.00 15.35  ? 117 GLN A CG  1 
ATOM   894  C  CD  . GLN A 1 117 ? -18.745 -5.000  0.444   1.00 19.44  ? 117 GLN A CD  1 
ATOM   895  O  OE1 . GLN A 1 117 ? -18.685 -5.627  1.499   1.00 24.01  ? 117 GLN A OE1 1 
ATOM   896  N  NE2 . GLN A 1 117 ? -19.856 -4.600  -0.132  1.00 20.83  ? 117 GLN A NE2 1 
ATOM   897  N  N   . HIS A 1 118 ? -15.260 -2.738  -1.975  1.00 11.41  ? 118 HIS A N   1 
ATOM   898  C  CA  . HIS A 1 118 ? -15.403 -1.313  -2.368  1.00 10.66  ? 118 HIS A CA  1 
ATOM   899  C  C   . HIS A 1 118 ? -14.267 -0.872  -3.297  1.00 11.54  ? 118 HIS A C   1 
ATOM   900  O  O   . HIS A 1 118 ? -14.342 0.314   -3.717  1.00 13.01  ? 118 HIS A O   1 
ATOM   901  C  CB  . HIS A 1 118 ? -15.457 -0.435  -1.112  1.00 9.94   ? 118 HIS A CB  1 
ATOM   902  C  CG  . HIS A 1 118 ? -16.548 -0.820  -0.182  1.00 10.21  ? 118 HIS A CG  1 
ATOM   903  N  ND1 . HIS A 1 118 ? -16.301 -1.568  0.951   1.00 10.51  ? 118 HIS A ND1 1 
ATOM   904  C  CD2 . HIS A 1 118 ? -17.874 -0.579  -0.228  1.00 11.47  ? 118 HIS A CD2 1 
ATOM   905  C  CE1 . HIS A 1 118 ? -17.455 -1.790  1.566   1.00 10.37  ? 118 HIS A CE1 1 
ATOM   906  N  NE2 . HIS A 1 118 ? -18.437 -1.143  0.869   1.00 12.51  ? 118 HIS A NE2 1 
ATOM   907  N  N   . GLY A 1 119 ? -13.217 -1.684  -3.492  1.00 10.40  ? 119 GLY A N   1 
ATOM   908  C  CA  . GLY A 1 119 ? -12.083 -1.247  -4.288  1.00 9.95   ? 119 GLY A CA  1 
ATOM   909  C  C   . GLY A 1 119 ? -10.796 -1.485  -3.551  1.00 9.13   ? 119 GLY A C   1 
ATOM   910  O  O   . GLY A 1 119 ? -10.669 -2.377  -2.716  1.00 9.57   ? 119 GLY A O   1 
ATOM   911  N  N   . VAL A 1 120 ? -9.787  -0.740  -3.958  1.00 9.22   ? 120 VAL A N   1 
ATOM   912  C  CA  . VAL A 1 120 ? -8.415  -0.892  -3.424  1.00 8.97   ? 120 VAL A CA  1 
ATOM   913  C  C   . VAL A 1 120 ? -8.374  -0.308  -2.013  1.00 8.62   ? 120 VAL A C   1 
ATOM   914  O  O   . VAL A 1 120 ? -8.677  0.896   -1.816  1.00 9.68   ? 120 VAL A O   1 
ATOM   915  C  CB  . VAL A 1 120 ? -7.393  -0.254  -4.377  1.00 9.35   ? 120 VAL A CB  1 
ATOM   916  C  CG1 . VAL A 1 120 ? -6.020  -0.288  -3.740  1.00 9.07   ? 120 VAL A CG1 1 
ATOM   917  C  CG2 . VAL A 1 120 ? -7.417  -0.884  -5.754  1.00 9.75   ? 120 VAL A CG2 1 
ATOM   918  N  N   . VAL A 1 121 ? -7.856  -1.096  -1.094  1.00 8.25   ? 121 VAL A N   1 
ATOM   919  C  CA  . VAL A 1 121 ? -7.715  -0.705  0.335   1.00 8.39   ? 121 VAL A CA  1 
ATOM   920  C  C   . VAL A 1 121 ? -6.314  -0.180  0.571   1.00 8.70   ? 121 VAL A C   1 
ATOM   921  O  O   . VAL A 1 121 ? -6.128  0.739   1.355   1.00 9.16   ? 121 VAL A O   1 
ATOM   922  C  CB  . VAL A 1 121 ? -7.991  -1.955  1.186   1.00 8.80   ? 121 VAL A CB  1 
ATOM   923  C  CG1 . VAL A 1 121 ? -7.707  -1.699  2.651   1.00 8.87   ? 121 VAL A CG1 1 
ATOM   924  C  CG2 . VAL A 1 121 ? -9.432  -2.425  1.018   1.00 10.18  ? 121 VAL A CG2 1 
ATOM   925  N  N   . GLY A 1 122 ? -5.300  -0.781  -0.037  1.00 8.62   ? 122 GLY A N   1 
ATOM   926  C  CA  . GLY A 1 122 ? -3.904  -0.426  0.247   1.00 9.29   ? 122 GLY A CA  1 
ATOM   927  C  C   . GLY A 1 122 ? -2.964  -1.302  -0.535  1.00 8.76   ? 122 GLY A C   1 
ATOM   928  O  O   . GLY A 1 122 ? -3.405  -2.084  -1.408  1.00 8.67   ? 122 GLY A O   1 
ATOM   929  N  N   . ILE A 1 123 ? -1.692  -1.175  -0.225  1.00 8.29   ? 123 ILE A N   1 
ATOM   930  C  CA  . ILE A 1 123 ? -0.635  -1.970  -0.913  1.00 8.23   ? 123 ILE A CA  1 
ATOM   931  C  C   . ILE A 1 123 ? 0.276   -2.628  0.119   1.00 8.29   ? 123 ILE A C   1 
ATOM   932  O  O   . ILE A 1 123 ? 0.493   -2.071  1.216   1.00 8.05   ? 123 ILE A O   1 
ATOM   933  C  CB  . ILE A 1 123 ? 0.225   -1.160  -1.917  1.00 8.75   ? 123 ILE A CB  1 
ATOM   934  C  CG1 . ILE A 1 123 ? 0.793   0.127   -1.305  1.00 9.79   ? 123 ILE A CG1 1 
ATOM   935  C  CG2 . ILE A 1 123 ? -0.575  -0.895  -3.177  1.00 9.39   ? 123 ILE A CG2 1 
ATOM   936  C  CD1 . ILE A 1 123 ? 1.779   0.846   -2.199  1.00 10.35  ? 123 ILE A CD1 1 
ATOM   937  N  N   . VAL A 1 124 ? 0.777   -3.795  -0.209  1.00 7.99   ? 124 VAL A N   1 
ATOM   938  C  CA  . VAL A 1 124 ? 1.752   -4.471  0.678   1.00 7.77   ? 124 VAL A CA  1 
ATOM   939  C  C   . VAL A 1 124 ? 2.886   -3.510  0.960   1.00 8.20   ? 124 VAL A C   1 
ATOM   940  O  O   . VAL A 1 124 ? 3.486   -2.922  0.021   1.00 7.68   ? 124 VAL A O   1 
ATOM   941  C  CB  . VAL A 1 124 ? 2.252   -5.767  0.054   1.00 7.97   ? 124 VAL A CB  1 
ATOM   942  C  CG1 . VAL A 1 124 ? 3.345   -6.385  0.903   1.00 7.90   ? 124 VAL A CG1 1 
ATOM   943  C  CG2 . VAL A 1 124 ? 1.120   -6.759  -0.179  1.00 8.48   ? 124 VAL A CG2 1 
ATOM   944  N  N   . SER A 1 125 ? 3.305   -3.451  2.215   1.00 7.94   ? 125 SER A N   1 
ATOM   945  C  CA  . SER A 1 125 ? 4.400   -2.604  2.691   1.00 8.40   ? 125 SER A CA  1 
ATOM   946  C  C   . SER A 1 125 ? 5.342   -3.313  3.657   1.00 9.36   ? 125 SER A C   1 
ATOM   947  O  O   . SER A 1 125 ? 6.517   -2.882  3.745   1.00 9.85   ? 125 SER A O   1 
ATOM   948  C  CB  . SER A 1 125 ? 3.821   -1.335  3.281   1.00 9.07   ? 125 SER A CB  1 
ATOM   949  O  OG  . SER A 1 125 ? 4.856   -0.469  3.765   1.00 10.67  ? 125 SER A OG  1 
ATOM   950  N  N   . THR A 1 126 ? 4.867   -4.300  4.416   1.00 8.86   ? 126 THR A N   1 
ATOM   951  C  CA  . THR A 1 126 ? 5.744   -4.978  5.394   1.00 9.06   ? 126 THR A CA  1 
ATOM   952  C  C   . THR A 1 126 ? 5.539   -6.480  5.319   1.00 9.08   ? 126 THR A C   1 
ATOM   953  O  O   . THR A 1 126 ? 4.531   -6.954  4.744   1.00 9.32   ? 126 THR A O   1 
ATOM   954  C  CB  . THR A 1 126 ? 5.511   -4.510  6.850   1.00 9.07   ? 126 THR A CB  1 
ATOM   955  O  OG1 . THR A 1 126 ? 4.302   -5.083  7.356   1.00 10.12  ? 126 THR A OG1 1 
ATOM   956  C  CG2 . THR A 1 126 ? 5.451   -3.004  6.998   1.00 9.56   ? 126 THR A CG2 1 
ATOM   957  N  N   . GLY A 1 127 ? 6.465   -7.223  5.900   1.00 9.51   ? 127 GLY A N   1 
ATOM   958  C  CA  . GLY A 1 127 ? 6.348   -8.669  5.970   1.00 9.84   ? 127 GLY A CA  1 
ATOM   959  C  C   . GLY A 1 127 ? 7.212   -9.215  7.077   1.00 11.08  ? 127 GLY A C   1 
ATOM   960  O  O   . GLY A 1 127 ? 7.645   -8.465  7.958   1.00 13.45  ? 127 GLY A O   1 
ATOM   961  N  N   . GLY A 1 128 ? 7.370   -10.526 7.084   1.00 12.15  ? 128 GLY A N   1 
ATOM   962  C  CA  . GLY A 1 128 ? 8.138   -11.241 8.117   1.00 12.41  ? 128 GLY A CA  1 
ATOM   963  C  C   . GLY A 1 128 ? 7.276   -11.770 9.238   1.00 13.40  ? 128 GLY A C   1 
ATOM   964  O  O   . GLY A 1 128 ? 6.166   -11.285 9.518   1.00 12.98  ? 128 GLY A O   1 
ATOM   965  N  N   . ASN A 1 129 ? 7.779   -12.812 9.895   1.00 14.57  ? 129 ASN A N   1 
ATOM   966  C  CA  . ASN A 1 129 ? 7.132   -13.416 11.088  1.00 14.38  ? 129 ASN A CA  1 
ATOM   967  C  C   . ASN A 1 129 ? 5.678   -13.769 10.804  1.00 12.37  ? 129 ASN A C   1 
ATOM   968  O  O   . ASN A 1 129 ? 4.834   -13.691 11.724  1.00 12.61  ? 129 ASN A O   1 
ATOM   969  C  CB  . ASN A 1 129 ? 7.213   -12.527 12.329  1.00 17.37  ? 129 ASN A CB  1 
ATOM   970  C  CG  . ASN A 1 129 ? 8.603   -12.426 12.922  1.00 21.65  ? 129 ASN A CG  1 
ATOM   971  O  OD1 . ASN A 1 129 ? 9.305   -13.439 13.003  1.00 24.69  ? 129 ASN A OD1 1 
ATOM   972  N  ND2 . ASN A 1 129 ? 8.979   -11.227 13.357  1.00 23.83  ? 129 ASN A ND2 1 
ATOM   973  N  N   . GLY A 1 130 ? 5.416   -14.224 9.596   1.00 11.98  ? 130 GLY A N   1 
ATOM   974  C  CA  . GLY A 1 130 ? 4.092   -14.752 9.257   1.00 10.83  ? 130 GLY A CA  1 
ATOM   975  C  C   . GLY A 1 130 ? 3.002   -13.710 9.118   1.00 9.91   ? 130 GLY A C   1 
ATOM   976  O  O   . GLY A 1 130 ? 1.888   -14.149 9.021   1.00 9.62   ? 130 GLY A O   1 
ATOM   977  N  N   . LEU A 1 131 ? 3.343   -12.416 9.089   1.00 9.99   ? 131 LEU A N   1 
ATOM   978  C  CA  . LEU A 1 131 ? 2.368   -11.344 8.835   1.00 10.05  ? 131 LEU A CA  1 
ATOM   979  C  C   . LEU A 1 131 ? 2.690   -10.668 7.509   1.00 9.72   ? 131 LEU A C   1 
ATOM   980  O  O   . LEU A 1 131 ? 3.835   -10.637 7.018   1.00 11.22  ? 131 LEU A O   1 
ATOM   981  C  CB  . LEU A 1 131 ? 2.346   -10.311 9.941   1.00 11.63  ? 131 LEU A CB  1 
ATOM   982  C  CG  . LEU A 1 131 ? 2.144   -10.839 11.353  1.00 11.64  ? 131 LEU A CG  1 
ATOM   983  C  CD1 . LEU A 1 131 ? 2.033   -9.663  12.303  1.00 13.31  ? 131 LEU A CD1 1 
ATOM   984  C  CD2 . LEU A 1 131 ? 0.942   -11.750 11.477  1.00 11.59  ? 131 LEU A CD2 1 
ATOM   985  N  N   . VAL A 1 132 ? 1.655   -10.091 6.947   1.00 8.97   ? 132 VAL A N   1 
ATOM   986  C  CA  . VAL A 1 132 ? 1.778   -9.143  5.816   1.00 8.80   ? 132 VAL A CA  1 
ATOM   987  C  C   . VAL A 1 132 ? 1.176   -7.829  6.296   1.00 8.76   ? 132 VAL A C   1 
ATOM   988  O  O   . VAL A 1 132 ? 0.043   -7.797  6.885   1.00 8.82   ? 132 VAL A O   1 
ATOM   989  C  CB  . VAL A 1 132 ? 1.080   -9.694  4.579   1.00 9.64   ? 132 VAL A CB  1 
ATOM   990  C  CG1 . VAL A 1 132 ? -0.338  -10.176 4.807   1.00 11.06  ? 132 VAL A CG1 1 
ATOM   991  C  CG2 . VAL A 1 132 ? 1.183   -8.700  3.439   1.00 10.10  ? 132 VAL A CG2 1 
ATOM   992  N  N   . GLY A 1 133 ? 1.868   -6.709  6.113   1.00 8.16   ? 133 GLY A N   1 
ATOM   993  C  CA  . GLY A 1 133 ? 1.408   -5.372  6.469   1.00 8.22   ? 133 GLY A CA  1 
ATOM   994  C  C   . GLY A 1 133 ? 1.077   -4.584  5.227   1.00 7.91   ? 133 GLY A C   1 
ATOM   995  O  O   . GLY A 1 133 ? 1.831   -4.687  4.222   1.00 8.66   ? 133 GLY A O   1 
ATOM   996  N  N   . PHE A 1 134 ? 0.004   -3.834  5.259   1.00 8.48   ? 134 PHE A N   1 
ATOM   997  C  CA  . PHE A 1 134 ? -0.517  -3.040  4.141   1.00 8.36   ? 134 PHE A CA  1 
ATOM   998  C  C   . PHE A 1 134 ? -0.601  -1.580  4.513   1.00 8.48   ? 134 PHE A C   1 
ATOM   999  O  O   . PHE A 1 134 ? -1.084  -1.258  5.599   1.00 8.09   ? 134 PHE A O   1 
ATOM   1000 C  CB  . PHE A 1 134 ? -1.903  -3.497  3.730   1.00 8.26   ? 134 PHE A CB  1 
ATOM   1001 C  CG  . PHE A 1 134 ? -2.043  -4.963  3.506   1.00 8.42   ? 134 PHE A CG  1 
ATOM   1002 C  CD1 . PHE A 1 134 ? -1.730  -5.508  2.276   1.00 7.83   ? 134 PHE A CD1 1 
ATOM   1003 C  CD2 . PHE A 1 134 ? -2.488  -5.806  4.514   1.00 8.79   ? 134 PHE A CD2 1 
ATOM   1004 C  CE1 . PHE A 1 134 ? -1.851  -6.871  2.067   1.00 8.70   ? 134 PHE A CE1 1 
ATOM   1005 C  CE2 . PHE A 1 134 ? -2.663  -7.169  4.274   1.00 8.64   ? 134 PHE A CE2 1 
ATOM   1006 C  CZ  . PHE A 1 134 ? -2.360  -7.679  3.043   1.00 8.86   ? 134 PHE A CZ  1 
ATOM   1007 N  N   . ALA A 1 135 ? -0.046  -0.738  3.653   1.00 8.33   ? 135 ALA A N   1 
ATOM   1008 C  CA  . ALA A 1 135 ? -0.205  0.712   3.781   1.00 8.05   ? 135 ALA A CA  1 
ATOM   1009 C  C   . ALA A 1 135 ? -1.620  1.102   3.314   1.00 7.80   ? 135 ALA A C   1 
ATOM   1010 O  O   . ALA A 1 135 ? -1.926  0.918   2.144   1.00 8.53   ? 135 ALA A O   1 
ATOM   1011 C  CB  . ALA A 1 135 ? 0.880   1.377   2.998   1.00 8.01   ? 135 ALA A CB  1 
ATOM   1012 N  N   . ASP A 1 136 ? -2.448  1.607   4.233   1.00 8.09   ? 136 ASP A N   1 
ATOM   1013 C  CA  . ASP A 1 136 ? -3.805  2.015   3.878   1.00 8.31   ? 136 ASP A CA  1 
ATOM   1014 C  C   . ASP A 1 136 ? -3.761  3.238   2.966   1.00 8.51   ? 136 ASP A C   1 
ATOM   1015 O  O   . ASP A 1 136 ? -2.898  4.131   3.146   1.00 9.00   ? 136 ASP A O   1 
ATOM   1016 C  CB  . ASP A 1 136 ? -4.568  2.385   5.154   1.00 8.77   ? 136 ASP A CB  1 
ATOM   1017 C  CG  . ASP A 1 136 ? -6.010  2.749   4.903   1.00 9.72   ? 136 ASP A CG  1 
ATOM   1018 O  OD1 . ASP A 1 136 ? -6.703  1.960   4.280   1.00 10.46  ? 136 ASP A OD1 1 
ATOM   1019 O  OD2 . ASP A 1 136 ? -6.407  3.872   5.310   1.00 11.98  ? 136 ASP A OD2 1 
ATOM   1020 N  N   . VAL A 1 137 ? -4.721  3.313   2.055   1.00 7.91   ? 137 VAL A N   1 
ATOM   1021 C  CA  . VAL A 1 137 ? -4.949  4.546   1.246   1.00 8.60   ? 137 VAL A CA  1 
ATOM   1022 C  C   . VAL A 1 137 ? -6.384  5.028   1.334   1.00 8.60   ? 137 VAL A C   1 
ATOM   1023 O  O   . VAL A 1 137 ? -6.711  6.021   0.696   1.00 9.24   ? 137 VAL A O   1 
ATOM   1024 C  CB  . VAL A 1 137 ? -4.569  4.295   -0.233  1.00 9.15   ? 137 VAL A CB  1 
ATOM   1025 C  CG1 . VAL A 1 137 ? -3.085  3.940   -0.360  1.00 10.06  ? 137 VAL A CG1 1 
ATOM   1026 C  CG2 . VAL A 1 137 ? -5.434  3.248   -0.910  1.00 9.57   ? 137 VAL A CG2 1 
ATOM   1027 N  N   . ARG A 1 138 ? -7.236  4.386   2.119   1.00 9.49   ? 138 ARG A N   1 
ATOM   1028 C  CA  . ARG A 1 138 ? -8.676  4.726   2.097   1.00 9.58   ? 138 ARG A CA  1 
ATOM   1029 C  C   . ARG A 1 138 ? -8.930  6.083   2.743   1.00 9.83   ? 138 ARG A C   1 
ATOM   1030 O  O   . ARG A 1 138 ? -10.006 6.633   2.470   1.00 10.92  ? 138 ARG A O   1 
ATOM   1031 C  CB  . ARG A 1 138 ? -9.500  3.664   2.809   1.00 9.24   ? 138 ARG A CB  1 
ATOM   1032 C  CG  . ARG A 1 138 ? -9.432  2.303   2.139   1.00 8.92   ? 138 ARG A CG  1 
ATOM   1033 C  CD  . ARG A 1 138 ? -10.207 1.312   2.992   1.00 9.12   ? 138 ARG A CD  1 
ATOM   1034 N  NE  . ARG A 1 138 ? -9.435  1.045   4.198   1.00 9.15   ? 138 ARG A NE  1 
ATOM   1035 C  CZ  . ARG A 1 138 ? -9.764  0.152   5.110   1.00 9.07   ? 138 ARG A CZ  1 
ATOM   1036 N  NH1 . ARG A 1 138 ? -10.946 -0.458  5.042   1.00 8.92   ? 138 ARG A NH1 1 
ATOM   1037 N  NH2 . ARG A 1 138 ? -8.906  -0.129  6.087   1.00 9.02   ? 138 ARG A NH2 1 
ATOM   1038 N  N   . ASP A 1 139 ? -8.040  6.572   3.557   1.00 9.80   ? 139 ASP A N   1 
ATOM   1039 C  CA  . ASP A 1 139 ? -8.198  7.926   4.132   1.00 11.21  ? 139 ASP A CA  1 
ATOM   1040 C  C   . ASP A 1 139 ? -7.773  9.023   3.158   1.00 11.72  ? 139 ASP A C   1 
ATOM   1041 O  O   . ASP A 1 139 ? -8.015  10.200  3.488   1.00 13.35  ? 139 ASP A O   1 
ATOM   1042 C  CB  . ASP A 1 139 ? -7.415  8.058   5.434   1.00 12.09  ? 139 ASP A CB  1 
ATOM   1043 C  CG  . ASP A 1 139 ? -5.909  7.918   5.262   1.00 12.84  ? 139 ASP A CG  1 
ATOM   1044 O  OD1 . ASP A 1 139 ? -5.469  7.082   4.427   1.00 11.81  ? 139 ASP A OD1 1 
ATOM   1045 O  OD2 . ASP A 1 139 ? -5.175  8.646   5.967   1.00 15.58  ? 139 ASP A OD2 1 
ATOM   1046 N  N   . LEU A 1 140 ? -7.142  8.699   2.040   1.00 10.78  ? 140 LEU A N   1 
ATOM   1047 C  CA  . LEU A 1 140 ? -6.578  9.714   1.119   1.00 11.20  ? 140 LEU A CA  1 
ATOM   1048 C  C   . LEU A 1 140 ? -7.682  10.085  0.134   1.00 10.67  ? 140 LEU A C   1 
ATOM   1049 O  O   . LEU A 1 140 ? -7.696  9.695   -1.020  1.00 11.80  ? 140 LEU A O   1 
ATOM   1050 C  CB  . LEU A 1 140 ? -5.315  9.170   0.466   1.00 10.87  ? 140 LEU A CB  1 
ATOM   1051 C  CG  . LEU A 1 140 ? -4.196  8.749   1.410   1.00 11.92  ? 140 LEU A CG  1 
ATOM   1052 C  CD1 . LEU A 1 140 ? -3.056  8.139   0.614   1.00 12.09  ? 140 LEU A CD1 1 
ATOM   1053 C  CD2 . LEU A 1 140 ? -3.705  9.906   2.263   1.00 12.45  ? 140 LEU A CD2 1 
ATOM   1054 N  N   . LEU A 1 141 ? -8.659  10.870  0.612   1.00 11.80  ? 141 LEU A N   1 
ATOM   1055 C  CA  . LEU A 1 141 ? -9.867  11.125  -0.197  1.00 13.58  ? 141 LEU A CA  1 
ATOM   1056 C  C   . LEU A 1 141 ? -9.539  11.922  -1.460  1.00 13.08  ? 141 LEU A C   1 
ATOM   1057 O  O   . LEU A 1 141 ? -10.247 11.807  -2.439  1.00 14.56  ? 141 LEU A O   1 
ATOM   1058 C  CB  . LEU A 1 141 ? -10.932 11.857  0.624   1.00 14.90  ? 141 LEU A CB  1 
ATOM   1059 C  CG  . LEU A 1 141 ? -11.289 11.273  1.988   1.00 15.80  ? 141 LEU A CG  1 
ATOM   1060 C  CD1 . LEU A 1 141 ? -12.487 11.987  2.583   1.00 17.76  ? 141 LEU A CD1 1 
ATOM   1061 C  CD2 . LEU A 1 141 ? -11.582 9.783   1.959   1.00 14.55  ? 141 LEU A CD2 1 
ATOM   1062 N  N   . TRP A 1 142 ? -8.486  12.734  -1.398  1.00 12.75  ? 142 TRP A N   1 
ATOM   1063 C  CA  . TRP A 1 142 ? -8.070  13.588  -2.536  1.00 14.09  ? 142 TRP A CA  1 
ATOM   1064 C  C   . TRP A 1 142 ? -7.664  12.749  -3.742  1.00 13.94  ? 142 TRP A C   1 
ATOM   1065 O  O   . TRP A 1 142 ? -7.645  13.289  -4.857  1.00 14.89  ? 142 TRP A O   1 
ATOM   1066 C  CB  . TRP A 1 142 ? -6.990  14.561  -2.074  1.00 12.98  ? 142 TRP A CB  1 
ATOM   1067 C  CG  . TRP A 1 142 ? -5.805  13.899  -1.442  1.00 13.70  ? 142 TRP A CG  1 
ATOM   1068 C  CD1 . TRP A 1 142 ? -5.552  13.771  -0.115  1.00 14.75  ? 142 TRP A CD1 1 
ATOM   1069 C  CD2 . TRP A 1 142 ? -4.690  13.337  -2.135  1.00 13.76  ? 142 TRP A CD2 1 
ATOM   1070 N  NE1 . TRP A 1 142 ? -4.343  13.139  0.085   1.00 13.63  ? 142 TRP A NE1 1 
ATOM   1071 C  CE2 . TRP A 1 142 ? -3.791  12.882  -1.138  1.00 13.94  ? 142 TRP A CE2 1 
ATOM   1072 C  CE3 . TRP A 1 142 ? -4.335  13.243  -3.482  1.00 14.00  ? 142 TRP A CE3 1 
ATOM   1073 C  CZ2 . TRP A 1 142 ? -2.586  12.262  -1.474  1.00 14.19  ? 142 TRP A CZ2 1 
ATOM   1074 C  CZ3 . TRP A 1 142 ? -3.143  12.628  -3.807  1.00 14.48  ? 142 TRP A CZ3 1 
ATOM   1075 C  CH2 . TRP A 1 142 ? -2.294  12.151  -2.809  1.00 14.25  ? 142 TRP A CH2 1 
ATOM   1076 N  N   . LEU A 1 143 ? -7.373  11.449  -3.578  1.00 13.17  ? 143 LEU A N   1 
ATOM   1077 C  CA  . LEU A 1 143 ? -7.020  10.602  -4.744  1.00 13.49  ? 143 LEU A CA  1 
ATOM   1078 C  C   . LEU A 1 143 ? -8.193  10.524  -5.734  1.00 14.96  ? 143 LEU A C   1 
ATOM   1079 O  O   . LEU A 1 143 ? -7.942  10.128  -6.887  1.00 16.01  ? 143 LEU A O   1 
ATOM   1080 C  CB  . LEU A 1 143 ? -6.659  9.186   -4.290  1.00 12.98  ? 143 LEU A CB  1 
ATOM   1081 C  CG  . LEU A 1 143 ? -5.322  9.026   -3.569  1.00 11.65  ? 143 LEU A CG  1 
ATOM   1082 C  CD1 . LEU A 1 143 ? -5.212  7.631   -3.005  1.00 12.76  ? 143 LEU A CD1 1 
ATOM   1083 C  CD2 . LEU A 1 143 ? -4.161  9.260   -4.542  1.00 13.13  ? 143 LEU A CD2 1 
ATOM   1084 N  N   . ASP A 1 144 ? -9.428  10.799  -5.275  1.00 16.62  ? 144 ASP A N   1 
ATOM   1085 C  CA  . ASP A 1 144 ? -10.659 10.544  -6.076  1.00 18.79  ? 144 ASP A CA  1 
ATOM   1086 C  C   . ASP A 1 144 ? -10.988 11.719  -6.989  1.00 22.45  ? 144 ASP A C   1 
ATOM   1087 O  O   . ASP A 1 144 ? -11.942 11.559  -7.792  1.00 24.28  ? 144 ASP A O   1 
ATOM   1088 C  CB  . ASP A 1 144 ? -11.861 10.276  -5.178  1.00 19.51  ? 144 ASP A CB  1 
ATOM   1089 C  CG  . ASP A 1 144 ? -11.806 8.973   -4.411  1.00 17.72  ? 144 ASP A CG  1 
ATOM   1090 O  OD1 . ASP A 1 144 ? -10.938 8.133   -4.716  1.00 20.15  ? 144 ASP A OD1 1 
ATOM   1091 O  OD2 . ASP A 1 144 ? -12.585 8.852   -3.441  1.00 20.55  ? 144 ASP A OD2 1 
ATOM   1092 N  N   . GLU A 1 145 ? -10.194 12.789  -6.965  1.00 26.29  ? 145 GLU A N   1 
ATOM   1093 C  CA  . GLU A 1 145 ? -10.442 14.009  -7.784  1.00 31.98  ? 145 GLU A CA  1 
ATOM   1094 C  C   . GLU A 1 145 ? -9.126  14.627  -8.271  1.00 33.20  ? 145 GLU A C   1 
ATOM   1095 O  O   . GLU A 1 145 ? -8.074  14.276  -7.721  1.00 26.76  ? 145 GLU A O   1 
ATOM   1096 C  CB  . GLU A 1 145 ? -11.199 15.022  -6.928  1.00 35.18  ? 145 GLU A CB  1 
ATOM   1097 C  CG  . GLU A 1 145 ? -10.384 15.529  -5.743  1.00 40.29  ? 145 GLU A CG  1 
ATOM   1098 C  CD  . GLU A 1 145 ? -11.129 15.687  -4.427  1.00 48.26  ? 145 GLU A CD  1 
ATOM   1099 O  OE1 . GLU A 1 145 ? -10.499 16.139  -3.440  1.00 54.62  ? 145 GLU A OE1 1 
ATOM   1100 O  OE2 . GLU A 1 145 ? -12.331 15.362  -4.382  1.00 56.98  ? 145 GLU A OE2 1 
ATOM   1101 N  N   . GLU A 1 146 ? -9.201  15.528  -9.257  1.00 38.71  ? 146 GLU A N   1 
ATOM   1102 C  CA  . GLU A 1 146 ? -8.208  16.620  -9.486  1.00 44.76  ? 146 GLU A CA  1 
ATOM   1103 C  C   . GLU A 1 146 ? -6.811  16.016  -9.684  1.00 52.39  ? 146 GLU A C   1 
ATOM   1104 O  O   . GLU A 1 146 ? -5.860  16.639  -10.187 1.00 58.85  ? 146 GLU A O   1 
ATOM   1105 C  CB  . GLU A 1 146 ? -8.301  17.613  -8.317  1.00 46.48  ? 146 GLU A CB  1 
ATOM   1106 C  CG  . GLU A 1 146 ? -6.970  18.109  -7.770  1.00 51.24  ? 146 GLU A CG  1 
ATOM   1107 C  CD  . GLU A 1 146 ? -6.297  19.250  -8.520  1.00 57.11  ? 146 GLU A CD  1 
ATOM   1108 O  OE1 . GLU A 1 146 ? -5.071  19.426  -8.335  1.00 56.05  ? 146 GLU A OE1 1 
ATOM   1109 O  OE2 . GLU A 1 146 ? -6.994  19.971  -9.270  1.00 59.54  ? 146 GLU A OE2 1 
HETATM 1110 N  N1  . Z5C B 2 .   ? 6.198   11.905  -16.324 0.88 33.86  ? 201 Z5C A N1  1 
HETATM 1111 C  C4  . Z5C B 2 .   ? 4.065   12.870  -15.813 0.88 41.21  ? 201 Z5C A C4  1 
HETATM 1112 C  C5  . Z5C B 2 .   ? 5.147   11.892  -15.511 0.88 38.90  ? 201 Z5C A C5  1 
HETATM 1113 O  O2  . Z5C B 2 .   ? 5.051   11.129  -14.539 0.88 36.60  ? 201 Z5C A O2  1 
HETATM 1114 C  C3  . Z5C B 2 .   ? 4.136   14.015  -16.624 0.88 45.12  ? 201 Z5C A C3  1 
HETATM 1115 N  N   . Z5C B 2 .   ? 2.878   12.732  -15.260 0.88 43.03  ? 201 Z5C A N   1 
HETATM 1116 O  O1  . Z5C B 2 .   ? 2.132   13.847  -15.720 0.88 46.01  ? 201 Z5C A O1  1 
HETATM 1117 C  C2  . Z5C B 2 .   ? 2.926   14.584  -16.526 0.88 47.91  ? 201 Z5C A C2  1 
HETATM 1118 C  C1  . Z5C B 2 .   ? 2.313   15.828  -17.071 0.88 51.00  ? 201 Z5C A C1  1 
HETATM 1119 O  O   . Z5C B 2 .   ? 2.072   15.704  -18.462 0.88 53.92  ? 201 Z5C A O   1 
HETATM 1120 C  C   . Z5C B 2 .   ? 1.312   16.787  -18.992 0.88 54.01  ? 201 Z5C A C   1 
HETATM 1121 ZN ZN  . ZN  C 3 .   ? -14.515 -2.077  1.801   1.00 9.30   ? 202 ZN  A ZN  1 
HETATM 1122 S  S   . DMS D 4 .   ? -14.121 -1.555  -7.569  1.00 26.37  ? 203 DMS A S   1 
HETATM 1123 O  O   . DMS D 4 .   ? -14.664 -1.673  -9.010  1.00 33.15  ? 203 DMS A O   1 
HETATM 1124 C  C1  . DMS D 4 .   ? -14.988 -2.836  -6.677  1.00 22.63  ? 203 DMS A C1  1 
HETATM 1125 C  C2  . DMS D 4 .   ? -12.544 -2.303  -7.657  1.00 22.53  ? 203 DMS A C2  1 
HETATM 1126 S  S   . DMS E 4 .   ? 6.318   11.832  7.247   1.00 25.12  ? 204 DMS A S   1 
HETATM 1127 O  O   . DMS E 4 .   ? 7.106   10.609  7.619   1.00 21.23  ? 204 DMS A O   1 
HETATM 1128 C  C1  . DMS E 4 .   ? 5.127   12.043  8.546   1.00 25.18  ? 204 DMS A C1  1 
HETATM 1129 C  C2  . DMS E 4 .   ? 7.376   13.211  7.640   1.00 24.51  ? 204 DMS A C2  1 
HETATM 1130 S  S   . DMS F 4 .   ? -0.387  -9.551  -11.176 1.00 58.88  ? 205 DMS A S   1 
HETATM 1131 O  O   . DMS F 4 .   ? -0.652  -10.969 -11.606 1.00 59.86  ? 205 DMS A O   1 
HETATM 1132 C  C1  . DMS F 4 .   ? -1.171  -8.521  -12.395 1.00 60.74  ? 205 DMS A C1  1 
HETATM 1133 C  C2  . DMS F 4 .   ? -1.512  -9.234  -9.847  1.00 53.76  ? 205 DMS A C2  1 
HETATM 1134 S  S   . DMS G 4 .   ? -1.976  -17.931 6.679   1.00 29.09  ? 206 DMS A S   1 
HETATM 1135 O  O   . DMS G 4 .   ? -0.518  -17.581 6.568   1.00 25.63  ? 206 DMS A O   1 
HETATM 1136 C  C1  . DMS G 4 .   ? -2.392  -18.715 5.147   1.00 27.82  ? 206 DMS A C1  1 
HETATM 1137 C  C2  . DMS G 4 .   ? -2.054  -19.353 7.719   1.00 27.69  ? 206 DMS A C2  1 
HETATM 1138 S  S   . DMS H 4 .   ? 17.603  0.091   4.518   1.00 24.68  ? 207 DMS A S   1 
HETATM 1139 O  O   . DMS H 4 .   ? 17.692  1.569   4.189   1.00 29.94  ? 207 DMS A O   1 
HETATM 1140 C  C1  . DMS H 4 .   ? 19.296  -0.437  4.542   1.00 25.91  ? 207 DMS A C1  1 
HETATM 1141 C  C2  . DMS H 4 .   ? 17.291  0.074   6.228   1.00 21.61  ? 207 DMS A C2  1 
HETATM 1142 S  S   . DMS I 4 .   ? -2.865  16.424  -1.404  1.00 46.15  ? 208 DMS A S   1 
HETATM 1143 O  O   . DMS I 4 .   ? -3.229  17.833  -1.779  1.00 46.50  ? 208 DMS A O   1 
HETATM 1144 C  C1  . DMS I 4 .   ? -1.595  16.554  -0.175  1.00 46.02  ? 208 DMS A C1  1 
HETATM 1145 C  C2  . DMS I 4 .   ? -1.851  15.830  -2.724  1.00 43.60  ? 208 DMS A C2  1 
HETATM 1146 S  S   . SO4 J 5 .   ? 10.286  0.720   20.570  1.00 138.09 ? 209 SO4 A S   1 
HETATM 1147 O  O1  . SO4 J 5 .   ? 9.208   1.547   21.042  1.00 136.98 ? 209 SO4 A O1  1 
HETATM 1148 O  O2  . SO4 J 5 .   ? 10.892  1.328   19.415  1.00 137.96 ? 209 SO4 A O2  1 
HETATM 1149 O  O3  . SO4 J 5 .   ? 9.775   -0.576  20.212  1.00 127.59 ? 209 SO4 A O3  1 
HETATM 1150 O  O4  . SO4 J 5 .   ? 11.268  0.577   21.610  1.00 119.52 ? 209 SO4 A O4  1 
HETATM 1151 O  O   . HOH K 6 .   ? 6.457   1.773   21.984  1.00 40.49  ? 301 HOH A O   1 
HETATM 1152 O  O   . HOH K 6 .   ? 10.920  -12.587 -2.530  1.00 25.04  ? 302 HOH A O   1 
HETATM 1153 O  O   . HOH K 6 .   ? -11.146 8.172   -18.278 1.00 43.04  ? 303 HOH A O   1 
HETATM 1154 O  O   . HOH K 6 .   ? 2.733   -20.732 -4.920  1.00 22.81  ? 304 HOH A O   1 
HETATM 1155 O  O   . HOH K 6 .   ? 7.737   -7.559  10.150  1.00 10.25  ? 305 HOH A O   1 
HETATM 1156 O  O   . HOH K 6 .   ? -13.716 2.300   11.876  1.00 38.56  ? 306 HOH A O   1 
HETATM 1157 O  O   . HOH K 6 .   ? -4.798  -2.451  -10.875 1.00 31.37  ? 307 HOH A O   1 
HETATM 1158 O  O   . HOH K 6 .   ? -5.758  0.416   -13.436 1.00 18.95  ? 308 HOH A O   1 
HETATM 1159 O  O   . HOH K 6 .   ? -2.586  13.673  -18.968 1.00 40.05  ? 309 HOH A O   1 
HETATM 1160 O  O   . HOH K 6 .   ? 8.732   10.363  9.503   1.00 35.55  ? 310 HOH A O   1 
HETATM 1161 O  O   . HOH K 6 .   ? 3.822   -11.289 -9.880  1.00 19.43  ? 311 HOH A O   1 
HETATM 1162 O  O   . HOH K 6 .   ? -9.450  17.693  -1.749  1.00 44.50  ? 312 HOH A O   1 
HETATM 1163 O  O   . HOH K 6 .   ? 3.351   16.486  -11.553 0.88 29.39  ? 313 HOH A O   1 
HETATM 1164 O  O   . HOH K 6 .   ? 12.402  -12.209 -1.242  1.00 33.60  ? 314 HOH A O   1 
HETATM 1165 O  O   . HOH K 6 .   ? -4.995  14.493  -11.272 1.00 30.64  ? 315 HOH A O   1 
HETATM 1166 O  O   . HOH K 6 .   ? 12.228  7.040   4.556   1.00 24.68  ? 316 HOH A O   1 
HETATM 1167 O  O   . HOH K 6 .   ? 6.381   7.643   -12.582 1.00 21.75  ? 317 HOH A O   1 
HETATM 1168 O  O   . HOH K 6 .   ? 10.402  0.927   -8.569  1.00 23.69  ? 318 HOH A O   1 
HETATM 1169 O  O   . HOH K 6 .   ? -1.073  14.262  -14.953 0.88 38.92  ? 319 HOH A O   1 
HETATM 1170 O  O   . HOH K 6 .   ? -6.112  -1.139  14.871  1.00 28.25  ? 320 HOH A O   1 
HETATM 1171 O  O   . HOH K 6 .   ? 1.001   -14.120 -10.785 1.00 29.65  ? 321 HOH A O   1 
HETATM 1172 O  O   . HOH K 6 .   ? 6.852   16.099  0.999   1.00 23.36  ? 322 HOH A O   1 
HETATM 1173 O  O   . HOH K 6 .   ? -2.853  -1.172  -10.308 1.00 19.59  ? 323 HOH A O   1 
HETATM 1174 O  O   . HOH K 6 .   ? -15.329 -3.691  9.415   1.00 39.68  ? 324 HOH A O   1 
HETATM 1175 O  O   . HOH K 6 .   ? 2.948   -0.608  -12.340 1.00 29.47  ? 325 HOH A O   1 
HETATM 1176 O  O   . HOH K 6 .   ? 7.321   16.092  -15.721 0.88 31.81  ? 326 HOH A O   1 
HETATM 1177 O  O   . HOH K 6 .   ? 5.421   0.007   -4.896  1.00 12.05  ? 327 HOH A O   1 
HETATM 1178 O  O   . HOH K 6 .   ? 14.435  -7.928  11.276  1.00 29.67  ? 328 HOH A O   1 
HETATM 1179 O  O   . HOH K 6 .   ? -0.135  -21.034 -1.155  1.00 22.47  ? 329 HOH A O   1 
HETATM 1180 O  O   . HOH K 6 .   ? -10.830 1.009   9.190   1.00 16.47  ? 330 HOH A O   1 
HETATM 1181 O  O   . HOH K 6 .   ? -2.381  5.657   -15.105 1.00 17.95  ? 331 HOH A O   1 
HETATM 1182 O  O   . HOH K 6 .   ? 8.310   1.661   -8.462  1.00 27.03  ? 332 HOH A O   1 
HETATM 1183 O  O   . HOH K 6 .   ? 14.573  -5.452  13.787  1.00 16.26  ? 333 HOH A O   1 
HETATM 1184 O  O   . HOH K 6 .   ? -16.527 1.306   -4.905  1.00 21.13  ? 334 HOH A O   1 
HETATM 1185 O  O   . HOH K 6 .   ? 13.248  4.370   -4.298  1.00 25.25  ? 335 HOH A O   1 
HETATM 1186 O  O   . HOH K 6 .   ? -8.428  -2.843  -9.885  1.00 29.54  ? 336 HOH A O   1 
HETATM 1187 O  O   . HOH K 6 .   ? -5.357  5.236   7.421   1.00 15.64  ? 337 HOH A O   1 
HETATM 1188 O  O   . HOH K 6 .   ? -7.048  15.771  -5.698  1.00 34.59  ? 338 HOH A O   1 
HETATM 1189 O  O   . HOH K 6 .   ? -5.191  -16.362 3.488   1.00 22.57  ? 339 HOH A O   1 
HETATM 1190 O  O   . HOH K 6 .   ? -9.827  6.371   -15.041 1.00 26.89  ? 340 HOH A O   1 
HETATM 1191 O  O   . HOH K 6 .   ? -13.660 9.512   -8.142  1.00 45.66  ? 341 HOH A O   1 
HETATM 1192 O  O   . HOH K 6 .   ? 5.764   -13.130 -9.089  1.00 20.04  ? 342 HOH A O   1 
HETATM 1193 O  O   . HOH K 6 .   ? 19.391  -4.112  3.431   1.00 41.07  ? 343 HOH A O   1 
HETATM 1194 O  O   . HOH K 6 .   ? 10.428  -3.787  -1.480  1.00 15.13  ? 344 HOH A O   1 
HETATM 1195 O  O   . HOH K 6 .   ? -11.950 0.481   -10.914 1.00 18.15  ? 345 HOH A O   1 
HETATM 1196 O  O   . HOH K 6 .   ? -3.015  -2.168  12.516  1.00 13.17  ? 346 HOH A O   1 
HETATM 1197 O  O   . HOH K 6 .   ? -9.224  5.349   -11.776 1.00 16.43  ? 347 HOH A O   1 
HETATM 1198 O  O   . HOH K 6 .   ? 14.839  1.925   1.252   1.00 17.07  ? 348 HOH A O   1 
HETATM 1199 O  O   . HOH K 6 .   ? 1.787   13.232  5.392   1.00 43.50  ? 349 HOH A O   1 
HETATM 1200 O  O   . HOH K 6 .   ? 5.421   -16.478 5.665   1.00 24.80  ? 350 HOH A O   1 
HETATM 1201 O  O   . HOH K 6 .   ? 8.731   5.843   10.153  1.00 39.92  ? 351 HOH A O   1 
HETATM 1202 O  O   . HOH K 6 .   ? 8.181   12.008  4.394   1.00 18.69  ? 352 HOH A O   1 
HETATM 1203 O  O   . HOH K 6 .   ? -6.212  8.914   8.466   1.00 25.38  ? 353 HOH A O   1 
HETATM 1204 O  O   . HOH K 6 .   ? 0.078   -19.269 -9.325  1.00 29.23  ? 354 HOH A O   1 
HETATM 1205 O  O   . HOH K 6 .   ? 14.211  6.951   -6.649  1.00 20.66  ? 355 HOH A O   1 
HETATM 1206 O  O   . HOH K 6 .   ? 1.757   -22.057 -3.146  1.00 23.71  ? 356 HOH A O   1 
HETATM 1207 O  O   . HOH K 6 .   ? 3.749   8.230   -13.397 0.88 26.19  ? 357 HOH A O   1 
HETATM 1208 O  O   . HOH K 6 .   ? 6.071   -5.574  15.795  1.00 16.92  ? 358 HOH A O   1 
HETATM 1209 O  O   . HOH K 6 .   ? -9.590  -1.935  -12.865 1.00 28.42  ? 359 HOH A O   1 
HETATM 1210 O  O   . HOH K 6 .   ? -15.260 8.991   -3.967  1.00 21.30  ? 360 HOH A O   1 
HETATM 1211 O  O   . HOH K 6 .   ? -4.713  -15.615 6.874   1.00 18.21  ? 361 HOH A O   1 
HETATM 1212 O  O   . HOH K 6 .   ? -8.871  4.219   6.439   1.00 12.20  ? 362 HOH A O   1 
HETATM 1213 O  O   . HOH K 6 .   ? -11.081 -4.523  -6.620  1.00 35.20  ? 363 HOH A O   1 
HETATM 1214 O  O   . HOH K 6 .   ? 3.039   -7.466  -6.469  1.00 15.41  ? 364 HOH A O   1 
HETATM 1215 O  O   . HOH K 6 .   ? 15.313  11.846  -8.073  1.00 18.27  ? 365 HOH A O   1 
HETATM 1216 O  O   . HOH K 6 .   ? -11.522 -12.050 2.382   1.00 30.83  ? 366 HOH A O   1 
HETATM 1217 O  O   . HOH K 6 .   ? 8.065   -7.284  16.623  1.00 16.28  ? 367 HOH A O   1 
HETATM 1218 O  O   . HOH K 6 .   ? 8.800   17.008  -8.202  1.00 22.07  ? 368 HOH A O   1 
HETATM 1219 O  O   . HOH K 6 .   ? -11.039 2.742   7.056   1.00 11.72  ? 369 HOH A O   1 
HETATM 1220 O  O   . HOH K 6 .   ? 10.923  13.428  2.261   1.00 18.64  ? 370 HOH A O   1 
HETATM 1221 O  O   . HOH K 6 .   ? 11.054  8.363   8.443   1.00 23.73  ? 371 HOH A O   1 
HETATM 1222 O  O   . HOH K 6 .   ? -6.601  12.344  -11.014 1.00 27.54  ? 372 HOH A O   1 
HETATM 1223 O  O   . HOH K 6 .   ? 8.388   5.647   -12.829 1.00 24.64  ? 373 HOH A O   1 
HETATM 1224 O  O   . HOH K 6 .   ? 9.693   -5.251  -5.884  1.00 20.67  ? 374 HOH A O   1 
HETATM 1225 O  O   . HOH K 6 .   ? -16.518 3.577   10.809  1.00 26.06  ? 375 HOH A O   1 
HETATM 1226 O  O   . HOH K 6 .   ? 1.577   2.452   5.992   1.00 13.71  ? 376 HOH A O   1 
HETATM 1227 O  O   . HOH K 6 .   ? -11.338 6.001   -6.427  1.00 15.08  ? 377 HOH A O   1 
HETATM 1228 O  O   . HOH K 6 .   ? -5.298  -12.402 9.199   1.00 10.12  ? 378 HOH A O   1 
HETATM 1229 O  O   . HOH K 6 .   ? 1.518   -16.791 8.292   1.00 13.87  ? 379 HOH A O   1 
HETATM 1230 O  O   . HOH K 6 .   ? 2.783   -8.799  -4.005  1.00 10.04  ? 380 HOH A O   1 
HETATM 1231 O  O   . HOH K 6 .   ? -1.040  5.350   12.243  0.50 14.95  ? 381 HOH A O   1 
HETATM 1232 O  O   . HOH K 6 .   ? -6.289  8.349   -20.040 1.00 21.07  ? 382 HOH A O   1 
HETATM 1233 O  O   . HOH K 6 .   ? -7.874  2.906   12.824  1.00 26.08  ? 383 HOH A O   1 
HETATM 1234 O  O   . HOH K 6 .   ? -2.134  14.087  -11.345 1.00 28.85  ? 384 HOH A O   1 
HETATM 1235 O  O   . HOH K 6 .   ? -3.444  6.317   -12.749 1.00 16.68  ? 385 HOH A O   1 
HETATM 1236 O  O   . HOH K 6 .   ? 12.314  1.264   -7.478  0.88 32.61  ? 386 HOH A O   1 
HETATM 1237 O  O   . HOH K 6 .   ? -8.472  11.516  -9.243  1.00 34.38  ? 387 HOH A O   1 
HETATM 1238 O  O   . HOH K 6 .   ? 8.856   -13.118 4.913   1.00 29.97  ? 388 HOH A O   1 
HETATM 1239 O  O   . HOH K 6 .   ? 5.208   -12.852 6.029   1.00 14.44  ? 389 HOH A O   1 
HETATM 1240 O  O   . HOH K 6 .   ? 14.642  3.543   12.886  1.00 19.78  ? 390 HOH A O   1 
HETATM 1241 O  O   . HOH K 6 .   ? 5.644   -8.834  10.754  1.00 13.75  ? 391 HOH A O   1 
HETATM 1242 O  O   . HOH K 6 .   ? -17.242 -5.490  -5.411  1.00 19.65  ? 392 HOH A O   1 
HETATM 1243 O  O   . HOH K 6 .   ? -3.639  16.440  -5.907  0.50 41.82  ? 393 HOH A O   1 
HETATM 1244 O  O   . HOH K 6 .   ? 12.327  6.873   -2.770  1.00 20.44  ? 394 HOH A O   1 
HETATM 1245 O  O   . HOH K 6 .   ? 12.032  -10.064 -2.119  1.00 17.19  ? 395 HOH A O   1 
HETATM 1246 O  O   . HOH K 6 .   ? -9.930  -1.412  8.357   1.00 13.18  ? 396 HOH A O   1 
HETATM 1247 O  O   . HOH K 6 .   ? 9.661   -6.334  9.171   1.00 14.89  ? 397 HOH A O   1 
HETATM 1248 O  O   . HOH K 6 .   ? 4.082   3.232   -14.377 1.00 29.16  ? 398 HOH A O   1 
HETATM 1249 O  O   . HOH K 6 .   ? -0.503  4.282   4.601   1.00 10.92  ? 399 HOH A O   1 
HETATM 1250 O  O   . HOH K 6 .   ? 4.091   -12.172 13.964  1.00 14.94  ? 400 HOH A O   1 
HETATM 1251 O  O   . HOH K 6 .   ? 7.465   18.432  -10.183 1.00 24.20  ? 401 HOH A O   1 
HETATM 1252 O  O   . HOH K 6 .   ? -0.597  10.490  9.963   1.00 44.70  ? 402 HOH A O   1 
HETATM 1253 O  O   . HOH K 6 .   ? -0.179  -3.354  -7.684  1.00 18.16  ? 403 HOH A O   1 
HETATM 1254 O  O   . HOH K 6 .   ? 11.114  5.644   1.534   1.00 15.39  ? 404 HOH A O   1 
HETATM 1255 O  O   . HOH K 6 .   ? 4.722   13.958  4.665   1.00 32.82  ? 405 HOH A O   1 
HETATM 1256 O  O   . HOH K 6 .   ? 9.026   -17.558 -3.808  1.00 11.10  ? 406 HOH A O   1 
HETATM 1257 O  O   . HOH K 6 .   ? -10.430 8.585   -13.623 1.00 29.71  ? 407 HOH A O   1 
HETATM 1258 O  O   . HOH K 6 .   ? -0.903  2.302   17.882  1.00 38.36  ? 408 HOH A O   1 
HETATM 1259 O  O   . HOH K 6 .   ? -20.404 -2.588  -2.033  1.00 45.24  ? 409 HOH A O   1 
HETATM 1260 O  O   . HOH K 6 .   ? 7.753   -0.929  5.380   1.00 12.86  ? 410 HOH A O   1 
HETATM 1261 O  O   . HOH K 6 .   ? 10.845  -16.993 -1.745  1.00 14.10  ? 411 HOH A O   1 
HETATM 1262 O  O   . HOH K 6 .   ? -5.314  11.454  5.690   1.00 23.11  ? 412 HOH A O   1 
HETATM 1263 O  O   . HOH K 6 .   ? 11.573  -8.095  8.348   1.00 21.17  ? 413 HOH A O   1 
HETATM 1264 O  O   . HOH K 6 .   ? -5.913  -18.268 -2.044  1.00 20.40  ? 414 HOH A O   1 
HETATM 1265 O  O   . HOH K 6 .   ? -4.339  16.606  -4.079  1.00 67.22  ? 415 HOH A O   1 
HETATM 1266 O  O   . HOH K 6 .   ? 13.743  -8.097  4.778   1.00 24.65  ? 416 HOH A O   1 
HETATM 1267 O  O   . HOH K 6 .   ? -17.558 0.418   5.725   1.00 15.64  ? 417 HOH A O   1 
HETATM 1268 O  O   . HOH K 6 .   ? 9.500   5.945   12.078  1.00 26.57  ? 418 HOH A O   1 
HETATM 1269 O  O   . HOH K 6 .   ? 2.738   -19.613 1.625   1.00 22.41  ? 419 HOH A O   1 
HETATM 1270 O  O   . HOH K 6 .   ? 17.545  -2.488  7.567   1.00 27.64  ? 420 HOH A O   1 
HETATM 1271 O  O   . HOH K 6 .   ? 9.089   -18.205 0.597   1.00 16.33  ? 421 HOH A O   1 
HETATM 1272 O  O   . HOH K 6 .   ? -5.658  -8.173  -4.815  1.00 16.53  ? 422 HOH A O   1 
HETATM 1273 O  O   . HOH K 6 .   ? 10.870  -1.807  8.967   1.00 12.16  ? 423 HOH A O   1 
HETATM 1274 O  O   . HOH K 6 .   ? 0.700   18.298  -4.521  1.00 29.99  ? 424 HOH A O   1 
HETATM 1275 O  O   . HOH K 6 .   ? -4.761  -16.489 -6.869  1.00 21.53  ? 425 HOH A O   1 
HETATM 1276 O  O   . HOH K 6 .   ? 10.255  -13.900 8.986   1.00 26.18  ? 426 HOH A O   1 
HETATM 1277 O  O   . HOH K 6 .   ? 5.011   -5.395  12.608  1.00 13.58  ? 427 HOH A O   1 
HETATM 1278 O  O   . HOH K 6 .   ? 8.868   0.026   8.494   1.00 18.60  ? 428 HOH A O   1 
HETATM 1279 O  O   . HOH K 6 .   ? 7.664   -8.829  14.203  1.00 16.43  ? 429 HOH A O   1 
HETATM 1280 O  O   . HOH K 6 .   ? 5.226   -6.194  9.828   1.00 14.90  ? 430 HOH A O   1 
HETATM 1281 O  O   . HOH K 6 .   ? -13.054 -7.157  -4.285  1.00 23.22  ? 431 HOH A O   1 
HETATM 1282 O  O   . HOH K 6 .   ? 9.261   16.947  -13.942 0.88 23.06  ? 432 HOH A O   1 
HETATM 1283 O  O   . HOH K 6 .   ? 2.743   17.174  -9.221  0.88 37.64  ? 433 HOH A O   1 
HETATM 1284 O  O   . HOH K 6 .   ? -8.340  -3.088  14.262  1.00 16.84  ? 434 HOH A O   1 
HETATM 1285 O  O   . HOH K 6 .   ? -15.105 -6.187  7.298   1.00 21.32  ? 435 HOH A O   1 
HETATM 1286 O  O   . HOH K 6 .   ? 9.865   -2.751  6.406   1.00 14.08  ? 436 HOH A O   1 
HETATM 1287 O  O   . HOH K 6 .   ? -11.508 15.185  -10.944 1.00 43.49  ? 437 HOH A O   1 
HETATM 1288 O  O   . HOH K 6 .   ? -5.787  -4.090  -9.874  1.00 24.91  ? 438 HOH A O   1 
HETATM 1289 O  O   . HOH K 6 .   ? -15.502 -11.325 4.066   1.00 47.70  ? 439 HOH A O   1 
HETATM 1290 O  O   . HOH K 6 .   ? -11.564 -3.842  14.873  1.00 31.06  ? 440 HOH A O   1 
HETATM 1291 O  O   . HOH K 6 .   ? 12.592  7.233   -13.341 1.00 17.95  ? 441 HOH A O   1 
HETATM 1292 O  O   . HOH K 6 .   ? 2.499   1.910   18.593  1.00 48.13  ? 442 HOH A O   1 
HETATM 1293 O  O   . HOH K 6 .   ? 14.617  5.582   -10.536 1.00 21.13  ? 443 HOH A O   1 
HETATM 1294 O  O   . HOH K 6 .   ? -0.731  16.235  -10.030 0.88 34.56  ? 444 HOH A O   1 
HETATM 1295 O  O   . HOH K 6 .   ? 4.999   -4.326  -10.877 1.00 32.24  ? 445 HOH A O   1 
HETATM 1296 O  O   . HOH K 6 .   ? 5.697   0.125   -9.706  1.00 20.94  ? 446 HOH A O   1 
HETATM 1297 O  O   . HOH K 6 .   ? -8.848  -15.995 5.240   1.00 37.35  ? 447 HOH A O   1 
HETATM 1298 O  O   . HOH K 6 .   ? -16.564 2.997   -1.101  1.00 13.40  ? 448 HOH A O   1 
HETATM 1299 O  O   . HOH K 6 .   ? 0.945   7.042   -20.398 1.00 38.69  ? 449 HOH A O   1 
HETATM 1300 O  O   . HOH K 6 .   ? 1.832   10.002  8.967   1.00 35.83  ? 450 HOH A O   1 
HETATM 1301 O  O   . HOH K 6 .   ? 17.029  -1.385  12.742  1.00 15.74  ? 451 HOH A O   1 
HETATM 1302 O  O   . HOH K 6 .   ? -2.908  13.397  2.618   1.00 27.65  ? 452 HOH A O   1 
HETATM 1303 O  O   . HOH K 6 .   ? -1.008  10.980  6.731   1.00 23.71  ? 453 HOH A O   1 
HETATM 1304 O  O   . HOH K 6 .   ? -8.182  12.599  -13.169 1.00 40.20  ? 454 HOH A O   1 
HETATM 1305 O  O   . HOH K 6 .   ? -10.448 -1.015  -8.307  1.00 22.76  ? 455 HOH A O   1 
HETATM 1306 O  O   . HOH K 6 .   ? 7.359   -7.096  2.680   1.00 15.69  ? 456 HOH A O   1 
HETATM 1307 O  O   . HOH K 6 .   ? -15.773 1.733   -9.500  1.00 30.93  ? 457 HOH A O   1 
HETATM 1308 O  O   . HOH K 6 .   ? 7.586   -6.544  12.360  1.00 13.55  ? 458 HOH A O   1 
HETATM 1309 O  O   . HOH K 6 .   ? -5.666  12.244  -18.402 1.00 34.78  ? 459 HOH A O   1 
HETATM 1310 O  O   . HOH K 6 .   ? -2.647  -15.212 3.991   1.00 14.62  ? 460 HOH A O   1 
HETATM 1311 O  O   . HOH K 6 .   ? -0.410  -15.814 2.575   1.00 11.64  ? 461 HOH A O   1 
HETATM 1312 O  O   . HOH K 6 .   ? -19.110 -1.940  -3.830  1.00 34.88  ? 462 HOH A O   1 
HETATM 1313 O  O   . HOH K 6 .   ? 6.920   -14.518 7.072   1.00 20.42  ? 463 HOH A O   1 
HETATM 1314 O  O   . HOH K 6 .   ? 0.625   7.378   -17.812 1.00 24.41  ? 464 HOH A O   1 
HETATM 1315 O  O   . HOH K 6 .   ? -1.673  -6.457  -7.102  1.00 16.04  ? 465 HOH A O   1 
HETATM 1316 O  O   . HOH K 6 .   ? 6.463   -8.166  -7.339  1.00 24.30  ? 466 HOH A O   1 
HETATM 1317 O  O   . HOH K 6 .   ? 6.554   18.129  -7.107  1.00 29.25  ? 467 HOH A O   1 
HETATM 1318 O  O   . HOH K 6 .   ? -6.837  -13.918 7.529   1.00 14.74  ? 468 HOH A O   1 
HETATM 1319 O  O   . HOH K 6 .   ? 10.350  4.986   14.451  1.00 20.42  ? 469 HOH A O   1 
HETATM 1320 O  O   . HOH K 6 .   ? 14.891  1.117   15.958  1.00 33.89  ? 470 HOH A O   1 
HETATM 1321 O  O   . HOH K 6 .   ? -2.295  3.827   16.366  0.50 40.43  ? 471 HOH A O   1 
HETATM 1322 O  O   . HOH K 6 .   ? 14.158  -0.095  -2.064  1.00 41.50  ? 472 HOH A O   1 
HETATM 1323 O  O   . HOH K 6 .   ? -4.436  1.148   -14.688 1.00 19.70  ? 473 HOH A O   1 
HETATM 1324 O  O   . HOH K 6 .   ? -20.923 -1.011  2.523   1.00 31.87  ? 474 HOH A O   1 
HETATM 1325 O  O   . HOH K 6 .   ? -13.213 11.626  -2.076  1.00 24.86  ? 475 HOH A O   1 
HETATM 1326 O  O   . HOH K 6 .   ? 14.203  -10.532 -0.325  1.00 21.02  ? 476 HOH A O   1 
HETATM 1327 O  O   . HOH K 6 .   ? 3.518   10.429  11.032  1.00 40.20  ? 477 HOH A O   1 
HETATM 1328 O  O   . HOH K 6 .   ? 6.771   -0.761  -7.234  1.00 14.40  ? 478 HOH A O   1 
HETATM 1329 O  O   . HOH K 6 .   ? 1.310   -2.248  -10.733 1.00 19.56  ? 479 HOH A O   1 
HETATM 1330 O  O   . HOH K 6 .   ? 2.807   8.863   -16.744 1.00 28.19  ? 480 HOH A O   1 
HETATM 1331 O  O   . HOH K 6 .   ? 2.104   17.203  -0.689  1.00 35.02  ? 481 HOH A O   1 
HETATM 1332 O  O   . HOH K 6 .   ? 4.137   15.525  0.610   1.00 19.51  ? 482 HOH A O   1 
HETATM 1333 O  O   . HOH K 6 .   ? -19.122 1.098   7.854   1.00 22.52  ? 483 HOH A O   1 
HETATM 1334 O  O   . HOH K 6 .   ? 8.861   -5.448  6.602   1.00 11.31  ? 484 HOH A O   1 
HETATM 1335 O  O   . HOH K 6 .   ? -14.572 -7.270  1.160   1.00 24.69  ? 485 HOH A O   1 
HETATM 1336 O  O   . HOH K 6 .   ? 9.083   -9.191  11.064  1.00 20.84  ? 486 HOH A O   1 
HETATM 1337 O  O   . HOH K 6 .   ? -5.986  -2.447  -12.783 1.00 33.88  ? 487 HOH A O   1 
HETATM 1338 O  O   . HOH K 6 .   ? -4.161  -7.892  -7.894  1.00 17.36  ? 488 HOH A O   1 
HETATM 1339 O  O   . HOH K 6 .   ? -16.792 -0.080  -7.457  1.00 40.04  ? 489 HOH A O   1 
HETATM 1340 O  O   . HOH K 6 .   ? 10.845  12.430  5.166   1.00 33.73  ? 490 HOH A O   1 
HETATM 1341 O  O   . HOH K 6 .   ? 6.987   -15.296 -14.129 1.00 27.16  ? 491 HOH A O   1 
HETATM 1342 O  O   . HOH K 6 .   ? -8.286  13.234  2.840   1.00 20.11  ? 492 HOH A O   1 
HETATM 1343 O  O   . HOH K 6 .   ? 9.601   14.339  -15.626 0.88 28.16  ? 493 HOH A O   1 
HETATM 1344 O  O   . HOH K 6 .   ? -11.397 5.854   -9.533  1.00 31.83  ? 494 HOH A O   1 
HETATM 1345 O  O   . HOH K 6 .   ? -10.929 -13.446 5.682   1.00 30.35  ? 495 HOH A O   1 
HETATM 1346 O  O   . HOH K 6 .   ? -8.888  -14.837 8.529   1.00 59.66  ? 496 HOH A O   1 
HETATM 1347 O  O   . HOH K 6 .   ? 16.914  -2.441  -0.242  1.00 34.49  ? 497 HOH A O   1 
HETATM 1348 O  O   . HOH K 6 .   ? 13.913  15.437  -14.167 1.00 25.78  ? 498 HOH A O   1 
HETATM 1349 O  O   . HOH K 6 .   ? -4.885  5.294   11.129  0.50 19.24  ? 499 HOH A O   1 
HETATM 1350 O  O   . HOH K 6 .   ? 12.894  -6.909  -3.253  1.00 27.97  ? 500 HOH A O   1 
HETATM 1351 O  O   . HOH K 6 .   ? -6.346  18.255  -1.387  0.50 23.35  ? 501 HOH A O   1 
HETATM 1352 O  O   . HOH K 6 .   ? 11.870  -10.200 14.357  1.00 38.64  ? 502 HOH A O   1 
HETATM 1353 O  O   . HOH K 6 .   ? 9.521   -7.191  4.532   1.00 17.51  ? 503 HOH A O   1 
HETATM 1354 O  O   . HOH K 6 .   ? 8.492   1.190   -10.761 1.00 27.62  ? 504 HOH A O   1 
HETATM 1355 O  O   . HOH K 6 .   ? 12.438  -15.570 1.593   1.00 37.51  ? 505 HOH A O   1 
HETATM 1356 O  O   . HOH K 6 .   ? 12.010  11.870  -15.153 0.88 37.64  ? 506 HOH A O   1 
HETATM 1357 O  O   . HOH K 6 .   ? 13.045  -12.696 1.113   1.00 24.74  ? 507 HOH A O   1 
HETATM 1358 O  O   . HOH K 6 .   ? 13.212  -3.816  -1.394  1.00 32.86  ? 508 HOH A O   1 
HETATM 1359 O  O   . HOH K 6 .   ? -12.923 14.214  -1.319  1.00 35.33  ? 509 HOH A O   1 
HETATM 1360 O  O   . HOH K 6 .   ? 5.882   7.736   -16.278 0.88 39.17  ? 510 HOH A O   1 
HETATM 1361 O  O   . HOH K 6 .   ? 8.203   1.730   24.241  1.00 35.19  ? 511 HOH A O   1 
HETATM 1362 O  O   . HOH K 6 .   ? 11.451  6.228   10.180  1.00 22.92  ? 512 HOH A O   1 
HETATM 1363 O  O   . HOH K 6 .   ? -17.377 -8.726  1.375   1.00 46.49  ? 513 HOH A O   1 
HETATM 1364 O  O   . HOH K 6 .   ? 12.369  10.545  5.417   1.00 36.86  ? 514 HOH A O   1 
HETATM 1365 O  O   . HOH K 6 .   ? 6.167   6.968   12.831  1.00 36.25  ? 515 HOH A O   1 
HETATM 1366 O  O   . HOH K 6 .   ? -3.446  -16.268 -9.164  1.00 24.48  ? 516 HOH A O   1 
HETATM 1367 O  O   . HOH K 6 .   ? -5.656  10.924  -20.372 1.00 26.97  ? 517 HOH A O   1 
HETATM 1368 O  O   . HOH K 6 .   ? -5.763  12.833  3.416   1.00 21.32  ? 518 HOH A O   1 
HETATM 1369 O  O   . HOH K 6 .   ? 2.968   -17.557 6.170   1.00 22.02  ? 519 HOH A O   1 
HETATM 1370 O  O   . HOH K 6 .   ? -10.996 15.527  -0.018  1.00 27.50  ? 520 HOH A O   1 
HETATM 1371 O  O   . HOH K 6 .   ? -21.589 -0.339  -0.553  1.00 49.67  ? 521 HOH A O   1 
HETATM 1372 O  O   . HOH K 6 .   ? -17.366 -2.379  5.498   1.00 18.04  ? 522 HOH A O   1 
HETATM 1373 O  O   . HOH K 6 .   ? -2.636  6.029   11.972  1.00 38.60  ? 523 HOH A O   1 
HETATM 1374 O  O   . HOH K 6 .   ? 16.843  -7.048  7.877   1.00 37.17  ? 524 HOH A O   1 
HETATM 1375 O  O   . HOH K 6 .   ? 12.986  2.555   16.784  1.00 35.99  ? 525 HOH A O   1 
HETATM 1376 O  O   . HOH K 6 .   ? 4.137   -19.402 -13.609 1.00 27.49  ? 526 HOH A O   1 
HETATM 1377 O  O   . HOH K 6 .   ? -10.844 8.136   -10.722 1.00 37.08  ? 527 HOH A O   1 
HETATM 1378 O  O   . HOH K 6 .   ? 8.634   6.855   -16.146 0.88 43.53  ? 528 HOH A O   1 
HETATM 1379 O  O   . HOH K 6 .   ? 8.213   2.648   -12.992 1.00 32.56  ? 529 HOH A O   1 
HETATM 1380 O  O   . HOH K 6 .   ? -6.951  22.302  -6.408  1.00 53.40  ? 530 HOH A O   1 
HETATM 1381 O  O   . HOH K 6 .   ? 0.456   -18.435 2.531   1.00 20.46  ? 531 HOH A O   1 
HETATM 1382 O  O   . HOH K 6 .   ? -15.126 11.283  -5.816  1.00 41.51  ? 532 HOH A O   1 
HETATM 1383 O  O   . HOH K 6 .   ? -17.116 -3.913  7.808   1.00 31.27  ? 533 HOH A O   1 
HETATM 1384 O  O   . HOH K 6 .   ? 11.332  -4.856  -3.972  1.00 32.89  ? 534 HOH A O   1 
HETATM 1385 O  O   . HOH K 6 .   ? 3.914   8.462   12.542  1.00 32.23  ? 535 HOH A O   1 
HETATM 1386 O  O   . HOH K 6 .   ? -8.650  15.285  1.398   1.00 23.92  ? 536 HOH A O   1 
HETATM 1387 O  O   . HOH K 6 .   ? -4.696  1.810   -18.123 1.00 26.16  ? 537 HOH A O   1 
HETATM 1388 O  O   . HOH K 6 .   ? 14.364  2.513   -6.583  1.00 44.96  ? 538 HOH A O   1 
HETATM 1389 O  O   . HOH K 6 .   ? -1.155  -2.090  -11.992 1.00 36.80  ? 539 HOH A O   1 
HETATM 1390 O  O   . HOH K 6 .   ? -2.814  2.875   -16.109 1.00 21.19  ? 540 HOH A O   1 
HETATM 1391 O  O   . HOH K 6 .   ? -2.735  9.620   -22.278 1.00 46.54  ? 541 HOH A O   1 
HETATM 1392 O  O   . HOH K 6 .   ? 5.325   -17.359 -15.020 1.00 48.40  ? 542 HOH A O   1 
HETATM 1393 O  O   . HOH K 6 .   ? 10.507  5.621   -14.533 0.88 28.89  ? 543 HOH A O   1 
HETATM 1394 O  O   . HOH K 6 .   ? -3.771  11.611  8.443   1.00 37.91  ? 544 HOH A O   1 
HETATM 1395 O  O   . HOH K 6 .   ? 5.660   -1.942  -11.148 1.00 37.10  ? 545 HOH A O   1 
HETATM 1396 O  O   . HOH K 6 .   ? -16.111 0.518   -11.932 1.00 26.42  ? 546 HOH A O   1 
HETATM 1397 O  O   . HOH K 6 .   ? 19.566  -3.438  6.111   1.00 43.81  ? 547 HOH A O   1 
HETATM 1398 O  O   . HOH K 6 .   ? -2.032  12.622  4.897   1.00 39.87  ? 548 HOH A O   1 
HETATM 1399 O  O   . HOH K 6 .   ? 14.741  5.499   -12.522 0.88 36.55  ? 549 HOH A O   1 
HETATM 1400 O  O   . HOH K 6 .   ? -22.309 -7.710  -0.583  1.00 54.75  ? 550 HOH A O   1 
HETATM 1401 O  O   . HOH K 6 .   ? 13.216  4.682   14.826  1.00 23.91  ? 551 HOH A O   1 
HETATM 1402 O  O   . HOH K 6 .   ? -19.877 -3.072  4.361   1.00 30.02  ? 552 HOH A O   1 
HETATM 1403 O  O   . HOH K 6 .   ? 13.562  9.099   -15.224 0.88 29.98  ? 553 HOH A O   1 
HETATM 1404 O  O   . HOH K 6 .   ? 4.640   -8.536  -9.459  1.00 39.31  ? 554 HOH A O   1 
HETATM 1405 O  O   . HOH K 6 .   ? -2.311  16.105  2.392   0.50 26.43  ? 555 HOH A O   1 
HETATM 1406 O  O   . HOH K 6 .   ? 9.517   -18.127 3.437   1.00 30.10  ? 556 HOH A O   1 
HETATM 1407 O  O   . HOH K 6 .   ? -8.061  4.945   8.912   1.00 22.91  ? 557 HOH A O   1 
HETATM 1408 O  O   . HOH K 6 .   ? 16.635  -6.021  -4.775  0.50 27.02  ? 558 HOH A O   1 
HETATM 1409 O  O   . HOH K 6 .   ? 3.924   4.241   19.307  1.00 49.05  ? 559 HOH A O   1 
HETATM 1410 O  O   . HOH K 6 .   ? -18.747 0.097   -3.525  1.00 38.16  ? 560 HOH A O   1 
HETATM 1411 O  O   . HOH K 6 .   ? 0.350   5.400   -15.929 1.00 25.22  ? 561 HOH A O   1 
HETATM 1412 O  O   . HOH K 6 .   ? -2.342  -20.626 -8.462  1.00 43.98  ? 562 HOH A O   1 
HETATM 1413 O  O   . HOH K 6 .   ? 11.218  -11.472 5.618   1.00 26.15  ? 563 HOH A O   1 
HETATM 1414 O  O   . HOH K 6 .   ? 2.716   5.624   -14.594 1.00 32.66  ? 564 HOH A O   1 
HETATM 1415 O  O   . HOH K 6 .   ? 11.619  -10.072 9.854   1.00 28.42  ? 565 HOH A O   1 
HETATM 1416 O  O   . HOH K 6 .   ? -12.056 -2.762  -12.259 1.00 22.36  ? 566 HOH A O   1 
HETATM 1417 O  O   . HOH K 6 .   ? 9.300   -14.510 6.302   1.00 31.67  ? 567 HOH A O   1 
HETATM 1418 O  O   . HOH K 6 .   ? 5.075   -9.507  13.515  1.00 13.96  ? 568 HOH A O   1 
HETATM 1419 O  O   . HOH K 6 .   ? -0.485  -5.774  -8.461  1.00 31.17  ? 569 HOH A O   1 
HETATM 1420 O  O   . HOH K 6 .   ? -0.132  0.121   -15.334 1.00 44.66  ? 570 HOH A O   1 
HETATM 1421 O  O   . HOH K 6 .   ? 9.987   -15.778 4.056   1.00 34.17  ? 571 HOH A O   1 
HETATM 1422 O  O   . HOH K 6 .   ? 11.259  -8.836  5.649   1.00 23.67  ? 572 HOH A O   1 
HETATM 1423 O  O   . HOH K 6 .   ? 3.977   -7.117  14.622  1.00 13.17  ? 573 HOH A O   1 
HETATM 1424 O  O   . HOH K 6 .   ? -9.718  3.007   10.991  1.00 24.08  ? 574 HOH A O   1 
HETATM 1425 O  O   . HOH K 6 .   ? 1.397   13.370  9.544   1.00 46.37  ? 575 HOH A O   1 
HETATM 1426 O  O   . HOH K 6 .   ? -1.304  -20.656 2.211   1.00 28.19  ? 576 HOH A O   1 
HETATM 1427 O  O   . HOH K 6 .   ? 1.937   -4.793  -10.620 1.00 39.19  ? 577 HOH A O   1 
HETATM 1428 O  O   . HOH K 6 .   ? 16.166  -7.364  13.018  1.00 43.08  ? 578 HOH A O   1 
HETATM 1429 O  O   . HOH K 6 .   ? 16.663  -3.618  14.461  1.00 27.83  ? 579 HOH A O   1 
HETATM 1430 O  O   . HOH K 6 .   ? -5.685  -18.754 2.590   1.00 32.83  ? 580 HOH A O   1 
HETATM 1431 O  O   . HOH K 6 .   ? -14.665 -8.028  9.396   1.00 37.56  ? 581 HOH A O   1 
HETATM 1432 O  O   . HOH K 6 .   ? 14.508  -1.032  -4.728  0.88 34.77  ? 582 HOH A O   1 
HETATM 1433 O  O   . HOH K 6 .   ? 14.101  12.944  4.492   1.00 38.17  ? 583 HOH A O   1 
HETATM 1434 O  O   . HOH K 6 .   ? 9.330   -1.516  -8.011  1.00 21.39  ? 584 HOH A O   1 
HETATM 1435 O  O   . HOH K 6 .   ? 3.884   -11.819 -12.858 1.00 48.58  ? 585 HOH A O   1 
HETATM 1436 O  O   . HOH K 6 .   ? 11.878  -12.247 8.183   1.00 29.75  ? 586 HOH A O   1 
HETATM 1437 O  O   . HOH K 6 .   ? 2.396   -20.809 -9.493  1.00 24.20  ? 587 HOH A O   1 
HETATM 1438 O  O   . HOH K 6 .   ? 13.035  1.165   -9.734  1.00 43.27  ? 588 HOH A O   1 
HETATM 1439 O  O   . HOH K 6 .   ? 8.125   8.509   11.704  1.00 46.66  ? 589 HOH A O   1 
HETATM 1440 O  O   . HOH K 6 .   ? -12.983 10.822  -20.692 1.00 45.18  ? 590 HOH A O   1 
HETATM 1441 O  O   . HOH K 6 .   ? 1.109   -18.798 -11.997 1.00 38.28  ? 591 HOH A O   1 
HETATM 1442 O  O   . HOH K 6 .   ? 13.228  -10.007 12.102  1.00 29.14  ? 592 HOH A O   1 
HETATM 1443 O  O   . HOH K 6 .   ? -21.575 -3.908  -4.345  1.00 41.11  ? 593 HOH A O   1 
HETATM 1444 O  O   . HOH K 6 .   ? -6.814  17.314  1.076   1.00 30.83  ? 594 HOH A O   1 
HETATM 1445 O  O   . HOH K 6 .   ? -8.410  23.621  -6.828  1.00 51.86  ? 595 HOH A O   1 
HETATM 1446 O  O   . HOH K 6 .   ? 1.141   8.337   13.823  1.00 40.72  ? 596 HOH A O   1 
HETATM 1447 O  O   . HOH K 6 .   ? 11.187  -3.481  -7.207  1.00 27.63  ? 597 HOH A O   1 
HETATM 1448 O  O   . HOH K 6 .   ? 11.664  17.030  -14.908 1.00 30.65  ? 598 HOH A O   1 
HETATM 1449 O  O   . HOH K 6 .   ? 9.395   6.706   16.259  1.00 40.90  ? 599 HOH A O   1 
HETATM 1450 O  O   . HOH K 6 .   ? -20.891 -6.942  -4.299  1.00 51.48  ? 600 HOH A O   1 
HETATM 1451 O  O   . HOH K 6 .   ? -13.361 9.062   -12.863 1.00 61.63  ? 601 HOH A O   1 
HETATM 1452 O  O   . HOH K 6 .   ? 5.714   5.883   18.575  1.00 38.95  ? 602 HOH A O   1 
HETATM 1453 O  O   . HOH K 6 .   ? -6.231  -19.389 0.414   1.00 34.93  ? 603 HOH A O   1 
HETATM 1454 O  O   . HOH K 6 .   ? -4.549  -20.574 -0.793  1.00 36.59  ? 604 HOH A O   1 
HETATM 1455 O  O   . HOH K 6 .   ? 6.493   6.809   16.440  1.00 37.40  ? 605 HOH A O   1 
HETATM 1456 O  O   . HOH K 6 .   ? -3.797  -20.508 1.879   1.00 33.21  ? 606 HOH A O   1 
HETATM 1457 O  O   . HOH K 6 .   ? 13.040  2.038   -12.152 0.88 38.62  ? 607 HOH A O   1 
HETATM 1458 O  O   . HOH K 6 .   ? 13.320  -3.559  -5.455  1.00 31.28  ? 608 HOH A O   1 
HETATM 1459 O  O   . HOH K 6 .   ? 1.634   6.917   19.474  1.00 38.84  ? 609 HOH A O   1 
HETATM 1460 O  O   . HOH K 6 .   ? 14.812  6.178   -17.056 0.88 41.88  ? 610 HOH A O   1 
HETATM 1461 O  O   . HOH K 6 .   ? 3.584   8.594   18.811  1.00 37.67  ? 611 HOH A O   1 
# 
